data_2DHG
#
_entry.id   2DHG
#
_entity_poly.entity_id   1
_entity_poly.type   'polypeptide(L)'
_entity_poly.pdbx_seq_one_letter_code
;GSSGSSGPEYSLFVGDLTPDVDDGMLYEFFVKVYPSCRGGKVVLDQTGVSKGYGFVKFTDELEQKRALTECQGAVGLGSK
PVRLSVAIPKASRVKPVESGPSSG
;
_entity_poly.pdbx_strand_id   A
#
# COMPACT_ATOMS: atom_id res chain seq x y z
N GLY A 1 -22.79 -1.46 -5.92
CA GLY A 1 -23.52 -0.57 -5.05
C GLY A 1 -22.91 0.82 -5.00
N SER A 2 -21.59 0.88 -4.87
CA SER A 2 -20.89 2.15 -4.80
C SER A 2 -20.49 2.63 -6.20
N SER A 3 -21.40 2.48 -7.14
CA SER A 3 -21.16 2.89 -8.52
C SER A 3 -20.83 4.37 -8.60
N GLY A 4 -19.67 4.68 -9.17
CA GLY A 4 -19.25 6.07 -9.29
C GLY A 4 -17.74 6.23 -9.23
N SER A 5 -17.04 5.43 -10.03
CA SER A 5 -15.57 5.48 -10.07
C SER A 5 -15.05 4.96 -11.40
N SER A 6 -14.49 5.87 -12.20
CA SER A 6 -13.95 5.50 -13.51
C SER A 6 -12.51 5.03 -13.38
N GLY A 7 -12.34 3.76 -13.02
CA GLY A 7 -11.01 3.21 -12.88
C GLY A 7 -10.36 3.57 -11.55
N PRO A 8 -10.90 3.02 -10.45
CA PRO A 8 -10.39 3.29 -9.10
C PRO A 8 -9.03 2.66 -8.87
N GLU A 9 -8.55 2.74 -7.63
CA GLU A 9 -7.25 2.17 -7.27
C GLU A 9 -7.38 1.20 -6.10
N TYR A 10 -6.58 0.13 -6.13
CA TYR A 10 -6.61 -0.86 -5.08
C TYR A 10 -5.20 -1.12 -4.54
N SER A 11 -4.78 -0.31 -3.57
CA SER A 11 -3.46 -0.46 -2.97
C SER A 11 -3.53 -1.25 -1.67
N LEU A 12 -2.39 -1.76 -1.24
CA LEU A 12 -2.32 -2.54 0.00
C LEU A 12 -1.27 -1.97 0.94
N PHE A 13 -1.56 -2.01 2.24
CA PHE A 13 -0.63 -1.49 3.25
C PHE A 13 0.27 -2.61 3.78
N VAL A 14 1.57 -2.48 3.53
CA VAL A 14 2.54 -3.48 3.98
C VAL A 14 3.38 -2.94 5.13
N GLY A 15 3.79 -3.83 6.02
CA GLY A 15 4.60 -3.43 7.15
C GLY A 15 5.75 -4.39 7.42
N ASP A 16 6.50 -4.13 8.48
CA ASP A 16 7.63 -4.97 8.85
C ASP A 16 8.54 -5.22 7.65
N LEU A 17 8.95 -4.15 6.99
CA LEU A 17 9.82 -4.25 5.83
C LEU A 17 11.28 -4.00 6.22
N THR A 18 12.05 -5.09 6.32
CA THR A 18 13.46 -4.98 6.67
C THR A 18 14.16 -3.90 5.85
N PRO A 19 15.18 -3.28 6.45
CA PRO A 19 15.96 -2.23 5.79
C PRO A 19 16.83 -2.77 4.65
N ASP A 20 16.70 -4.06 4.39
CA ASP A 20 17.46 -4.71 3.32
C ASP A 20 16.62 -4.84 2.05
N VAL A 21 15.31 -4.69 2.20
CA VAL A 21 14.39 -4.80 1.07
C VAL A 21 14.11 -3.43 0.47
N ASP A 22 13.93 -3.39 -0.85
CA ASP A 22 13.65 -2.14 -1.55
C ASP A 22 12.44 -2.29 -2.46
N ASP A 23 12.09 -1.23 -3.16
CA ASP A 23 10.95 -1.23 -4.07
C ASP A 23 11.12 -2.31 -5.13
N GLY A 24 12.27 -2.32 -5.79
CA GLY A 24 12.54 -3.30 -6.82
C GLY A 24 12.02 -4.68 -6.45
N MET A 25 12.11 -5.03 -5.18
CA MET A 25 11.65 -6.32 -4.69
C MET A 25 10.15 -6.30 -4.45
N LEU A 26 9.71 -5.42 -3.55
CA LEU A 26 8.29 -5.30 -3.23
C LEU A 26 7.42 -5.53 -4.45
N TYR A 27 7.82 -4.95 -5.58
CA TYR A 27 7.08 -5.09 -6.83
C TYR A 27 7.07 -6.54 -7.29
N GLU A 28 8.27 -7.07 -7.55
CA GLU A 28 8.41 -8.46 -8.01
C GLU A 28 7.71 -9.41 -7.04
N PHE A 29 8.10 -9.35 -5.78
CA PHE A 29 7.52 -10.22 -4.75
C PHE A 29 6.00 -10.35 -4.95
N PHE A 30 5.39 -9.28 -5.46
CA PHE A 30 3.95 -9.28 -5.69
C PHE A 30 3.64 -9.66 -7.14
N VAL A 31 4.00 -8.77 -8.07
CA VAL A 31 3.76 -9.01 -9.48
C VAL A 31 3.94 -10.48 -9.84
N LYS A 32 4.82 -11.15 -9.10
CA LYS A 32 5.09 -12.57 -9.34
C LYS A 32 3.88 -13.42 -8.95
N VAL A 33 3.41 -13.25 -7.72
CA VAL A 33 2.26 -14.00 -7.23
C VAL A 33 0.98 -13.54 -7.90
N TYR A 34 0.92 -12.26 -8.24
CA TYR A 34 -0.25 -11.69 -8.90
C TYR A 34 0.16 -10.79 -10.07
N PRO A 35 -0.21 -11.20 -11.29
CA PRO A 35 0.09 -10.46 -12.51
C PRO A 35 -0.69 -9.16 -12.61
N SER A 36 -1.51 -8.89 -11.60
CA SER A 36 -2.34 -7.69 -11.58
C SER A 36 -1.69 -6.60 -10.72
N CYS A 37 -0.38 -6.73 -10.51
CA CYS A 37 0.37 -5.76 -9.71
C CYS A 37 0.79 -4.57 -10.56
N ARG A 38 0.60 -3.37 -10.01
CA ARG A 38 0.96 -2.15 -10.71
C ARG A 38 2.39 -1.72 -10.36
N GLY A 39 2.75 -1.88 -9.10
CA GLY A 39 4.08 -1.51 -8.65
C GLY A 39 4.20 -1.45 -7.15
N GLY A 40 5.41 -1.69 -6.64
CA GLY A 40 5.63 -1.66 -5.20
C GLY A 40 6.28 -0.36 -4.75
N LYS A 41 5.87 0.12 -3.57
CA LYS A 41 6.42 1.35 -3.02
C LYS A 41 6.80 1.17 -1.55
N VAL A 42 8.03 1.51 -1.22
CA VAL A 42 8.52 1.39 0.15
C VAL A 42 8.88 2.75 0.73
N VAL A 43 8.32 3.05 1.90
CA VAL A 43 8.59 4.33 2.57
C VAL A 43 9.98 4.35 3.17
N LEU A 44 10.62 5.51 3.13
CA LEU A 44 11.96 5.67 3.67
C LEU A 44 12.03 6.90 4.57
N ASP A 45 13.09 6.97 5.38
CA ASP A 45 13.28 8.08 6.30
C ASP A 45 14.18 9.15 5.68
N GLN A 46 14.36 10.25 6.39
CA GLN A 46 15.20 11.35 5.91
C GLN A 46 16.50 10.82 5.30
N THR A 47 17.08 9.81 5.96
CA THR A 47 18.32 9.21 5.49
C THR A 47 18.09 8.37 4.24
N GLY A 48 16.89 7.83 4.11
CA GLY A 48 16.57 7.01 2.95
C GLY A 48 16.53 5.53 3.28
N VAL A 49 16.37 5.21 4.57
CA VAL A 49 16.32 3.83 5.00
C VAL A 49 14.88 3.37 5.22
N SER A 50 14.55 2.18 4.73
CA SER A 50 13.21 1.63 4.86
C SER A 50 12.72 1.74 6.31
N LYS A 51 11.71 2.57 6.52
CA LYS A 51 11.14 2.77 7.85
C LYS A 51 10.64 1.45 8.42
N GLY A 52 10.22 0.54 7.54
CA GLY A 52 9.73 -0.75 7.98
C GLY A 52 8.33 -1.02 7.49
N TYR A 53 7.89 -0.25 6.50
CA TYR A 53 6.54 -0.41 5.93
C TYR A 53 6.44 0.27 4.57
N GLY A 54 5.36 -0.03 3.86
CA GLY A 54 5.16 0.56 2.55
C GLY A 54 3.77 0.31 2.00
N PHE A 55 3.61 0.44 0.69
CA PHE A 55 2.32 0.22 0.04
C PHE A 55 2.50 -0.21 -1.40
N VAL A 56 1.56 -1.02 -1.89
CA VAL A 56 1.62 -1.52 -3.26
C VAL A 56 0.35 -1.15 -4.02
N LYS A 57 0.36 -1.39 -5.33
CA LYS A 57 -0.79 -1.08 -6.17
C LYS A 57 -1.15 -2.28 -7.05
N PHE A 58 -2.40 -2.34 -7.48
CA PHE A 58 -2.87 -3.43 -8.33
C PHE A 58 -3.87 -2.93 -9.36
N THR A 59 -4.23 -3.80 -10.29
CA THR A 59 -5.18 -3.44 -11.35
C THR A 59 -6.52 -4.13 -11.13
N ASP A 60 -6.50 -5.29 -10.50
CA ASP A 60 -7.71 -6.05 -10.23
C ASP A 60 -7.99 -6.12 -8.74
N GLU A 61 -9.21 -5.75 -8.35
CA GLU A 61 -9.61 -5.77 -6.95
C GLU A 61 -9.71 -7.20 -6.43
N LEU A 62 -10.22 -8.09 -7.27
CA LEU A 62 -10.37 -9.49 -6.89
C LEU A 62 -9.07 -10.05 -6.32
N GLU A 63 -7.95 -9.75 -6.99
CA GLU A 63 -6.65 -10.21 -6.55
C GLU A 63 -6.19 -9.46 -5.30
N GLN A 64 -6.40 -8.14 -5.31
CA GLN A 64 -6.00 -7.31 -4.18
C GLN A 64 -6.27 -8.02 -2.86
N LYS A 65 -7.53 -8.39 -2.63
CA LYS A 65 -7.91 -9.07 -1.41
C LYS A 65 -7.21 -10.43 -1.30
N ARG A 66 -7.28 -11.21 -2.37
CA ARG A 66 -6.65 -12.53 -2.39
C ARG A 66 -5.26 -12.48 -1.76
N ALA A 67 -4.53 -11.42 -2.08
CA ALA A 67 -3.18 -11.25 -1.55
C ALA A 67 -3.20 -11.00 -0.04
N LEU A 68 -4.11 -10.14 0.40
CA LEU A 68 -4.24 -9.82 1.81
C LEU A 68 -4.29 -11.09 2.66
N THR A 69 -5.00 -12.09 2.17
CA THR A 69 -5.12 -13.36 2.88
C THR A 69 -4.03 -14.33 2.45
N GLU A 70 -3.66 -14.28 1.18
CA GLU A 70 -2.62 -15.16 0.65
C GLU A 70 -1.23 -14.65 1.01
N CYS A 71 -0.88 -13.48 0.48
CA CYS A 71 0.43 -12.88 0.75
C CYS A 71 0.56 -12.51 2.22
N GLN A 72 -0.54 -12.61 2.95
CA GLN A 72 -0.54 -12.27 4.37
C GLN A 72 0.77 -12.68 5.03
N GLY A 73 1.29 -11.80 5.88
CA GLY A 73 2.55 -12.08 6.56
C GLY A 73 3.57 -12.72 5.65
N ALA A 74 3.66 -12.22 4.43
CA ALA A 74 4.62 -12.75 3.46
C ALA A 74 6.04 -12.68 3.99
N VAL A 75 6.61 -13.85 4.27
CA VAL A 75 7.98 -13.93 4.79
C VAL A 75 9.00 -13.85 3.66
N GLY A 76 8.71 -14.54 2.57
CA GLY A 76 9.61 -14.56 1.43
C GLY A 76 10.26 -13.19 1.19
N LEU A 77 9.50 -12.14 1.46
CA LEU A 77 9.99 -10.78 1.27
C LEU A 77 10.66 -10.26 2.55
N GLY A 78 11.96 -10.00 2.47
CA GLY A 78 12.69 -9.50 3.62
C GLY A 78 12.69 -10.49 4.77
N SER A 79 13.83 -10.64 5.43
CA SER A 79 13.97 -11.56 6.55
C SER A 79 12.70 -11.55 7.40
N LYS A 80 12.05 -10.40 7.48
CA LYS A 80 10.82 -10.26 8.26
C LYS A 80 9.60 -10.31 7.35
N PRO A 81 8.45 -10.74 7.93
CA PRO A 81 7.20 -10.85 7.19
C PRO A 81 6.62 -9.49 6.84
N VAL A 82 5.46 -9.49 6.18
CA VAL A 82 4.80 -8.25 5.78
C VAL A 82 3.33 -8.26 6.20
N ARG A 83 2.90 -7.19 6.86
CA ARG A 83 1.52 -7.07 7.31
C ARG A 83 0.66 -6.41 6.24
N LEU A 84 -0.23 -7.20 5.64
CA LEU A 84 -1.12 -6.70 4.60
C LEU A 84 -2.40 -6.10 5.21
N SER A 85 -2.89 -5.04 4.59
CA SER A 85 -4.10 -4.37 5.06
C SER A 85 -4.73 -3.52 3.96
N VAL A 86 -5.89 -2.94 4.26
CA VAL A 86 -6.59 -2.10 3.29
C VAL A 86 -6.41 -0.63 3.61
N ALA A 87 -5.56 0.04 2.84
CA ALA A 87 -5.30 1.47 3.04
C ALA A 87 -6.33 2.32 2.32
N ILE A 88 -6.44 3.59 2.71
CA ILE A 88 -7.38 4.51 2.09
C ILE A 88 -6.71 5.82 1.74
N PRO A 89 -7.02 6.34 0.54
CA PRO A 89 -6.46 7.61 0.05
C PRO A 89 -6.99 8.81 0.82
N LYS A 90 -6.62 10.01 0.37
CA LYS A 90 -7.07 11.24 1.01
C LYS A 90 -8.58 11.28 1.13
N ALA A 91 -9.09 10.85 2.27
CA ALA A 91 -10.53 10.85 2.52
C ALA A 91 -10.93 11.94 3.50
N SER A 92 -10.96 13.18 3.02
CA SER A 92 -11.32 14.31 3.85
C SER A 92 -11.40 15.60 3.02
N ARG A 93 -11.83 16.67 3.66
CA ARG A 93 -11.96 17.96 2.99
C ARG A 93 -11.08 19.02 3.67
N VAL A 94 -10.03 19.45 2.97
CA VAL A 94 -9.12 20.45 3.51
C VAL A 94 -9.76 21.83 3.48
N LYS A 95 -9.60 22.57 4.58
CA LYS A 95 -10.16 23.91 4.69
C LYS A 95 -9.11 24.90 5.20
N PRO A 96 -9.13 26.12 4.64
CA PRO A 96 -8.19 27.17 5.01
C PRO A 96 -8.44 27.71 6.42
N VAL A 97 -7.37 27.96 7.16
CA VAL A 97 -7.47 28.47 8.52
C VAL A 97 -7.03 29.92 8.60
N GLU A 98 -7.41 30.59 9.69
CA GLU A 98 -7.05 31.99 9.88
C GLU A 98 -7.17 32.38 11.35
N SER A 99 -6.35 33.33 11.77
CA SER A 99 -6.36 33.79 13.16
C SER A 99 -6.05 35.28 13.23
N GLY A 100 -6.69 35.97 14.18
CA GLY A 100 -6.47 37.39 14.34
C GLY A 100 -7.49 38.03 15.27
N PRO A 101 -7.38 37.70 16.57
CA PRO A 101 -8.29 38.24 17.60
C PRO A 101 -8.07 39.73 17.85
N SER A 102 -8.91 40.32 18.69
CA SER A 102 -8.80 41.73 19.01
C SER A 102 -9.64 42.07 20.24
N SER A 103 -9.15 43.02 21.04
CA SER A 103 -9.86 43.43 22.25
C SER A 103 -10.06 44.95 22.26
N GLY A 104 -11.06 45.39 23.03
CA GLY A 104 -11.34 46.81 23.11
C GLY A 104 -11.42 47.30 24.55
N GLY A 1 -16.53 -7.06 -11.23
CA GLY A 1 -17.20 -5.87 -10.72
C GLY A 1 -16.25 -4.92 -10.04
N SER A 2 -16.81 -3.97 -9.29
CA SER A 2 -16.00 -2.99 -8.59
C SER A 2 -16.77 -2.38 -7.42
N SER A 3 -16.06 -1.64 -6.56
CA SER A 3 -16.68 -1.02 -5.40
C SER A 3 -16.84 0.48 -5.61
N GLY A 4 -17.87 0.87 -6.35
CA GLY A 4 -18.12 2.27 -6.60
C GLY A 4 -18.59 2.52 -8.03
N SER A 5 -18.91 3.79 -8.32
CA SER A 5 -19.38 4.15 -9.65
C SER A 5 -18.21 4.54 -10.55
N SER A 6 -17.37 5.44 -10.06
CA SER A 6 -16.22 5.91 -10.82
C SER A 6 -15.18 4.79 -10.98
N GLY A 7 -14.83 4.17 -9.87
CA GLY A 7 -13.85 3.10 -9.89
C GLY A 7 -12.53 3.50 -9.27
N PRO A 8 -12.45 3.39 -7.94
CA PRO A 8 -11.23 3.74 -7.19
C PRO A 8 -10.09 2.75 -7.44
N GLU A 9 -8.88 3.17 -7.10
CA GLU A 9 -7.70 2.32 -7.28
C GLU A 9 -7.69 1.19 -6.26
N TYR A 10 -6.67 0.32 -6.36
CA TYR A 10 -6.55 -0.80 -5.44
C TYR A 10 -5.12 -0.91 -4.91
N SER A 11 -4.93 -0.49 -3.67
CA SER A 11 -3.61 -0.52 -3.04
C SER A 11 -3.66 -1.30 -1.73
N LEU A 12 -2.52 -1.86 -1.33
CA LEU A 12 -2.43 -2.63 -0.10
C LEU A 12 -1.30 -2.11 0.79
N PHE A 13 -1.52 -2.12 2.10
CA PHE A 13 -0.52 -1.65 3.05
C PHE A 13 0.36 -2.81 3.53
N VAL A 14 1.65 -2.54 3.71
CA VAL A 14 2.58 -3.55 4.16
C VAL A 14 3.45 -3.02 5.30
N GLY A 15 3.88 -3.93 6.17
CA GLY A 15 4.72 -3.54 7.30
C GLY A 15 5.86 -4.49 7.53
N ASP A 16 6.60 -4.28 8.61
CA ASP A 16 7.74 -5.12 8.94
C ASP A 16 8.61 -5.37 7.72
N LEU A 17 9.06 -4.28 7.09
CA LEU A 17 9.90 -4.38 5.89
C LEU A 17 11.35 -4.11 6.24
N THR A 18 12.18 -5.15 6.14
CA THR A 18 13.60 -5.02 6.44
C THR A 18 14.24 -3.89 5.65
N PRO A 19 15.27 -3.26 6.23
CA PRO A 19 15.98 -2.14 5.59
C PRO A 19 16.82 -2.60 4.41
N ASP A 20 16.74 -3.89 4.09
CA ASP A 20 17.49 -4.45 2.97
C ASP A 20 16.60 -4.57 1.73
N VAL A 21 15.30 -4.51 1.94
CA VAL A 21 14.34 -4.61 0.85
C VAL A 21 14.06 -3.24 0.23
N ASP A 22 13.88 -3.22 -1.08
CA ASP A 22 13.61 -1.98 -1.80
C ASP A 22 12.41 -2.14 -2.74
N ASP A 23 11.97 -1.03 -3.32
CA ASP A 23 10.83 -1.05 -4.23
C ASP A 23 11.02 -2.13 -5.29
N GLY A 24 12.21 -2.20 -5.87
CA GLY A 24 12.49 -3.19 -6.89
C GLY A 24 12.07 -4.58 -6.47
N MET A 25 12.10 -4.84 -5.17
CA MET A 25 11.73 -6.14 -4.65
C MET A 25 10.22 -6.23 -4.41
N LEU A 26 9.73 -5.44 -3.47
CA LEU A 26 8.30 -5.42 -3.15
C LEU A 26 7.46 -5.61 -4.41
N TYR A 27 7.97 -5.10 -5.52
CA TYR A 27 7.26 -5.21 -6.81
C TYR A 27 7.24 -6.66 -7.29
N GLU A 28 8.42 -7.19 -7.59
CA GLU A 28 8.54 -8.57 -8.07
C GLU A 28 7.90 -9.54 -7.08
N PHE A 29 8.09 -9.28 -5.79
CA PHE A 29 7.54 -10.13 -4.74
C PHE A 29 6.03 -10.29 -4.92
N PHE A 30 5.38 -9.24 -5.41
CA PHE A 30 3.94 -9.26 -5.61
C PHE A 30 3.61 -9.63 -7.05
N VAL A 31 4.00 -8.77 -7.98
CA VAL A 31 3.74 -9.01 -9.40
C VAL A 31 3.87 -10.49 -9.75
N LYS A 32 4.75 -11.18 -9.02
CA LYS A 32 4.97 -12.61 -9.25
C LYS A 32 3.72 -13.41 -8.91
N VAL A 33 3.26 -13.30 -7.67
CA VAL A 33 2.07 -14.02 -7.22
C VAL A 33 0.83 -13.53 -7.96
N TYR A 34 0.81 -12.25 -8.29
CA TYR A 34 -0.33 -11.66 -8.99
C TYR A 34 0.15 -10.76 -10.12
N PRO A 35 -0.19 -11.12 -11.36
CA PRO A 35 0.19 -10.37 -12.56
C PRO A 35 -0.55 -9.03 -12.65
N SER A 36 -1.38 -8.75 -11.65
CA SER A 36 -2.15 -7.51 -11.62
C SER A 36 -1.35 -6.39 -10.96
N CYS A 37 -0.39 -6.76 -10.13
CA CYS A 37 0.44 -5.80 -9.43
C CYS A 37 0.95 -4.73 -10.39
N ARG A 38 0.91 -3.47 -9.95
CA ARG A 38 1.36 -2.36 -10.77
C ARG A 38 2.78 -1.94 -10.40
N GLY A 39 3.08 -2.00 -9.11
CA GLY A 39 4.40 -1.63 -8.63
C GLY A 39 4.45 -1.44 -7.13
N GLY A 40 5.56 -1.83 -6.52
CA GLY A 40 5.71 -1.70 -5.08
C GLY A 40 6.25 -0.34 -4.68
N LYS A 41 5.78 0.17 -3.54
CA LYS A 41 6.24 1.47 -3.04
C LYS A 41 6.63 1.39 -1.57
N VAL A 42 7.92 1.51 -1.31
CA VAL A 42 8.43 1.45 0.06
C VAL A 42 8.75 2.84 0.59
N VAL A 43 8.42 3.08 1.86
CA VAL A 43 8.67 4.37 2.48
C VAL A 43 10.08 4.44 3.07
N LEU A 44 10.57 5.66 3.25
CA LEU A 44 11.91 5.86 3.80
C LEU A 44 11.91 6.98 4.83
N ASP A 45 13.01 7.10 5.57
CA ASP A 45 13.14 8.13 6.59
C ASP A 45 14.01 9.28 6.09
N GLN A 46 14.13 10.33 6.90
CA GLN A 46 14.93 11.48 6.54
C GLN A 46 16.25 11.06 5.91
N THR A 47 16.87 10.03 6.48
CA THR A 47 18.14 9.52 5.97
C THR A 47 17.95 8.76 4.66
N GLY A 48 16.79 8.12 4.52
CA GLY A 48 16.51 7.37 3.31
C GLY A 48 16.52 5.88 3.55
N VAL A 49 16.37 5.47 4.81
CA VAL A 49 16.37 4.05 5.16
C VAL A 49 14.94 3.54 5.35
N SER A 50 14.62 2.45 4.66
CA SER A 50 13.28 1.85 4.75
C SER A 50 12.77 1.89 6.19
N LYS A 51 11.82 2.77 6.45
CA LYS A 51 11.24 2.90 7.79
C LYS A 51 10.81 1.55 8.33
N GLY A 52 10.30 0.69 7.44
CA GLY A 52 9.86 -0.62 7.85
C GLY A 52 8.44 -0.93 7.39
N TYR A 53 7.96 -0.18 6.40
CA TYR A 53 6.62 -0.38 5.88
C TYR A 53 6.48 0.25 4.50
N GLY A 54 5.34 0.02 3.86
CA GLY A 54 5.10 0.56 2.54
C GLY A 54 3.71 0.23 2.01
N PHE A 55 3.51 0.39 0.71
CA PHE A 55 2.23 0.11 0.09
C PHE A 55 2.40 -0.27 -1.37
N VAL A 56 1.49 -1.10 -1.87
CA VAL A 56 1.54 -1.56 -3.25
C VAL A 56 0.24 -1.23 -3.99
N LYS A 57 0.21 -1.49 -5.29
CA LYS A 57 -0.96 -1.23 -6.11
C LYS A 57 -1.26 -2.41 -7.02
N PHE A 58 -2.51 -2.50 -7.48
CA PHE A 58 -2.93 -3.58 -8.36
C PHE A 58 -3.93 -3.08 -9.40
N THR A 59 -4.07 -3.84 -10.48
CA THR A 59 -4.99 -3.47 -11.55
C THR A 59 -6.35 -4.15 -11.37
N ASP A 60 -6.38 -5.16 -10.51
CA ASP A 60 -7.62 -5.89 -10.26
C ASP A 60 -7.91 -5.97 -8.75
N GLU A 61 -9.08 -5.49 -8.36
CA GLU A 61 -9.46 -5.51 -6.95
C GLU A 61 -9.60 -6.93 -6.43
N LEU A 62 -10.14 -7.81 -7.27
CA LEU A 62 -10.32 -9.21 -6.89
C LEU A 62 -9.05 -9.78 -6.28
N GLU A 63 -7.91 -9.52 -6.93
CA GLU A 63 -6.63 -10.01 -6.45
C GLU A 63 -6.16 -9.20 -5.24
N GLN A 64 -6.50 -7.91 -5.23
CA GLN A 64 -6.11 -7.04 -4.13
C GLN A 64 -6.40 -7.69 -2.78
N LYS A 65 -7.55 -8.35 -2.69
CA LYS A 65 -7.93 -9.02 -1.45
C LYS A 65 -7.26 -10.38 -1.32
N ARG A 66 -7.30 -11.15 -2.41
CA ARG A 66 -6.69 -12.47 -2.42
C ARG A 66 -5.31 -12.45 -1.77
N ALA A 67 -4.55 -11.40 -2.06
CA ALA A 67 -3.21 -11.26 -1.50
C ALA A 67 -3.27 -11.00 0.00
N LEU A 68 -4.19 -10.14 0.42
CA LEU A 68 -4.35 -9.81 1.83
C LEU A 68 -4.48 -11.08 2.67
N THR A 69 -5.19 -12.07 2.13
CA THR A 69 -5.38 -13.33 2.83
C THR A 69 -4.31 -14.34 2.45
N GLU A 70 -3.85 -14.29 1.21
CA GLU A 70 -2.83 -15.20 0.73
C GLU A 70 -1.43 -14.70 1.10
N CYS A 71 -1.04 -13.57 0.52
CA CYS A 71 0.26 -12.99 0.81
C CYS A 71 0.41 -12.67 2.28
N GLN A 72 -0.69 -12.71 3.01
CA GLN A 72 -0.68 -12.42 4.44
C GLN A 72 0.55 -13.01 5.11
N GLY A 73 1.14 -12.27 6.05
CA GLY A 73 2.32 -12.74 6.74
C GLY A 73 3.40 -13.24 5.78
N ALA A 74 3.53 -12.56 4.64
CA ALA A 74 4.52 -12.93 3.65
C ALA A 74 5.93 -12.67 4.17
N VAL A 75 6.67 -13.74 4.42
CA VAL A 75 8.04 -13.64 4.91
C VAL A 75 9.05 -13.64 3.76
N GLY A 76 8.74 -14.41 2.73
CA GLY A 76 9.63 -14.48 1.58
C GLY A 76 10.30 -13.16 1.28
N LEU A 77 9.58 -12.07 1.49
CA LEU A 77 10.11 -10.73 1.23
C LEU A 77 10.87 -10.21 2.45
N GLY A 78 12.17 -9.97 2.27
CA GLY A 78 12.98 -9.47 3.36
C GLY A 78 13.13 -10.48 4.49
N SER A 79 14.02 -10.18 5.43
CA SER A 79 14.26 -11.07 6.56
C SER A 79 13.21 -10.86 7.64
N LYS A 80 11.96 -10.68 7.22
CA LYS A 80 10.86 -10.47 8.17
C LYS A 80 9.52 -10.56 7.45
N PRO A 81 8.46 -10.86 8.22
CA PRO A 81 7.10 -10.97 7.68
C PRO A 81 6.53 -9.62 7.25
N VAL A 82 5.37 -9.66 6.60
CA VAL A 82 4.72 -8.44 6.14
C VAL A 82 3.22 -8.46 6.46
N ARG A 83 2.75 -7.41 7.12
CA ARG A 83 1.34 -7.30 7.48
C ARG A 83 0.55 -6.60 6.38
N LEU A 84 -0.40 -7.33 5.80
CA LEU A 84 -1.23 -6.78 4.74
C LEU A 84 -2.53 -6.19 5.29
N SER A 85 -2.99 -5.11 4.68
CA SER A 85 -4.22 -4.45 5.12
C SER A 85 -4.82 -3.62 3.99
N VAL A 86 -6.00 -3.06 4.24
CA VAL A 86 -6.69 -2.25 3.25
C VAL A 86 -6.47 -0.76 3.51
N ALA A 87 -5.57 -0.16 2.74
CA ALA A 87 -5.27 1.27 2.89
C ALA A 87 -6.13 2.11 1.95
N ILE A 88 -6.74 3.15 2.49
CA ILE A 88 -7.58 4.04 1.70
C ILE A 88 -6.75 4.85 0.71
N PRO A 89 -7.18 4.86 -0.56
CA PRO A 89 -6.49 5.59 -1.62
C PRO A 89 -6.64 7.10 -1.47
N LYS A 90 -7.85 7.55 -1.12
CA LYS A 90 -8.12 8.97 -0.94
C LYS A 90 -8.80 9.23 0.39
N ALA A 91 -8.08 9.85 1.32
CA ALA A 91 -8.62 10.16 2.64
C ALA A 91 -8.31 11.60 3.04
N SER A 92 -8.93 12.06 4.12
CA SER A 92 -8.72 13.42 4.60
C SER A 92 -8.69 14.41 3.44
N ARG A 93 -9.56 14.18 2.45
CA ARG A 93 -9.63 15.05 1.28
C ARG A 93 -10.38 16.34 1.62
N VAL A 94 -10.23 17.35 0.75
CA VAL A 94 -10.89 18.63 0.95
C VAL A 94 -11.91 18.90 -0.15
N LYS A 95 -13.06 19.43 0.23
CA LYS A 95 -14.11 19.74 -0.73
C LYS A 95 -14.12 21.23 -1.08
N PRO A 96 -14.43 21.53 -2.34
CA PRO A 96 -14.46 22.91 -2.84
C PRO A 96 -15.64 23.70 -2.26
N VAL A 97 -15.35 24.60 -1.33
CA VAL A 97 -16.38 25.41 -0.70
C VAL A 97 -16.16 26.89 -0.98
N GLU A 98 -17.19 27.55 -1.48
CA GLU A 98 -17.11 28.97 -1.80
C GLU A 98 -18.12 29.77 -0.99
N SER A 99 -17.69 30.91 -0.46
CA SER A 99 -18.56 31.76 0.34
C SER A 99 -19.40 32.67 -0.55
N GLY A 100 -20.71 32.41 -0.59
CA GLY A 100 -21.60 33.21 -1.40
C GLY A 100 -21.81 34.60 -0.84
N PRO A 101 -22.93 35.23 -1.23
CA PRO A 101 -23.26 36.58 -0.77
C PRO A 101 -23.65 36.61 0.71
N SER A 102 -22.68 36.95 1.55
CA SER A 102 -22.92 37.01 2.99
C SER A 102 -23.62 38.31 3.37
N SER A 103 -24.44 38.24 4.43
CA SER A 103 -25.18 39.41 4.90
C SER A 103 -24.29 40.33 5.74
N GLY A 104 -24.81 41.49 6.07
CA GLY A 104 -24.04 42.44 6.87
C GLY A 104 -24.08 43.84 6.29
N GLY A 1 -24.86 10.21 -8.76
CA GLY A 1 -24.07 10.98 -9.71
C GLY A 1 -23.19 10.10 -10.59
N SER A 2 -23.28 10.32 -11.90
CA SER A 2 -22.50 9.53 -12.85
C SER A 2 -21.03 9.51 -12.46
N SER A 3 -20.23 8.75 -13.21
CA SER A 3 -18.81 8.64 -12.94
C SER A 3 -18.04 9.82 -13.54
N GLY A 4 -17.45 10.64 -12.68
CA GLY A 4 -16.71 11.80 -13.14
C GLY A 4 -15.22 11.66 -12.90
N SER A 5 -14.54 10.90 -13.74
CA SER A 5 -13.11 10.68 -13.60
C SER A 5 -12.77 10.12 -12.22
N SER A 6 -13.58 9.17 -11.77
CA SER A 6 -13.37 8.56 -10.46
C SER A 6 -11.99 7.92 -10.37
N GLY A 7 -11.73 6.95 -11.24
CA GLY A 7 -10.45 6.28 -11.25
C GLY A 7 -10.28 5.33 -10.07
N PRO A 8 -10.79 4.10 -10.23
CA PRO A 8 -10.71 3.07 -9.19
C PRO A 8 -9.29 2.56 -8.98
N GLU A 9 -8.78 2.71 -7.77
CA GLU A 9 -7.43 2.26 -7.44
C GLU A 9 -7.46 1.18 -6.37
N TYR A 10 -6.46 0.31 -6.39
CA TYR A 10 -6.37 -0.78 -5.43
C TYR A 10 -4.95 -0.91 -4.88
N SER A 11 -4.75 -0.42 -3.65
CA SER A 11 -3.45 -0.48 -3.02
C SER A 11 -3.52 -1.25 -1.71
N LEU A 12 -2.38 -1.81 -1.29
CA LEU A 12 -2.32 -2.58 -0.06
C LEU A 12 -1.24 -2.02 0.87
N PHE A 13 -1.50 -2.09 2.17
CA PHE A 13 -0.55 -1.60 3.17
C PHE A 13 0.33 -2.73 3.68
N VAL A 14 1.64 -2.54 3.57
CA VAL A 14 2.60 -3.55 4.02
C VAL A 14 3.44 -3.00 5.18
N GLY A 15 3.85 -3.90 6.07
CA GLY A 15 4.65 -3.51 7.21
C GLY A 15 5.80 -4.46 7.47
N ASP A 16 6.57 -4.19 8.53
CA ASP A 16 7.70 -5.03 8.88
C ASP A 16 8.59 -5.29 7.67
N LEU A 17 9.03 -4.21 7.03
CA LEU A 17 9.88 -4.31 5.85
C LEU A 17 11.34 -4.05 6.22
N THR A 18 12.12 -5.12 6.32
CA THR A 18 13.53 -5.01 6.67
C THR A 18 14.22 -3.93 5.83
N PRO A 19 15.27 -3.32 6.39
CA PRO A 19 16.03 -2.27 5.71
C PRO A 19 16.85 -2.81 4.54
N ASP A 20 16.78 -4.11 4.33
CA ASP A 20 17.52 -4.76 3.25
C ASP A 20 16.59 -5.06 2.08
N VAL A 21 15.51 -4.30 1.97
CA VAL A 21 14.55 -4.49 0.88
C VAL A 21 14.15 -3.15 0.26
N ASP A 22 14.05 -3.14 -1.07
CA ASP A 22 13.67 -1.93 -1.79
C ASP A 22 12.44 -2.16 -2.65
N ASP A 23 11.88 -1.08 -3.18
CA ASP A 23 10.69 -1.17 -4.01
C ASP A 23 10.83 -2.27 -5.05
N GLY A 24 11.98 -2.31 -5.71
CA GLY A 24 12.23 -3.32 -6.73
C GLY A 24 11.74 -4.69 -6.31
N MET A 25 12.02 -5.06 -5.07
CA MET A 25 11.59 -6.37 -4.54
C MET A 25 10.11 -6.35 -4.17
N LEU A 26 9.67 -5.25 -3.56
CA LEU A 26 8.28 -5.11 -3.15
C LEU A 26 7.34 -5.26 -4.35
N TYR A 27 7.86 -4.98 -5.54
CA TYR A 27 7.08 -5.09 -6.76
C TYR A 27 7.07 -6.52 -7.29
N GLU A 28 8.26 -7.01 -7.65
CA GLU A 28 8.39 -8.37 -8.17
C GLU A 28 7.82 -9.39 -7.18
N PHE A 29 8.12 -9.19 -5.90
CA PHE A 29 7.63 -10.10 -4.86
C PHE A 29 6.12 -10.29 -4.98
N PHE A 30 5.42 -9.24 -5.42
CA PHE A 30 3.97 -9.31 -5.57
C PHE A 30 3.60 -9.66 -7.01
N VAL A 31 3.90 -8.77 -7.94
CA VAL A 31 3.60 -8.99 -9.35
C VAL A 31 3.79 -10.45 -9.73
N LYS A 32 4.68 -11.13 -9.02
CA LYS A 32 4.96 -12.54 -9.29
C LYS A 32 3.74 -13.40 -8.96
N VAL A 33 3.24 -13.26 -7.75
CA VAL A 33 2.07 -14.03 -7.31
C VAL A 33 0.80 -13.54 -8.01
N TYR A 34 0.70 -12.22 -8.19
CA TYR A 34 -0.46 -11.63 -8.85
C TYR A 34 -0.04 -10.73 -10.01
N PRO A 35 -0.43 -11.11 -11.22
CA PRO A 35 -0.10 -10.36 -12.44
C PRO A 35 -0.85 -9.03 -12.51
N SER A 36 -1.60 -8.73 -11.47
CA SER A 36 -2.37 -7.49 -11.41
C SER A 36 -1.55 -6.37 -10.76
N CYS A 37 -0.61 -6.76 -9.91
CA CYS A 37 0.24 -5.79 -9.23
C CYS A 37 0.75 -4.73 -10.20
N ARG A 38 0.57 -3.47 -9.84
CA ARG A 38 1.01 -2.36 -10.68
C ARG A 38 2.43 -1.95 -10.34
N GLY A 39 2.78 -2.04 -9.06
CA GLY A 39 4.13 -1.68 -8.63
C GLY A 39 4.26 -1.67 -7.12
N GLY A 40 5.50 -1.63 -6.64
CA GLY A 40 5.74 -1.63 -5.21
C GLY A 40 6.40 -0.34 -4.74
N LYS A 41 6.02 0.10 -3.55
CA LYS A 41 6.58 1.32 -2.97
C LYS A 41 6.93 1.13 -1.50
N VAL A 42 8.17 1.49 -1.14
CA VAL A 42 8.63 1.36 0.23
C VAL A 42 9.01 2.71 0.82
N VAL A 43 8.43 3.04 1.98
CA VAL A 43 8.72 4.30 2.64
C VAL A 43 10.10 4.29 3.28
N LEU A 44 10.69 5.48 3.42
CA LEU A 44 12.02 5.61 4.03
C LEU A 44 12.02 6.68 5.11
N ASP A 45 13.15 6.84 5.77
CA ASP A 45 13.29 7.83 6.83
C ASP A 45 14.16 9.00 6.38
N GLN A 46 14.27 10.01 7.22
CA GLN A 46 15.07 11.19 6.90
C GLN A 46 16.38 10.80 6.24
N THR A 47 17.03 9.78 6.79
CA THR A 47 18.30 9.30 6.25
C THR A 47 18.09 8.57 4.93
N GLY A 48 16.97 7.88 4.81
CA GLY A 48 16.67 7.14 3.60
C GLY A 48 16.66 5.64 3.81
N VAL A 49 16.49 5.23 5.06
CA VAL A 49 16.46 3.80 5.40
C VAL A 49 15.03 3.31 5.57
N SER A 50 14.65 2.30 4.80
CA SER A 50 13.32 1.73 4.87
C SER A 50 12.78 1.78 6.29
N LYS A 51 11.83 2.68 6.54
CA LYS A 51 11.24 2.81 7.86
C LYS A 51 10.77 1.46 8.39
N GLY A 52 10.30 0.61 7.49
CA GLY A 52 9.83 -0.70 7.89
C GLY A 52 8.43 -0.99 7.41
N TYR A 53 7.98 -0.24 6.41
CA TYR A 53 6.64 -0.41 5.87
C TYR A 53 6.52 0.27 4.50
N GLY A 54 5.46 -0.06 3.78
CA GLY A 54 5.24 0.52 2.46
C GLY A 54 3.85 0.28 1.94
N PHE A 55 3.66 0.42 0.63
CA PHE A 55 2.37 0.22 0.00
C PHE A 55 2.52 -0.19 -1.46
N VAL A 56 1.62 -1.04 -1.93
CA VAL A 56 1.66 -1.50 -3.31
C VAL A 56 0.40 -1.08 -4.07
N LYS A 57 0.29 -1.52 -5.32
CA LYS A 57 -0.86 -1.18 -6.15
C LYS A 57 -1.24 -2.36 -7.05
N PHE A 58 -2.48 -2.33 -7.54
CA PHE A 58 -2.96 -3.40 -8.42
C PHE A 58 -3.99 -2.86 -9.40
N THR A 59 -4.50 -3.74 -10.25
CA THR A 59 -5.50 -3.35 -11.25
C THR A 59 -6.74 -4.22 -11.15
N ASP A 60 -6.61 -5.35 -10.46
CA ASP A 60 -7.74 -6.27 -10.29
C ASP A 60 -8.03 -6.50 -8.80
N GLU A 61 -9.00 -5.76 -8.28
CA GLU A 61 -9.37 -5.88 -6.88
C GLU A 61 -9.46 -7.35 -6.46
N LEU A 62 -10.17 -8.14 -7.26
CA LEU A 62 -10.34 -9.56 -6.97
C LEU A 62 -9.01 -10.20 -6.57
N GLU A 63 -7.93 -9.70 -7.14
CA GLU A 63 -6.60 -10.22 -6.84
C GLU A 63 -5.98 -9.47 -5.66
N GLN A 64 -6.24 -8.17 -5.58
CA GLN A 64 -5.71 -7.34 -4.51
C GLN A 64 -6.03 -7.95 -3.14
N LYS A 65 -7.29 -8.34 -2.96
CA LYS A 65 -7.73 -8.93 -1.71
C LYS A 65 -7.14 -10.33 -1.53
N ARG A 66 -7.12 -11.10 -2.61
CA ARG A 66 -6.57 -12.45 -2.57
C ARG A 66 -5.19 -12.47 -1.92
N ALA A 67 -4.43 -11.40 -2.14
CA ALA A 67 -3.09 -11.30 -1.58
C ALA A 67 -3.15 -11.02 -0.08
N LEU A 68 -4.01 -10.09 0.32
CA LEU A 68 -4.16 -9.73 1.72
C LEU A 68 -4.32 -10.97 2.59
N THR A 69 -5.01 -11.98 2.06
CA THR A 69 -5.23 -13.23 2.78
C THR A 69 -4.13 -14.24 2.47
N GLU A 70 -3.73 -14.30 1.20
CA GLU A 70 -2.70 -15.24 0.77
C GLU A 70 -1.31 -14.71 1.17
N CYS A 71 -0.91 -13.61 0.55
CA CYS A 71 0.40 -13.02 0.83
C CYS A 71 0.51 -12.62 2.30
N GLN A 72 -0.62 -12.63 3.00
CA GLN A 72 -0.65 -12.28 4.41
C GLN A 72 0.62 -12.72 5.11
N GLY A 73 1.13 -11.86 6.00
CA GLY A 73 2.34 -12.19 6.72
C GLY A 73 3.42 -12.79 5.83
N ALA A 74 3.49 -12.31 4.59
CA ALA A 74 4.47 -12.81 3.64
C ALA A 74 5.88 -12.68 4.19
N VAL A 75 6.57 -13.81 4.31
CA VAL A 75 7.94 -13.83 4.82
C VAL A 75 8.95 -13.80 3.68
N GLY A 76 8.60 -14.42 2.57
CA GLY A 76 9.49 -14.45 1.42
C GLY A 76 10.18 -13.13 1.18
N LEU A 77 9.44 -12.03 1.42
CA LEU A 77 9.99 -10.69 1.23
C LEU A 77 10.67 -10.20 2.50
N GLY A 78 11.98 -9.97 2.40
CA GLY A 78 12.73 -9.49 3.56
C GLY A 78 12.84 -10.53 4.65
N SER A 79 13.85 -10.38 5.50
CA SER A 79 14.07 -11.32 6.59
C SER A 79 12.88 -11.32 7.56
N LYS A 80 12.00 -10.34 7.40
CA LYS A 80 10.82 -10.23 8.24
C LYS A 80 9.54 -10.32 7.41
N PRO A 81 8.43 -10.70 8.07
CA PRO A 81 7.13 -10.83 7.41
C PRO A 81 6.54 -9.48 7.02
N VAL A 82 5.38 -9.51 6.37
CA VAL A 82 4.71 -8.28 5.95
C VAL A 82 3.24 -8.30 6.32
N ARG A 83 2.81 -7.27 7.05
CA ARG A 83 1.42 -7.17 7.48
C ARG A 83 0.57 -6.49 6.41
N LEU A 84 -0.19 -7.30 5.66
CA LEU A 84 -1.05 -6.78 4.61
C LEU A 84 -2.36 -6.25 5.18
N SER A 85 -2.83 -5.13 4.64
CA SER A 85 -4.08 -4.53 5.09
C SER A 85 -4.70 -3.66 4.01
N VAL A 86 -5.85 -3.09 4.29
CA VAL A 86 -6.54 -2.23 3.34
C VAL A 86 -6.30 -0.76 3.65
N ALA A 87 -5.38 -0.14 2.91
CA ALA A 87 -5.06 1.27 3.11
C ALA A 87 -6.18 2.16 2.60
N ILE A 88 -6.18 3.41 3.04
CA ILE A 88 -7.20 4.37 2.64
C ILE A 88 -6.58 5.55 1.89
N PRO A 89 -7.08 5.81 0.67
CA PRO A 89 -6.59 6.91 -0.16
C PRO A 89 -6.98 8.29 0.40
N LYS A 90 -8.26 8.43 0.73
CA LYS A 90 -8.77 9.69 1.27
C LYS A 90 -9.81 9.43 2.36
N ALA A 91 -9.41 9.69 3.61
CA ALA A 91 -10.31 9.49 4.74
C ALA A 91 -11.55 10.37 4.62
N SER A 92 -11.38 11.67 4.83
CA SER A 92 -12.49 12.61 4.75
C SER A 92 -12.02 13.95 4.21
N ARG A 93 -12.96 14.73 3.67
CA ARG A 93 -12.64 16.04 3.11
C ARG A 93 -12.88 17.15 4.14
N VAL A 94 -12.10 18.21 4.05
CA VAL A 94 -12.23 19.33 4.97
C VAL A 94 -12.69 20.59 4.24
N LYS A 95 -13.60 21.33 4.87
CA LYS A 95 -14.13 22.55 4.30
C LYS A 95 -14.55 23.54 5.38
N PRO A 96 -14.39 24.84 5.10
CA PRO A 96 -14.75 25.90 6.04
C PRO A 96 -16.26 26.03 6.22
N VAL A 97 -16.71 26.02 7.48
CA VAL A 97 -18.12 26.14 7.79
C VAL A 97 -18.52 27.59 7.99
N GLU A 98 -19.03 28.21 6.94
CA GLU A 98 -19.46 29.61 7.01
C GLU A 98 -20.89 29.72 7.52
N SER A 99 -21.28 30.92 7.91
CA SER A 99 -22.63 31.17 8.42
C SER A 99 -23.21 32.46 7.85
N GLY A 100 -24.37 32.35 7.22
CA GLY A 100 -25.02 33.51 6.64
C GLY A 100 -26.52 33.52 6.85
N PRO A 101 -26.94 33.78 8.10
CA PRO A 101 -28.37 33.82 8.46
C PRO A 101 -29.09 35.01 7.85
N SER A 102 -29.99 34.75 6.91
CA SER A 102 -30.75 35.80 6.26
C SER A 102 -32.10 36.00 6.92
N SER A 103 -32.11 36.78 8.00
CA SER A 103 -33.34 37.05 8.75
C SER A 103 -34.18 35.79 8.87
N GLY A 104 -33.53 34.67 9.15
CA GLY A 104 -34.24 33.41 9.28
C GLY A 104 -34.95 33.01 8.01
N GLY A 1 -23.09 -6.52 -11.85
CA GLY A 1 -22.31 -5.98 -12.95
C GLY A 1 -20.87 -5.72 -12.56
N SER A 2 -19.95 -6.07 -13.46
CA SER A 2 -18.53 -5.87 -13.19
C SER A 2 -17.94 -4.83 -14.14
N SER A 3 -18.29 -4.93 -15.41
CA SER A 3 -17.80 -4.01 -16.43
C SER A 3 -18.73 -2.80 -16.56
N GLY A 4 -18.14 -1.61 -16.59
CA GLY A 4 -18.94 -0.40 -16.72
C GLY A 4 -18.27 0.80 -16.07
N SER A 5 -18.59 1.03 -14.79
CA SER A 5 -18.01 2.16 -14.07
C SER A 5 -16.52 1.94 -13.81
N SER A 6 -15.74 2.99 -13.98
CA SER A 6 -14.30 2.92 -13.78
C SER A 6 -13.97 2.80 -12.29
N GLY A 7 -13.92 1.55 -11.81
CA GLY A 7 -13.61 1.32 -10.41
C GLY A 7 -12.40 2.09 -9.94
N PRO A 8 -12.38 2.45 -8.65
CA PRO A 8 -11.27 3.20 -8.05
C PRO A 8 -10.00 2.37 -7.94
N GLU A 9 -8.86 3.05 -7.84
CA GLU A 9 -7.58 2.38 -7.73
C GLU A 9 -7.61 1.32 -6.63
N TYR A 10 -6.52 0.57 -6.50
CA TYR A 10 -6.42 -0.47 -5.49
C TYR A 10 -5.00 -0.55 -4.94
N SER A 11 -4.86 -0.34 -3.64
CA SER A 11 -3.56 -0.39 -2.98
C SER A 11 -3.66 -1.08 -1.63
N LEU A 12 -2.58 -1.76 -1.24
CA LEU A 12 -2.54 -2.48 0.03
C LEU A 12 -1.47 -1.90 0.95
N PHE A 13 -1.69 -2.01 2.25
CA PHE A 13 -0.73 -1.51 3.23
C PHE A 13 0.16 -2.63 3.75
N VAL A 14 1.47 -2.45 3.61
CA VAL A 14 2.43 -3.45 4.06
C VAL A 14 3.34 -2.88 5.15
N GLY A 15 3.69 -3.72 6.11
CA GLY A 15 4.55 -3.29 7.20
C GLY A 15 5.64 -4.29 7.50
N ASP A 16 6.50 -3.96 8.47
CA ASP A 16 7.59 -4.83 8.86
C ASP A 16 8.50 -5.12 7.67
N LEU A 17 8.97 -4.07 7.01
CA LEU A 17 9.84 -4.21 5.85
C LEU A 17 11.31 -3.98 6.24
N THR A 18 12.06 -5.08 6.35
CA THR A 18 13.47 -4.99 6.72
C THR A 18 14.20 -3.95 5.87
N PRO A 19 15.25 -3.35 6.45
CA PRO A 19 16.04 -2.32 5.76
C PRO A 19 16.88 -2.90 4.64
N ASP A 20 16.80 -4.22 4.47
CA ASP A 20 17.55 -4.90 3.42
C ASP A 20 16.68 -5.17 2.21
N VAL A 21 15.51 -4.55 2.18
CA VAL A 21 14.57 -4.72 1.07
C VAL A 21 14.21 -3.39 0.44
N ASP A 22 14.12 -3.37 -0.89
CA ASP A 22 13.78 -2.15 -1.62
C ASP A 22 12.53 -2.36 -2.47
N ASP A 23 12.03 -1.27 -3.04
CA ASP A 23 10.84 -1.32 -3.87
C ASP A 23 10.99 -2.38 -4.97
N GLY A 24 12.16 -2.41 -5.59
CA GLY A 24 12.41 -3.37 -6.66
C GLY A 24 11.92 -4.76 -6.30
N MET A 25 12.06 -5.13 -5.03
CA MET A 25 11.64 -6.44 -4.57
C MET A 25 10.14 -6.46 -4.28
N LEU A 26 9.66 -5.42 -3.62
CA LEU A 26 8.24 -5.30 -3.29
C LEU A 26 7.38 -5.44 -4.53
N TYR A 27 7.93 -5.06 -5.68
CA TYR A 27 7.21 -5.14 -6.94
C TYR A 27 7.17 -6.58 -7.44
N GLU A 28 8.33 -7.13 -7.79
CA GLU A 28 8.43 -8.49 -8.28
C GLU A 28 7.79 -9.48 -7.31
N PHE A 29 8.15 -9.34 -6.03
CA PHE A 29 7.60 -10.22 -4.99
C PHE A 29 6.10 -10.36 -5.14
N PHE A 30 5.44 -9.29 -5.58
CA PHE A 30 4.00 -9.29 -5.76
C PHE A 30 3.63 -9.62 -7.20
N VAL A 31 3.96 -8.72 -8.11
CA VAL A 31 3.67 -8.91 -9.53
C VAL A 31 3.82 -10.38 -9.93
N LYS A 32 4.70 -11.07 -9.23
CA LYS A 32 4.95 -12.49 -9.51
C LYS A 32 3.74 -13.34 -9.16
N VAL A 33 3.29 -13.23 -7.90
CA VAL A 33 2.14 -13.98 -7.44
C VAL A 33 0.84 -13.45 -8.05
N TYR A 34 0.83 -12.15 -8.34
CA TYR A 34 -0.34 -11.51 -8.93
C TYR A 34 0.05 -10.64 -10.12
N PRO A 35 -0.37 -11.06 -11.32
CA PRO A 35 -0.07 -10.33 -12.56
C PRO A 35 -0.83 -9.01 -12.65
N SER A 36 -1.59 -8.70 -11.60
CA SER A 36 -2.36 -7.46 -11.58
C SER A 36 -1.57 -6.34 -10.90
N CYS A 37 -0.57 -6.72 -10.12
CA CYS A 37 0.26 -5.75 -9.41
C CYS A 37 0.76 -4.68 -10.37
N ARG A 38 0.66 -3.42 -9.94
CA ARG A 38 1.10 -2.30 -10.76
C ARG A 38 2.52 -1.89 -10.40
N GLY A 39 2.87 -2.00 -9.12
CA GLY A 39 4.20 -1.64 -8.67
C GLY A 39 4.30 -1.53 -7.17
N GLY A 40 5.44 -1.94 -6.62
CA GLY A 40 5.65 -1.88 -5.19
C GLY A 40 6.40 -0.64 -4.76
N LYS A 41 5.95 0.00 -3.69
CA LYS A 41 6.59 1.21 -3.18
C LYS A 41 6.96 1.03 -1.70
N VAL A 42 8.15 1.52 -1.34
CA VAL A 42 8.61 1.43 0.04
C VAL A 42 8.94 2.81 0.60
N VAL A 43 8.59 3.03 1.86
CA VAL A 43 8.84 4.31 2.51
C VAL A 43 10.19 4.31 3.21
N LEU A 44 10.79 5.49 3.34
CA LEU A 44 12.09 5.63 3.98
C LEU A 44 12.05 6.70 5.07
N ASP A 45 13.02 6.65 5.97
CA ASP A 45 13.10 7.62 7.06
C ASP A 45 13.88 8.86 6.63
N GLN A 46 13.90 9.87 7.49
CA GLN A 46 14.60 11.11 7.20
C GLN A 46 16.03 10.82 6.71
N THR A 47 16.52 9.63 7.02
CA THR A 47 17.86 9.23 6.61
C THR A 47 17.85 8.56 5.24
N GLY A 48 16.74 7.91 4.92
CA GLY A 48 16.63 7.25 3.63
C GLY A 48 16.58 5.74 3.76
N VAL A 49 16.44 5.26 4.99
CA VAL A 49 16.39 3.82 5.25
C VAL A 49 14.95 3.34 5.40
N SER A 50 14.64 2.21 4.77
CA SER A 50 13.30 1.65 4.84
C SER A 50 12.74 1.72 6.25
N LYS A 51 11.80 2.65 6.47
CA LYS A 51 11.19 2.82 7.78
C LYS A 51 10.69 1.49 8.33
N GLY A 52 10.24 0.61 7.43
CA GLY A 52 9.75 -0.69 7.85
C GLY A 52 8.34 -0.95 7.37
N TYR A 53 7.92 -0.21 6.36
CA TYR A 53 6.58 -0.36 5.81
C TYR A 53 6.47 0.28 4.43
N GLY A 54 5.37 0.01 3.74
CA GLY A 54 5.16 0.57 2.42
C GLY A 54 3.76 0.36 1.90
N PHE A 55 3.59 0.47 0.59
CA PHE A 55 2.28 0.28 -0.03
C PHE A 55 2.42 -0.17 -1.48
N VAL A 56 1.51 -1.03 -1.93
CA VAL A 56 1.53 -1.53 -3.29
C VAL A 56 0.24 -1.20 -4.03
N LYS A 57 0.20 -1.50 -5.32
CA LYS A 57 -0.98 -1.24 -6.13
C LYS A 57 -1.34 -2.46 -6.97
N PHE A 58 -2.57 -2.46 -7.50
CA PHE A 58 -3.04 -3.57 -8.33
C PHE A 58 -4.05 -3.09 -9.36
N THR A 59 -4.23 -3.87 -10.41
CA THR A 59 -5.17 -3.53 -11.47
C THR A 59 -6.56 -4.09 -11.17
N ASP A 60 -6.60 -5.30 -10.65
CA ASP A 60 -7.87 -5.95 -10.32
C ASP A 60 -8.06 -6.03 -8.81
N GLU A 61 -9.24 -5.65 -8.34
CA GLU A 61 -9.56 -5.68 -6.92
C GLU A 61 -9.74 -7.11 -6.44
N LEU A 62 -10.36 -7.94 -7.27
CA LEU A 62 -10.61 -9.33 -6.92
C LEU A 62 -9.34 -10.00 -6.41
N GLU A 63 -8.20 -9.58 -6.95
CA GLU A 63 -6.92 -10.14 -6.54
C GLU A 63 -6.35 -9.37 -5.35
N GLN A 64 -6.55 -8.06 -5.34
CA GLN A 64 -6.06 -7.21 -4.27
C GLN A 64 -6.27 -7.88 -2.91
N LYS A 65 -7.49 -8.37 -2.68
CA LYS A 65 -7.82 -9.04 -1.43
C LYS A 65 -7.15 -10.40 -1.33
N ARG A 66 -6.97 -11.05 -2.48
CA ARG A 66 -6.33 -12.36 -2.53
C ARG A 66 -4.99 -12.34 -1.81
N ALA A 67 -4.24 -11.25 -1.98
CA ALA A 67 -2.94 -11.10 -1.36
C ALA A 67 -3.08 -10.97 0.16
N LEU A 68 -4.00 -10.12 0.59
CA LEU A 68 -4.23 -9.91 2.02
C LEU A 68 -4.16 -11.22 2.79
N THR A 69 -4.78 -12.26 2.24
CA THR A 69 -4.78 -13.58 2.87
C THR A 69 -3.63 -14.43 2.37
N GLU A 70 -3.50 -14.51 1.05
CA GLU A 70 -2.44 -15.31 0.44
C GLU A 70 -1.06 -14.76 0.81
N CYS A 71 -0.84 -13.49 0.49
CA CYS A 71 0.44 -12.84 0.79
C CYS A 71 0.46 -12.34 2.23
N GLN A 72 -0.40 -12.89 3.06
CA GLN A 72 -0.48 -12.51 4.46
C GLN A 72 0.81 -12.84 5.20
N GLY A 73 1.34 -11.88 5.95
CA GLY A 73 2.56 -12.11 6.70
C GLY A 73 3.64 -12.76 5.85
N ALA A 74 3.61 -12.50 4.55
CA ALA A 74 4.60 -13.06 3.63
C ALA A 74 6.01 -12.85 4.14
N VAL A 75 6.72 -13.95 4.39
CA VAL A 75 8.09 -13.87 4.88
C VAL A 75 9.09 -13.78 3.72
N GLY A 76 8.79 -14.48 2.64
CA GLY A 76 9.66 -14.47 1.48
C GLY A 76 10.31 -13.12 1.25
N LEU A 77 9.53 -12.06 1.48
CA LEU A 77 10.04 -10.70 1.30
C LEU A 77 10.67 -10.18 2.59
N GLY A 78 11.96 -9.85 2.52
CA GLY A 78 12.67 -9.35 3.68
C GLY A 78 12.77 -10.37 4.79
N SER A 79 13.79 -10.25 5.62
CA SER A 79 14.01 -11.17 6.73
C SER A 79 12.77 -11.23 7.63
N LYS A 80 11.97 -10.17 7.59
CA LYS A 80 10.76 -10.09 8.40
C LYS A 80 9.52 -10.20 7.52
N PRO A 81 8.40 -10.66 8.12
CA PRO A 81 7.13 -10.82 7.41
C PRO A 81 6.50 -9.48 7.06
N VAL A 82 5.44 -9.52 6.26
CA VAL A 82 4.74 -8.31 5.84
C VAL A 82 3.28 -8.35 6.27
N ARG A 83 2.85 -7.31 6.99
CA ARG A 83 1.47 -7.22 7.46
C ARG A 83 0.58 -6.54 6.41
N LEU A 84 -0.20 -7.34 5.70
CA LEU A 84 -1.10 -6.82 4.67
C LEU A 84 -2.37 -6.26 5.30
N SER A 85 -2.94 -5.24 4.67
CA SER A 85 -4.16 -4.61 5.15
C SER A 85 -4.85 -3.83 4.05
N VAL A 86 -6.00 -3.25 4.38
CA VAL A 86 -6.76 -2.46 3.41
C VAL A 86 -6.53 -0.97 3.62
N ALA A 87 -5.61 -0.41 2.83
CA ALA A 87 -5.29 1.01 2.92
C ALA A 87 -6.12 1.81 1.93
N ILE A 88 -6.02 3.14 2.03
CA ILE A 88 -6.77 4.03 1.15
C ILE A 88 -5.84 5.02 0.45
N PRO A 89 -6.08 5.23 -0.86
CA PRO A 89 -5.27 6.15 -1.67
C PRO A 89 -5.49 7.61 -1.27
N LYS A 90 -4.73 8.50 -1.88
CA LYS A 90 -4.84 9.93 -1.61
C LYS A 90 -6.30 10.37 -1.60
N ALA A 91 -6.76 10.87 -0.45
CA ALA A 91 -8.13 11.32 -0.31
C ALA A 91 -8.39 12.58 -1.14
N SER A 92 -9.60 12.69 -1.67
CA SER A 92 -9.96 13.85 -2.48
C SER A 92 -10.88 14.80 -1.71
N ARG A 93 -11.94 14.24 -1.12
CA ARG A 93 -12.88 15.03 -0.36
C ARG A 93 -13.17 16.36 -1.04
N VAL A 94 -13.50 16.29 -2.34
CA VAL A 94 -13.79 17.49 -3.11
C VAL A 94 -15.23 17.47 -3.62
N LYS A 95 -15.77 18.66 -3.88
CA LYS A 95 -17.14 18.78 -4.37
C LYS A 95 -17.26 19.92 -5.38
N PRO A 96 -17.95 19.65 -6.50
CA PRO A 96 -18.14 20.64 -7.56
C PRO A 96 -19.08 21.77 -7.14
N VAL A 97 -18.52 22.78 -6.49
CA VAL A 97 -19.30 23.92 -6.03
C VAL A 97 -18.60 25.23 -6.37
N GLU A 98 -19.16 25.95 -7.34
CA GLU A 98 -18.59 27.23 -7.77
C GLU A 98 -19.67 28.32 -7.83
N SER A 99 -19.36 29.49 -7.28
CA SER A 99 -20.30 30.60 -7.27
C SER A 99 -19.77 31.77 -8.08
N GLY A 100 -20.68 32.62 -8.53
CA GLY A 100 -20.28 33.78 -9.32
C GLY A 100 -20.93 33.80 -10.69
N PRO A 101 -22.14 34.37 -10.77
CA PRO A 101 -22.89 34.46 -12.02
C PRO A 101 -22.27 35.44 -13.00
N SER A 102 -22.23 35.05 -14.27
CA SER A 102 -21.65 35.88 -15.32
C SER A 102 -22.73 36.71 -16.02
N SER A 103 -23.80 36.03 -16.43
CA SER A 103 -24.91 36.70 -17.12
C SER A 103 -26.05 37.00 -16.15
N GLY A 104 -26.79 38.07 -16.44
CA GLY A 104 -27.90 38.45 -15.57
C GLY A 104 -27.95 39.94 -15.32
N GLY A 1 -4.83 -7.83 -22.14
CA GLY A 1 -6.00 -6.97 -22.04
C GLY A 1 -5.77 -5.61 -22.68
N SER A 2 -6.52 -5.32 -23.74
CA SER A 2 -6.40 -4.05 -24.43
C SER A 2 -7.74 -3.32 -24.48
N SER A 3 -7.89 -2.31 -23.63
CA SER A 3 -9.12 -1.53 -23.57
C SER A 3 -8.92 -0.25 -22.76
N GLY A 4 -9.61 0.82 -23.17
CA GLY A 4 -9.50 2.08 -22.48
C GLY A 4 -10.50 2.23 -21.36
N SER A 5 -10.00 2.27 -20.12
CA SER A 5 -10.87 2.40 -18.96
C SER A 5 -10.05 2.67 -17.70
N SER A 6 -10.57 3.52 -16.84
CA SER A 6 -9.88 3.87 -15.59
C SER A 6 -10.85 3.88 -14.42
N GLY A 7 -10.61 3.01 -13.45
CA GLY A 7 -11.48 2.94 -12.28
C GLY A 7 -10.75 3.24 -10.99
N PRO A 8 -11.33 2.84 -9.86
CA PRO A 8 -10.74 3.07 -8.53
C PRO A 8 -9.48 2.23 -8.31
N GLU A 9 -8.39 2.91 -7.95
CA GLU A 9 -7.13 2.22 -7.70
C GLU A 9 -7.23 1.31 -6.49
N TYR A 10 -6.39 0.28 -6.46
CA TYR A 10 -6.39 -0.67 -5.35
C TYR A 10 -4.99 -0.84 -4.77
N SER A 11 -4.75 -0.22 -3.62
CA SER A 11 -3.45 -0.30 -2.97
C SER A 11 -3.53 -1.09 -1.67
N LEU A 12 -2.41 -1.67 -1.25
CA LEU A 12 -2.37 -2.46 -0.02
C LEU A 12 -1.28 -1.93 0.91
N PHE A 13 -1.56 -1.94 2.21
CA PHE A 13 -0.61 -1.47 3.20
C PHE A 13 0.27 -2.62 3.71
N VAL A 14 1.57 -2.39 3.75
CA VAL A 14 2.52 -3.40 4.21
C VAL A 14 3.39 -2.86 5.34
N GLY A 15 3.85 -3.76 6.20
CA GLY A 15 4.70 -3.37 7.31
C GLY A 15 5.80 -4.36 7.60
N ASP A 16 6.61 -4.08 8.60
CA ASP A 16 7.71 -4.96 8.98
C ASP A 16 8.66 -5.19 7.80
N LEU A 17 8.89 -4.13 7.03
CA LEU A 17 9.77 -4.21 5.87
C LEU A 17 11.23 -3.98 6.29
N THR A 18 12.02 -5.04 6.24
CA THR A 18 13.43 -4.95 6.60
C THR A 18 14.14 -3.86 5.81
N PRO A 19 15.18 -3.26 6.41
CA PRO A 19 15.96 -2.21 5.78
C PRO A 19 16.81 -2.72 4.62
N ASP A 20 16.68 -4.01 4.33
CA ASP A 20 17.44 -4.62 3.25
C ASP A 20 16.56 -4.82 2.01
N VAL A 21 15.27 -4.48 2.15
CA VAL A 21 14.33 -4.61 1.04
C VAL A 21 14.03 -3.26 0.40
N ASP A 22 13.82 -3.27 -0.91
CA ASP A 22 13.53 -2.05 -1.64
C ASP A 22 12.29 -2.22 -2.51
N ASP A 23 11.92 -1.17 -3.23
CA ASP A 23 10.75 -1.20 -4.10
C ASP A 23 10.91 -2.27 -5.17
N GLY A 24 12.14 -2.41 -5.68
CA GLY A 24 12.40 -3.40 -6.72
C GLY A 24 11.92 -4.78 -6.33
N MET A 25 11.99 -5.09 -5.04
CA MET A 25 11.55 -6.40 -4.55
C MET A 25 10.06 -6.39 -4.25
N LEU A 26 9.61 -5.36 -3.55
CA LEU A 26 8.19 -5.23 -3.20
C LEU A 26 7.31 -5.35 -4.43
N TYR A 27 7.88 -5.07 -5.60
CA TYR A 27 7.15 -5.14 -6.85
C TYR A 27 7.10 -6.58 -7.37
N GLU A 28 8.28 -7.14 -7.65
CA GLU A 28 8.38 -8.50 -8.16
C GLU A 28 7.72 -9.48 -7.19
N PHE A 29 8.04 -9.34 -5.92
CA PHE A 29 7.48 -10.22 -4.89
C PHE A 29 5.98 -10.36 -5.06
N PHE A 30 5.32 -9.30 -5.52
CA PHE A 30 3.88 -9.30 -5.72
C PHE A 30 3.54 -9.64 -7.17
N VAL A 31 3.90 -8.75 -8.09
CA VAL A 31 3.63 -8.95 -9.51
C VAL A 31 3.79 -10.42 -9.88
N LYS A 32 4.69 -11.11 -9.20
CA LYS A 32 4.94 -12.52 -9.46
C LYS A 32 3.73 -13.37 -9.08
N VAL A 33 3.36 -13.33 -7.80
CA VAL A 33 2.22 -14.09 -7.32
C VAL A 33 0.92 -13.61 -7.96
N TYR A 34 0.90 -12.34 -8.35
CA TYR A 34 -0.28 -11.75 -8.96
C TYR A 34 0.10 -10.87 -10.14
N PRO A 35 -0.33 -11.27 -11.35
CA PRO A 35 -0.04 -10.52 -12.58
C PRO A 35 -0.79 -9.19 -12.64
N SER A 36 -1.62 -8.93 -11.63
CA SER A 36 -2.38 -7.70 -11.57
C SER A 36 -1.72 -6.68 -10.67
N CYS A 37 -0.39 -6.71 -10.62
CA CYS A 37 0.37 -5.79 -9.78
C CYS A 37 0.82 -4.57 -10.58
N ARG A 38 0.66 -3.40 -9.99
CA ARG A 38 1.03 -2.15 -10.65
C ARG A 38 2.46 -1.75 -10.28
N GLY A 39 2.82 -1.96 -9.01
CA GLY A 39 4.15 -1.61 -8.54
C GLY A 39 4.23 -1.54 -7.03
N GLY A 40 5.41 -1.86 -6.49
CA GLY A 40 5.60 -1.83 -5.06
C GLY A 40 6.36 -0.60 -4.60
N LYS A 41 5.86 0.04 -3.54
CA LYS A 41 6.50 1.22 -3.00
C LYS A 41 6.85 1.04 -1.53
N VAL A 42 8.04 1.50 -1.14
CA VAL A 42 8.49 1.37 0.23
C VAL A 42 8.89 2.74 0.80
N VAL A 43 8.35 3.06 1.98
CA VAL A 43 8.65 4.33 2.63
C VAL A 43 10.04 4.32 3.24
N LEU A 44 10.66 5.50 3.31
CA LEU A 44 11.99 5.62 3.88
C LEU A 44 12.02 6.69 4.97
N ASP A 45 13.17 6.83 5.62
CA ASP A 45 13.33 7.82 6.69
C ASP A 45 14.13 9.02 6.19
N GLN A 46 14.31 10.00 7.07
CA GLN A 46 15.05 11.20 6.71
C GLN A 46 16.33 10.86 5.98
N THR A 47 17.03 9.84 6.47
CA THR A 47 18.29 9.41 5.86
C THR A 47 18.03 8.64 4.57
N GLY A 48 16.84 8.05 4.46
CA GLY A 48 16.50 7.30 3.25
C GLY A 48 16.47 5.81 3.50
N VAL A 49 16.40 5.42 4.77
CA VAL A 49 16.36 4.01 5.13
C VAL A 49 14.93 3.52 5.32
N SER A 50 14.62 2.35 4.76
CA SER A 50 13.28 1.79 4.87
C SER A 50 12.76 1.90 6.30
N LYS A 51 11.80 2.80 6.50
CA LYS A 51 11.22 3.00 7.82
C LYS A 51 10.73 1.69 8.41
N GLY A 52 10.28 0.79 7.54
CA GLY A 52 9.78 -0.50 7.99
C GLY A 52 8.38 -0.78 7.51
N TYR A 53 7.94 -0.07 6.49
CA TYR A 53 6.60 -0.24 5.94
C TYR A 53 6.50 0.38 4.55
N GLY A 54 5.40 0.08 3.86
CA GLY A 54 5.20 0.62 2.52
C GLY A 54 3.81 0.33 1.99
N PHE A 55 3.63 0.52 0.69
CA PHE A 55 2.33 0.29 0.06
C PHE A 55 2.50 -0.15 -1.39
N VAL A 56 1.60 -1.00 -1.86
CA VAL A 56 1.64 -1.49 -3.24
C VAL A 56 0.39 -1.09 -4.01
N LYS A 57 0.34 -1.49 -5.28
CA LYS A 57 -0.81 -1.17 -6.12
C LYS A 57 -1.18 -2.37 -6.99
N PHE A 58 -2.41 -2.37 -7.50
CA PHE A 58 -2.89 -3.46 -8.35
C PHE A 58 -3.90 -2.95 -9.37
N THR A 59 -4.12 -3.73 -10.42
CA THR A 59 -5.05 -3.36 -11.47
C THR A 59 -6.38 -4.09 -11.31
N ASP A 60 -6.39 -5.11 -10.45
CA ASP A 60 -7.59 -5.89 -10.21
C ASP A 60 -7.88 -6.01 -8.72
N GLU A 61 -9.11 -5.72 -8.33
CA GLU A 61 -9.51 -5.79 -6.92
C GLU A 61 -9.60 -7.24 -6.46
N LEU A 62 -10.19 -8.08 -7.29
CA LEU A 62 -10.36 -9.49 -6.97
C LEU A 62 -9.06 -10.07 -6.40
N GLU A 63 -7.96 -9.82 -7.09
CA GLU A 63 -6.65 -10.31 -6.64
C GLU A 63 -6.16 -9.53 -5.43
N GLN A 64 -6.31 -8.22 -5.47
CA GLN A 64 -5.88 -7.36 -4.37
C GLN A 64 -6.14 -8.04 -3.03
N LYS A 65 -7.39 -8.43 -2.80
CA LYS A 65 -7.78 -9.08 -1.55
C LYS A 65 -7.07 -10.43 -1.41
N ARG A 66 -7.20 -11.26 -2.43
CA ARG A 66 -6.57 -12.59 -2.43
C ARG A 66 -5.18 -12.52 -1.79
N ALA A 67 -4.50 -11.40 -1.99
CA ALA A 67 -3.17 -11.22 -1.44
C ALA A 67 -3.22 -10.98 0.07
N LEU A 68 -4.06 -10.04 0.48
CA LEU A 68 -4.21 -9.72 1.90
C LEU A 68 -4.26 -10.99 2.74
N THR A 69 -4.92 -12.01 2.23
CA THR A 69 -5.03 -13.28 2.94
C THR A 69 -3.90 -14.22 2.56
N GLU A 70 -3.66 -14.37 1.26
CA GLU A 70 -2.60 -15.24 0.78
C GLU A 70 -1.23 -14.67 1.12
N CYS A 71 -0.91 -13.52 0.53
CA CYS A 71 0.37 -12.87 0.77
C CYS A 71 0.52 -12.48 2.24
N GLN A 72 -0.56 -12.63 3.00
CA GLN A 72 -0.55 -12.28 4.41
C GLN A 72 0.76 -12.72 5.07
N GLY A 73 1.27 -11.89 5.98
CA GLY A 73 2.51 -12.21 6.65
C GLY A 73 3.52 -12.90 5.75
N ALA A 74 3.68 -12.37 4.54
CA ALA A 74 4.62 -12.93 3.57
C ALA A 74 6.05 -12.83 4.08
N VAL A 75 6.67 -13.99 4.32
CA VAL A 75 8.05 -14.02 4.81
C VAL A 75 9.04 -13.94 3.65
N GLY A 76 8.68 -14.55 2.53
CA GLY A 76 9.55 -14.54 1.36
C GLY A 76 10.16 -13.17 1.12
N LEU A 77 9.41 -12.12 1.42
CA LEU A 77 9.88 -10.76 1.23
C LEU A 77 10.54 -10.23 2.50
N GLY A 78 11.84 -9.94 2.41
CA GLY A 78 12.58 -9.44 3.55
C GLY A 78 12.64 -10.44 4.69
N SER A 79 13.81 -10.53 5.32
CA SER A 79 14.00 -11.46 6.43
C SER A 79 12.79 -11.48 7.34
N LYS A 80 12.07 -10.36 7.39
CA LYS A 80 10.88 -10.24 8.22
C LYS A 80 9.61 -10.33 7.39
N PRO A 81 8.51 -10.75 8.01
CA PRO A 81 7.22 -10.89 7.36
C PRO A 81 6.60 -9.55 6.99
N VAL A 82 5.50 -9.58 6.25
CA VAL A 82 4.82 -8.36 5.83
C VAL A 82 3.36 -8.37 6.27
N ARG A 83 2.92 -7.28 6.88
CA ARG A 83 1.54 -7.15 7.36
C ARG A 83 0.67 -6.45 6.31
N LEU A 84 -0.16 -7.22 5.63
CA LEU A 84 -1.04 -6.68 4.61
C LEU A 84 -2.31 -6.10 5.24
N SER A 85 -2.86 -5.08 4.61
CA SER A 85 -4.07 -4.43 5.10
C SER A 85 -4.78 -3.66 3.99
N VAL A 86 -5.88 -3.01 4.34
CA VAL A 86 -6.65 -2.23 3.38
C VAL A 86 -6.49 -0.73 3.62
N ALA A 87 -5.66 -0.09 2.81
CA ALA A 87 -5.43 1.35 2.93
C ALA A 87 -6.47 2.15 2.16
N ILE A 88 -6.94 3.22 2.76
CA ILE A 88 -7.94 4.08 2.11
C ILE A 88 -7.28 5.14 1.26
N PRO A 89 -7.64 5.17 -0.04
CA PRO A 89 -7.10 6.14 -0.99
C PRO A 89 -7.60 7.56 -0.73
N LYS A 90 -8.84 7.66 -0.27
CA LYS A 90 -9.44 8.96 0.02
C LYS A 90 -9.93 9.01 1.46
N ALA A 91 -9.25 9.80 2.29
CA ALA A 91 -9.62 9.94 3.69
C ALA A 91 -9.83 11.42 4.05
N SER A 92 -10.98 11.71 4.64
CA SER A 92 -11.31 13.08 5.03
C SER A 92 -10.62 13.44 6.33
N ARG A 93 -9.36 13.86 6.24
CA ARG A 93 -8.59 14.25 7.41
C ARG A 93 -9.16 15.51 8.05
N VAL A 94 -9.67 15.37 9.27
CA VAL A 94 -10.25 16.48 9.99
C VAL A 94 -9.73 16.55 11.43
N LYS A 95 -9.36 17.74 11.86
CA LYS A 95 -8.84 17.95 13.21
C LYS A 95 -9.77 18.85 14.03
N PRO A 96 -9.91 18.54 15.32
CA PRO A 96 -10.76 19.31 16.23
C PRO A 96 -10.19 20.70 16.52
N VAL A 97 -11.08 21.68 16.67
CA VAL A 97 -10.66 23.05 16.95
C VAL A 97 -11.20 23.52 18.29
N GLU A 98 -10.34 24.17 19.07
CA GLU A 98 -10.72 24.67 20.38
C GLU A 98 -9.93 25.94 20.74
N SER A 99 -10.65 27.02 21.00
CA SER A 99 -10.01 28.28 21.35
C SER A 99 -10.90 29.09 22.29
N GLY A 100 -10.30 30.07 22.96
CA GLY A 100 -11.05 30.91 23.89
C GLY A 100 -10.20 32.01 24.50
N PRO A 101 -9.81 32.98 23.66
CA PRO A 101 -8.99 34.11 24.10
C PRO A 101 -9.75 35.07 25.02
N SER A 102 -11.07 35.06 24.90
CA SER A 102 -11.93 35.93 25.72
C SER A 102 -11.61 35.75 27.20
N SER A 103 -11.73 36.83 27.96
CA SER A 103 -11.46 36.80 29.39
C SER A 103 -12.02 38.04 30.08
N GLY A 104 -12.34 37.90 31.36
CA GLY A 104 -12.89 39.01 32.12
C GLY A 104 -12.51 38.96 33.58
N GLY A 1 -16.03 -8.88 -25.06
CA GLY A 1 -16.16 -8.09 -23.85
C GLY A 1 -15.34 -8.63 -22.70
N SER A 2 -15.91 -8.63 -21.51
CA SER A 2 -15.22 -9.11 -20.32
C SER A 2 -14.04 -8.21 -19.96
N SER A 3 -14.26 -6.89 -20.06
CA SER A 3 -13.22 -5.92 -19.75
C SER A 3 -13.11 -5.69 -18.24
N GLY A 4 -14.20 -5.22 -17.65
CA GLY A 4 -14.22 -4.97 -16.22
C GLY A 4 -13.91 -3.52 -15.89
N SER A 5 -14.66 -2.60 -16.48
CA SER A 5 -14.45 -1.17 -16.24
C SER A 5 -14.11 -0.91 -14.78
N SER A 6 -13.02 -0.17 -14.56
CA SER A 6 -12.58 0.15 -13.21
C SER A 6 -12.49 1.67 -13.02
N GLY A 7 -12.44 2.09 -11.76
CA GLY A 7 -12.34 3.51 -11.46
C GLY A 7 -11.26 3.82 -10.44
N PRO A 8 -11.56 3.56 -9.17
CA PRO A 8 -10.62 3.81 -8.07
C PRO A 8 -9.44 2.84 -8.08
N GLU A 9 -8.33 3.25 -7.46
CA GLU A 9 -7.15 2.42 -7.40
C GLU A 9 -7.23 1.41 -6.25
N TYR A 10 -6.40 0.37 -6.32
CA TYR A 10 -6.38 -0.65 -5.29
C TYR A 10 -4.96 -0.88 -4.77
N SER A 11 -4.66 -0.28 -3.62
CA SER A 11 -3.34 -0.41 -3.02
C SER A 11 -3.43 -1.11 -1.66
N LEU A 12 -2.41 -1.89 -1.34
CA LEU A 12 -2.37 -2.63 -0.07
C LEU A 12 -1.31 -2.04 0.86
N PHE A 13 -1.55 -2.15 2.16
CA PHE A 13 -0.61 -1.64 3.15
C PHE A 13 0.31 -2.74 3.66
N VAL A 14 1.62 -2.50 3.60
CA VAL A 14 2.61 -3.47 4.04
C VAL A 14 3.45 -2.91 5.18
N GLY A 15 3.84 -3.78 6.10
CA GLY A 15 4.65 -3.36 7.23
C GLY A 15 5.76 -4.35 7.56
N ASP A 16 6.52 -4.05 8.60
CA ASP A 16 7.62 -4.93 9.02
C ASP A 16 8.55 -5.21 7.85
N LEU A 17 8.99 -4.16 7.17
CA LEU A 17 9.90 -4.31 6.04
C LEU A 17 11.34 -4.08 6.46
N THR A 18 12.17 -5.12 6.29
CA THR A 18 13.58 -5.03 6.65
C THR A 18 14.29 -3.96 5.84
N PRO A 19 15.35 -3.38 6.42
CA PRO A 19 16.14 -2.33 5.76
C PRO A 19 16.96 -2.88 4.59
N ASP A 20 16.85 -4.18 4.34
CA ASP A 20 17.57 -4.82 3.26
C ASP A 20 16.67 -5.00 2.04
N VAL A 21 15.42 -4.57 2.16
CA VAL A 21 14.46 -4.69 1.07
C VAL A 21 14.11 -3.32 0.50
N ASP A 22 13.83 -3.28 -0.81
CA ASP A 22 13.48 -2.03 -1.47
C ASP A 22 12.23 -2.22 -2.33
N ASP A 23 11.83 -1.15 -3.01
CA ASP A 23 10.65 -1.18 -3.87
C ASP A 23 10.84 -2.20 -5.00
N GLY A 24 12.06 -2.28 -5.53
CA GLY A 24 12.34 -3.21 -6.61
C GLY A 24 11.92 -4.62 -6.27
N MET A 25 11.90 -4.94 -4.99
CA MET A 25 11.51 -6.28 -4.54
C MET A 25 10.03 -6.33 -4.20
N LEU A 26 9.53 -5.27 -3.59
CA LEU A 26 8.12 -5.20 -3.21
C LEU A 26 7.22 -5.41 -4.42
N TYR A 27 7.71 -5.01 -5.58
CA TYR A 27 6.94 -5.15 -6.82
C TYR A 27 7.01 -6.58 -7.34
N GLU A 28 8.22 -7.01 -7.70
CA GLU A 28 8.43 -8.37 -8.21
C GLU A 28 7.85 -9.41 -7.25
N PHE A 29 7.98 -9.14 -5.95
CA PHE A 29 7.48 -10.04 -4.93
C PHE A 29 5.98 -10.29 -5.11
N PHE A 30 5.27 -9.26 -5.55
CA PHE A 30 3.83 -9.35 -5.76
C PHE A 30 3.51 -9.70 -7.21
N VAL A 31 3.89 -8.81 -8.12
CA VAL A 31 3.64 -9.02 -9.55
C VAL A 31 3.85 -10.48 -9.93
N LYS A 32 4.68 -11.16 -9.17
CA LYS A 32 4.97 -12.57 -9.43
C LYS A 32 3.77 -13.45 -9.09
N VAL A 33 3.35 -13.42 -7.82
CA VAL A 33 2.22 -14.20 -7.37
C VAL A 33 0.92 -13.68 -7.98
N TYR A 34 0.91 -12.41 -8.34
CA TYR A 34 -0.28 -11.80 -8.93
C TYR A 34 0.10 -10.92 -10.13
N PRO A 35 -0.30 -11.35 -11.33
CA PRO A 35 -0.01 -10.63 -12.57
C PRO A 35 -0.80 -9.32 -12.66
N SER A 36 -1.55 -9.00 -11.62
CA SER A 36 -2.35 -7.79 -11.59
C SER A 36 -1.72 -6.75 -10.66
N CYS A 37 -0.40 -6.81 -10.52
CA CYS A 37 0.32 -5.88 -9.67
C CYS A 37 0.75 -4.64 -10.45
N ARG A 38 0.35 -3.47 -9.95
CA ARG A 38 0.68 -2.21 -10.60
C ARG A 38 2.11 -1.79 -10.29
N GLY A 39 2.51 -1.95 -9.04
CA GLY A 39 3.86 -1.59 -8.63
C GLY A 39 4.02 -1.57 -7.12
N GLY A 40 5.26 -1.67 -6.66
CA GLY A 40 5.53 -1.67 -5.24
C GLY A 40 6.32 -0.45 -4.80
N LYS A 41 5.89 0.17 -3.70
CA LYS A 41 6.57 1.35 -3.18
C LYS A 41 6.85 1.19 -1.69
N VAL A 42 8.08 1.51 -1.29
CA VAL A 42 8.49 1.41 0.10
C VAL A 42 8.88 2.76 0.67
N VAL A 43 8.32 3.12 1.82
CA VAL A 43 8.62 4.39 2.46
C VAL A 43 10.00 4.38 3.08
N LEU A 44 10.68 5.53 3.04
CA LEU A 44 12.01 5.65 3.61
C LEU A 44 12.06 6.77 4.65
N ASP A 45 13.10 6.76 5.48
CA ASP A 45 13.27 7.76 6.52
C ASP A 45 14.15 8.90 6.01
N GLN A 46 14.40 9.87 6.89
CA GLN A 46 15.23 11.02 6.53
C GLN A 46 16.43 10.59 5.69
N THR A 47 17.25 9.71 6.26
CA THR A 47 18.44 9.23 5.57
C THR A 47 18.06 8.47 4.30
N GLY A 48 16.89 7.84 4.32
CA GLY A 48 16.43 7.09 3.16
C GLY A 48 16.29 5.60 3.44
N VAL A 49 16.59 5.21 4.68
CA VAL A 49 16.50 3.81 5.07
C VAL A 49 15.05 3.37 5.22
N SER A 50 14.75 2.16 4.80
CA SER A 50 13.40 1.62 4.88
C SER A 50 12.83 1.80 6.28
N LYS A 51 11.79 2.64 6.39
CA LYS A 51 11.15 2.90 7.68
C LYS A 51 10.62 1.60 8.29
N GLY A 52 10.23 0.66 7.43
CA GLY A 52 9.71 -0.60 7.92
C GLY A 52 8.29 -0.86 7.45
N TYR A 53 7.86 -0.12 6.43
CA TYR A 53 6.51 -0.27 5.89
C TYR A 53 6.41 0.36 4.51
N GLY A 54 5.32 0.08 3.81
CA GLY A 54 5.10 0.62 2.49
C GLY A 54 3.71 0.35 1.95
N PHE A 55 3.54 0.49 0.65
CA PHE A 55 2.25 0.25 0.01
C PHE A 55 2.43 -0.17 -1.45
N VAL A 56 1.62 -1.13 -1.88
CA VAL A 56 1.68 -1.63 -3.25
C VAL A 56 0.45 -1.22 -4.05
N LYS A 57 0.43 -1.56 -5.32
CA LYS A 57 -0.69 -1.23 -6.20
C LYS A 57 -1.12 -2.44 -7.03
N PHE A 58 -2.36 -2.43 -7.47
CA PHE A 58 -2.90 -3.53 -8.27
C PHE A 58 -3.93 -3.03 -9.26
N THR A 59 -4.09 -3.74 -10.38
CA THR A 59 -5.05 -3.36 -11.41
C THR A 59 -6.34 -4.13 -11.25
N ASP A 60 -6.27 -5.29 -10.62
CA ASP A 60 -7.44 -6.14 -10.40
C ASP A 60 -7.74 -6.27 -8.92
N GLU A 61 -8.75 -5.54 -8.45
CA GLU A 61 -9.15 -5.58 -7.05
C GLU A 61 -9.27 -7.01 -6.55
N LEU A 62 -9.95 -7.85 -7.34
CA LEU A 62 -10.15 -9.25 -6.98
C LEU A 62 -8.88 -9.84 -6.37
N GLU A 63 -7.74 -9.54 -6.99
CA GLU A 63 -6.46 -10.04 -6.50
C GLU A 63 -6.04 -9.32 -5.22
N GLN A 64 -6.28 -8.01 -5.18
CA GLN A 64 -5.92 -7.21 -4.01
C GLN A 64 -6.25 -7.96 -2.72
N LYS A 65 -7.53 -8.29 -2.54
CA LYS A 65 -7.97 -9.00 -1.35
C LYS A 65 -7.32 -10.38 -1.27
N ARG A 66 -7.30 -11.08 -2.40
CA ARG A 66 -6.70 -12.42 -2.45
C ARG A 66 -5.32 -12.43 -1.79
N ALA A 67 -4.53 -11.40 -2.08
CA ALA A 67 -3.19 -11.28 -1.50
C ALA A 67 -3.25 -11.02 -0.01
N LEU A 68 -4.12 -10.10 0.40
CA LEU A 68 -4.27 -9.77 1.81
C LEU A 68 -4.29 -11.02 2.68
N THR A 69 -4.99 -12.05 2.19
CA THR A 69 -5.09 -13.31 2.93
C THR A 69 -3.99 -14.28 2.49
N GLU A 70 -3.74 -14.34 1.19
CA GLU A 70 -2.73 -15.23 0.64
C GLU A 70 -1.33 -14.76 1.02
N CYS A 71 -0.96 -13.57 0.53
CA CYS A 71 0.35 -13.00 0.82
C CYS A 71 0.45 -12.56 2.27
N GLN A 72 -0.63 -12.75 3.02
CA GLN A 72 -0.67 -12.38 4.43
C GLN A 72 0.62 -12.80 5.14
N GLY A 73 1.22 -11.85 5.85
CA GLY A 73 2.45 -12.14 6.57
C GLY A 73 3.53 -12.69 5.66
N ALA A 74 3.55 -12.22 4.41
CA ALA A 74 4.54 -12.67 3.44
C ALA A 74 5.95 -12.62 4.03
N VAL A 75 6.59 -13.78 4.14
CA VAL A 75 7.93 -13.87 4.69
C VAL A 75 8.97 -13.83 3.59
N GLY A 76 8.62 -14.36 2.42
CA GLY A 76 9.53 -14.38 1.30
C GLY A 76 10.21 -13.06 1.08
N LEU A 77 9.51 -11.97 1.41
CA LEU A 77 10.06 -10.63 1.25
C LEU A 77 10.76 -10.17 2.53
N GLY A 78 12.07 -9.97 2.43
CA GLY A 78 12.85 -9.52 3.58
C GLY A 78 12.92 -10.58 4.66
N SER A 79 13.90 -10.45 5.55
CA SER A 79 14.07 -11.41 6.64
C SER A 79 12.85 -11.40 7.56
N LYS A 80 12.08 -10.33 7.50
CA LYS A 80 10.88 -10.21 8.33
C LYS A 80 9.62 -10.28 7.48
N PRO A 81 8.51 -10.73 8.10
CA PRO A 81 7.22 -10.85 7.42
C PRO A 81 6.61 -9.49 7.08
N VAL A 82 5.52 -9.51 6.31
CA VAL A 82 4.84 -8.28 5.92
C VAL A 82 3.36 -8.35 6.26
N ARG A 83 2.88 -7.36 7.01
CA ARG A 83 1.48 -7.31 7.40
C ARG A 83 0.65 -6.61 6.33
N LEU A 84 -0.22 -7.38 5.67
CA LEU A 84 -1.08 -6.84 4.62
C LEU A 84 -2.37 -6.28 5.22
N SER A 85 -2.81 -5.14 4.68
CA SER A 85 -4.04 -4.52 5.16
C SER A 85 -4.69 -3.69 4.05
N VAL A 86 -5.83 -3.09 4.36
CA VAL A 86 -6.55 -2.27 3.40
C VAL A 86 -6.31 -0.79 3.65
N ALA A 87 -5.36 -0.21 2.93
CA ALA A 87 -5.03 1.20 3.07
C ALA A 87 -6.01 2.08 2.30
N ILE A 88 -5.94 3.38 2.54
CA ILE A 88 -6.83 4.32 1.87
C ILE A 88 -6.11 5.62 1.55
N PRO A 89 -6.06 5.98 0.26
CA PRO A 89 -5.39 7.19 -0.21
C PRO A 89 -6.16 8.46 0.20
N LYS A 90 -7.47 8.40 0.09
CA LYS A 90 -8.32 9.53 0.45
C LYS A 90 -9.11 9.25 1.73
N ALA A 91 -8.40 9.22 2.86
CA ALA A 91 -9.02 8.97 4.14
C ALA A 91 -9.78 10.20 4.65
N SER A 92 -9.26 11.38 4.34
CA SER A 92 -9.88 12.62 4.76
C SER A 92 -10.71 13.22 3.63
N ARG A 93 -11.66 12.44 3.14
CA ARG A 93 -12.54 12.89 2.05
C ARG A 93 -13.85 13.44 2.60
N VAL A 94 -13.78 14.65 3.16
CA VAL A 94 -14.97 15.29 3.72
C VAL A 94 -15.32 16.56 2.95
N LYS A 95 -16.41 16.50 2.19
CA LYS A 95 -16.85 17.65 1.41
C LYS A 95 -18.36 17.86 1.56
N PRO A 96 -18.80 19.11 1.39
CA PRO A 96 -20.22 19.46 1.49
C PRO A 96 -21.05 18.91 0.34
N VAL A 97 -22.20 18.34 0.66
CA VAL A 97 -23.09 17.77 -0.35
C VAL A 97 -23.71 18.87 -1.22
N GLU A 98 -23.01 19.25 -2.28
CA GLU A 98 -23.49 20.28 -3.18
C GLU A 98 -24.43 19.70 -4.24
N SER A 99 -25.33 20.52 -4.75
CA SER A 99 -26.27 20.09 -5.77
C SER A 99 -26.61 21.22 -6.73
N GLY A 100 -27.20 20.87 -7.87
CA GLY A 100 -27.56 21.87 -8.85
C GLY A 100 -29.02 22.28 -8.75
N PRO A 101 -29.30 23.56 -9.05
CA PRO A 101 -30.66 24.10 -9.00
C PRO A 101 -31.54 23.56 -10.12
N SER A 102 -32.79 23.27 -9.79
CA SER A 102 -33.73 22.73 -10.76
C SER A 102 -35.13 23.34 -10.55
N SER A 103 -35.91 23.36 -11.62
CA SER A 103 -37.26 23.92 -11.57
C SER A 103 -38.24 22.90 -10.99
N GLY A 104 -39.21 23.40 -10.23
CA GLY A 104 -40.20 22.52 -9.63
C GLY A 104 -41.07 21.83 -10.67
N GLY A 1 -31.16 -1.93 -12.56
CA GLY A 1 -30.35 -2.91 -11.85
C GLY A 1 -29.11 -2.30 -11.25
N SER A 2 -28.15 -3.14 -10.89
CA SER A 2 -26.90 -2.69 -10.28
C SER A 2 -26.08 -1.88 -11.28
N SER A 3 -25.67 -0.68 -10.87
CA SER A 3 -24.88 0.20 -11.73
C SER A 3 -23.66 0.74 -10.99
N GLY A 4 -22.51 0.68 -11.64
CA GLY A 4 -21.28 1.17 -11.02
C GLY A 4 -20.12 1.22 -12.00
N SER A 5 -20.08 2.29 -12.80
CA SER A 5 -19.02 2.45 -13.78
C SER A 5 -17.91 3.36 -13.24
N SER A 6 -16.90 2.75 -12.62
CA SER A 6 -15.79 3.49 -12.06
C SER A 6 -14.56 2.61 -11.89
N GLY A 7 -13.38 3.17 -12.14
CA GLY A 7 -12.15 2.41 -12.01
C GLY A 7 -11.23 2.99 -10.95
N PRO A 8 -11.60 2.79 -9.67
CA PRO A 8 -10.81 3.29 -8.53
C PRO A 8 -9.51 2.53 -8.38
N GLU A 9 -8.50 3.21 -7.83
CA GLU A 9 -7.19 2.59 -7.62
C GLU A 9 -7.25 1.59 -6.47
N TYR A 10 -6.35 0.62 -6.50
CA TYR A 10 -6.29 -0.41 -5.47
C TYR A 10 -4.87 -0.57 -4.93
N SER A 11 -4.71 -0.42 -3.62
CA SER A 11 -3.40 -0.55 -2.98
C SER A 11 -3.51 -1.32 -1.68
N LEU A 12 -2.39 -1.86 -1.23
CA LEU A 12 -2.34 -2.62 0.02
C LEU A 12 -1.31 -2.06 0.98
N PHE A 13 -1.58 -2.16 2.27
CA PHE A 13 -0.66 -1.66 3.29
C PHE A 13 0.26 -2.77 3.78
N VAL A 14 1.56 -2.54 3.62
CA VAL A 14 2.56 -3.53 4.04
C VAL A 14 3.41 -2.99 5.19
N GLY A 15 3.80 -3.87 6.09
CA GLY A 15 4.62 -3.45 7.23
C GLY A 15 5.80 -4.39 7.46
N ASP A 16 6.52 -4.15 8.54
CA ASP A 16 7.68 -4.98 8.89
C ASP A 16 8.57 -5.18 7.67
N LEU A 17 8.92 -4.08 7.01
CA LEU A 17 9.77 -4.14 5.83
C LEU A 17 11.23 -3.88 6.19
N THR A 18 12.00 -4.96 6.32
CA THR A 18 13.41 -4.85 6.67
C THR A 18 14.11 -3.82 5.79
N PRO A 19 15.18 -3.21 6.34
CA PRO A 19 15.96 -2.20 5.63
C PRO A 19 16.77 -2.79 4.48
N ASP A 20 16.64 -4.10 4.28
CA ASP A 20 17.35 -4.80 3.22
C ASP A 20 16.45 -5.05 2.02
N VAL A 21 15.27 -4.43 2.03
CA VAL A 21 14.31 -4.58 0.94
C VAL A 21 13.98 -3.23 0.32
N ASP A 22 13.72 -3.24 -0.98
CA ASP A 22 13.37 -2.02 -1.71
C ASP A 22 12.15 -2.23 -2.59
N ASP A 23 11.73 -1.17 -3.27
CA ASP A 23 10.56 -1.24 -4.15
C ASP A 23 10.75 -2.33 -5.20
N GLY A 24 11.97 -2.45 -5.72
CA GLY A 24 12.25 -3.46 -6.73
C GLY A 24 11.76 -4.84 -6.33
N MET A 25 11.93 -5.17 -5.06
CA MET A 25 11.50 -6.47 -4.54
C MET A 25 10.01 -6.46 -4.21
N LEU A 26 9.56 -5.35 -3.63
CA LEU A 26 8.15 -5.22 -3.25
C LEU A 26 7.24 -5.40 -4.47
N TYR A 27 7.77 -5.07 -5.64
CA TYR A 27 7.00 -5.21 -6.88
C TYR A 27 7.03 -6.64 -7.39
N GLU A 28 8.23 -7.15 -7.66
CA GLU A 28 8.40 -8.51 -8.16
C GLU A 28 7.77 -9.52 -7.20
N PHE A 29 8.06 -9.36 -5.91
CA PHE A 29 7.53 -10.25 -4.89
C PHE A 29 6.01 -10.43 -5.06
N PHE A 30 5.35 -9.37 -5.51
CA PHE A 30 3.91 -9.40 -5.70
C PHE A 30 3.57 -9.75 -7.15
N VAL A 31 3.92 -8.85 -8.07
CA VAL A 31 3.65 -9.06 -9.49
C VAL A 31 3.82 -10.54 -9.86
N LYS A 32 4.71 -11.22 -9.16
CA LYS A 32 4.97 -12.63 -9.42
C LYS A 32 3.75 -13.48 -9.08
N VAL A 33 3.32 -13.42 -7.83
CA VAL A 33 2.15 -14.18 -7.38
C VAL A 33 0.87 -13.66 -8.04
N TYR A 34 0.82 -12.35 -8.27
CA TYR A 34 -0.34 -11.74 -8.90
C TYR A 34 0.07 -10.85 -10.07
N PRO A 35 -0.29 -11.27 -11.29
CA PRO A 35 0.03 -10.52 -12.50
C PRO A 35 -0.76 -9.22 -12.61
N SER A 36 -1.57 -8.94 -11.60
CA SER A 36 -2.38 -7.73 -11.58
C SER A 36 -1.72 -6.65 -10.73
N CYS A 37 -0.43 -6.80 -10.50
CA CYS A 37 0.32 -5.83 -9.70
C CYS A 37 0.71 -4.62 -10.53
N ARG A 38 0.48 -3.43 -9.98
CA ARG A 38 0.82 -2.19 -10.68
C ARG A 38 2.25 -1.76 -10.35
N GLY A 39 2.62 -1.88 -9.08
CA GLY A 39 3.96 -1.48 -8.67
C GLY A 39 4.10 -1.45 -7.16
N GLY A 40 5.32 -1.70 -6.68
CA GLY A 40 5.55 -1.69 -5.24
C GLY A 40 6.28 -0.44 -4.79
N LYS A 41 5.90 0.06 -3.61
CA LYS A 41 6.52 1.27 -3.07
C LYS A 41 6.81 1.10 -1.58
N VAL A 42 8.02 1.46 -1.17
CA VAL A 42 8.42 1.36 0.23
C VAL A 42 8.81 2.71 0.79
N VAL A 43 8.24 3.07 1.93
CA VAL A 43 8.53 4.34 2.57
C VAL A 43 9.92 4.35 3.19
N LEU A 44 10.60 5.49 3.11
CA LEU A 44 11.94 5.62 3.65
C LEU A 44 12.04 6.82 4.58
N ASP A 45 13.09 6.86 5.39
CA ASP A 45 13.31 7.96 6.33
C ASP A 45 14.27 8.99 5.75
N GLN A 46 14.62 9.99 6.56
CA GLN A 46 15.54 11.04 6.12
C GLN A 46 16.79 10.44 5.49
N THR A 47 17.38 9.47 6.17
CA THR A 47 18.59 8.81 5.68
C THR A 47 18.30 8.02 4.40
N GLY A 48 17.04 7.64 4.22
CA GLY A 48 16.65 6.89 3.04
C GLY A 48 16.60 5.40 3.29
N VAL A 49 16.44 5.03 4.56
CA VAL A 49 16.38 3.62 4.94
C VAL A 49 14.95 3.18 5.22
N SER A 50 14.54 2.07 4.62
CA SER A 50 13.19 1.55 4.81
C SER A 50 12.73 1.72 6.25
N LYS A 51 11.68 2.52 6.44
CA LYS A 51 11.14 2.77 7.77
C LYS A 51 10.60 1.49 8.39
N GLY A 52 10.17 0.57 7.55
CA GLY A 52 9.65 -0.70 8.03
C GLY A 52 8.24 -0.98 7.53
N TYR A 53 7.82 -0.22 6.52
CA TYR A 53 6.48 -0.38 5.96
C TYR A 53 6.39 0.26 4.58
N GLY A 54 5.29 0.01 3.89
CA GLY A 54 5.11 0.58 2.56
C GLY A 54 3.71 0.32 2.02
N PHE A 55 3.56 0.44 0.70
CA PHE A 55 2.28 0.22 0.05
C PHE A 55 2.46 -0.21 -1.40
N VAL A 56 1.59 -1.11 -1.86
CA VAL A 56 1.66 -1.61 -3.22
C VAL A 56 0.42 -1.20 -4.02
N LYS A 57 0.34 -1.66 -5.26
CA LYS A 57 -0.78 -1.35 -6.14
C LYS A 57 -1.17 -2.55 -6.98
N PHE A 58 -2.43 -2.61 -7.37
CA PHE A 58 -2.94 -3.71 -8.18
C PHE A 58 -4.03 -3.23 -9.15
N THR A 59 -3.87 -3.56 -10.43
CA THR A 59 -4.82 -3.16 -11.44
C THR A 59 -6.17 -3.85 -11.23
N ASP A 60 -6.19 -4.85 -10.37
CA ASP A 60 -7.40 -5.60 -10.08
C ASP A 60 -7.67 -5.63 -8.57
N GLU A 61 -8.92 -5.38 -8.20
CA GLU A 61 -9.30 -5.38 -6.79
C GLU A 61 -9.48 -6.81 -6.28
N LEU A 62 -9.97 -7.69 -7.15
CA LEU A 62 -10.19 -9.09 -6.79
C LEU A 62 -8.92 -9.71 -6.22
N GLU A 63 -7.86 -9.72 -7.02
CA GLU A 63 -6.59 -10.29 -6.59
C GLU A 63 -5.99 -9.48 -5.44
N GLN A 64 -6.14 -8.16 -5.51
CA GLN A 64 -5.62 -7.28 -4.48
C GLN A 64 -6.00 -7.77 -3.09
N LYS A 65 -7.25 -8.21 -2.95
CA LYS A 65 -7.74 -8.71 -1.67
C LYS A 65 -7.24 -10.14 -1.42
N ARG A 66 -6.98 -10.87 -2.50
CA ARG A 66 -6.51 -12.23 -2.40
C ARG A 66 -5.13 -12.28 -1.74
N ALA A 67 -4.29 -11.30 -2.06
CA ALA A 67 -2.95 -11.23 -1.51
C ALA A 67 -2.99 -10.98 0.01
N LEU A 68 -3.95 -10.18 0.44
CA LEU A 68 -4.10 -9.86 1.85
C LEU A 68 -4.15 -11.13 2.70
N THR A 69 -4.87 -12.14 2.21
CA THR A 69 -4.99 -13.41 2.91
C THR A 69 -3.91 -14.39 2.47
N GLU A 70 -3.58 -14.36 1.18
CA GLU A 70 -2.56 -15.24 0.63
C GLU A 70 -1.16 -14.77 1.01
N CYS A 71 -0.81 -13.57 0.55
CA CYS A 71 0.51 -13.01 0.84
C CYS A 71 0.60 -12.59 2.31
N GLN A 72 -0.47 -12.80 3.05
CA GLN A 72 -0.51 -12.44 4.46
C GLN A 72 0.79 -12.83 5.16
N GLY A 73 1.31 -11.92 5.99
CA GLY A 73 2.53 -12.19 6.70
C GLY A 73 3.61 -12.78 5.81
N ALA A 74 3.58 -12.42 4.53
CA ALA A 74 4.55 -12.92 3.56
C ALA A 74 5.98 -12.75 4.09
N VAL A 75 6.64 -13.87 4.37
CA VAL A 75 8.00 -13.84 4.89
C VAL A 75 9.01 -13.81 3.74
N GLY A 76 8.67 -14.48 2.64
CA GLY A 76 9.56 -14.51 1.49
C GLY A 76 10.18 -13.16 1.19
N LEU A 77 9.45 -12.10 1.50
CA LEU A 77 9.93 -10.74 1.26
C LEU A 77 10.68 -10.21 2.48
N GLY A 78 11.99 -10.08 2.34
CA GLY A 78 12.81 -9.58 3.44
C GLY A 78 12.94 -10.58 4.56
N SER A 79 13.85 -10.31 5.50
CA SER A 79 14.07 -11.19 6.63
C SER A 79 12.86 -11.23 7.54
N LYS A 80 12.05 -10.17 7.48
CA LYS A 80 10.86 -10.07 8.31
C LYS A 80 9.60 -10.20 7.46
N PRO A 81 8.50 -10.62 8.09
CA PRO A 81 7.21 -10.78 7.40
C PRO A 81 6.59 -9.45 7.01
N VAL A 82 5.39 -9.51 6.44
CA VAL A 82 4.68 -8.31 6.01
C VAL A 82 3.22 -8.35 6.44
N ARG A 83 2.76 -7.29 7.10
CA ARG A 83 1.39 -7.20 7.56
C ARG A 83 0.51 -6.51 6.52
N LEU A 84 -0.13 -7.32 5.67
CA LEU A 84 -1.00 -6.78 4.63
C LEU A 84 -2.30 -6.24 5.22
N SER A 85 -2.90 -5.27 4.53
CA SER A 85 -4.14 -4.66 4.99
C SER A 85 -4.77 -3.82 3.89
N VAL A 86 -5.93 -3.25 4.19
CA VAL A 86 -6.64 -2.41 3.22
C VAL A 86 -6.48 -0.93 3.55
N ALA A 87 -5.57 -0.26 2.85
CA ALA A 87 -5.32 1.15 3.07
C ALA A 87 -6.39 2.01 2.39
N ILE A 88 -6.84 3.04 3.09
CA ILE A 88 -7.86 3.93 2.55
C ILE A 88 -7.61 5.38 2.96
N PRO A 89 -7.52 6.27 1.96
CA PRO A 89 -7.28 7.70 2.20
C PRO A 89 -8.46 8.39 2.85
N LYS A 90 -8.45 9.72 2.85
CA LYS A 90 -9.53 10.50 3.44
C LYS A 90 -10.88 10.08 2.87
N ALA A 91 -11.77 9.63 3.76
CA ALA A 91 -13.11 9.20 3.34
C ALA A 91 -14.16 10.26 3.67
N SER A 92 -14.08 10.79 4.89
CA SER A 92 -15.04 11.81 5.33
C SER A 92 -14.42 12.67 6.42
N ARG A 93 -15.07 13.80 6.71
CA ARG A 93 -14.59 14.72 7.73
C ARG A 93 -13.09 14.95 7.60
N VAL A 94 -12.62 15.05 6.36
CA VAL A 94 -11.20 15.28 6.10
C VAL A 94 -10.66 16.43 6.93
N LYS A 95 -11.56 17.32 7.36
CA LYS A 95 -11.18 18.48 8.16
C LYS A 95 -12.41 19.22 8.66
N PRO A 96 -12.33 19.75 9.89
CA PRO A 96 -13.42 20.51 10.49
C PRO A 96 -13.65 21.86 9.82
N VAL A 97 -14.91 22.24 9.67
CA VAL A 97 -15.26 23.50 9.03
C VAL A 97 -16.55 24.07 9.62
N GLU A 98 -16.42 25.15 10.38
CA GLU A 98 -17.58 25.79 11.00
C GLU A 98 -17.52 27.30 10.83
N SER A 99 -18.54 27.87 10.21
CA SER A 99 -18.61 29.30 9.99
C SER A 99 -19.98 29.85 10.36
N GLY A 100 -19.98 30.95 11.12
CA GLY A 100 -21.24 31.56 11.53
C GLY A 100 -21.40 31.58 13.03
N PRO A 101 -22.14 32.57 13.55
CA PRO A 101 -22.40 32.73 14.97
C PRO A 101 -23.30 31.63 15.53
N SER A 102 -22.98 31.14 16.72
CA SER A 102 -23.77 30.09 17.36
C SER A 102 -25.07 30.65 17.91
N SER A 103 -24.98 31.77 18.62
CA SER A 103 -26.16 32.40 19.21
C SER A 103 -27.16 31.35 19.67
N GLY A 104 -26.67 30.32 20.34
CA GLY A 104 -27.54 29.26 20.82
C GLY A 104 -27.74 28.16 19.79
N GLY A 1 -21.60 -2.66 -13.43
CA GLY A 1 -22.11 -4.00 -13.65
C GLY A 1 -21.30 -4.76 -14.68
N SER A 2 -20.96 -4.09 -15.77
CA SER A 2 -20.19 -4.71 -16.85
C SER A 2 -18.80 -4.08 -16.95
N SER A 3 -18.18 -3.81 -15.81
CA SER A 3 -16.85 -3.21 -15.78
C SER A 3 -16.74 -2.12 -16.83
N GLY A 4 -17.79 -1.32 -16.97
CA GLY A 4 -17.77 -0.24 -17.95
C GLY A 4 -17.10 1.01 -17.42
N SER A 5 -17.53 1.46 -16.25
CA SER A 5 -16.97 2.66 -15.64
C SER A 5 -15.97 2.30 -14.54
N SER A 6 -14.68 2.41 -14.86
CA SER A 6 -13.63 2.09 -13.90
C SER A 6 -13.88 2.79 -12.57
N GLY A 7 -13.22 2.31 -11.52
CA GLY A 7 -13.37 2.89 -10.20
C GLY A 7 -12.06 3.35 -9.61
N PRO A 8 -12.01 3.44 -8.28
CA PRO A 8 -10.80 3.88 -7.55
C PRO A 8 -9.69 2.85 -7.63
N GLU A 9 -8.46 3.29 -7.42
CA GLU A 9 -7.30 2.41 -7.46
C GLU A 9 -7.35 1.41 -6.31
N TYR A 10 -6.51 0.37 -6.40
CA TYR A 10 -6.46 -0.66 -5.38
C TYR A 10 -5.05 -0.82 -4.83
N SER A 11 -4.80 -0.23 -3.66
CA SER A 11 -3.49 -0.30 -3.03
C SER A 11 -3.57 -1.00 -1.68
N LEU A 12 -2.53 -1.72 -1.32
CA LEU A 12 -2.47 -2.44 -0.05
C LEU A 12 -1.41 -1.85 0.87
N PHE A 13 -1.61 -2.00 2.17
CA PHE A 13 -0.66 -1.49 3.15
C PHE A 13 0.23 -2.61 3.68
N VAL A 14 1.55 -2.42 3.53
CA VAL A 14 2.51 -3.41 4.00
C VAL A 14 3.36 -2.86 5.14
N GLY A 15 3.73 -3.73 6.08
CA GLY A 15 4.53 -3.32 7.21
C GLY A 15 5.66 -4.28 7.50
N ASP A 16 6.42 -4.01 8.56
CA ASP A 16 7.54 -4.87 8.94
C ASP A 16 8.43 -5.16 7.74
N LEU A 17 8.85 -4.11 7.05
CA LEU A 17 9.71 -4.26 5.88
C LEU A 17 11.17 -4.02 6.24
N THR A 18 11.94 -5.10 6.31
CA THR A 18 13.35 -5.01 6.64
C THR A 18 14.06 -3.96 5.78
N PRO A 19 15.11 -3.36 6.34
CA PRO A 19 15.90 -2.33 5.64
C PRO A 19 16.71 -2.90 4.49
N ASP A 20 16.56 -4.20 4.25
CA ASP A 20 17.28 -4.87 3.18
C ASP A 20 16.40 -5.01 1.94
N VAL A 21 15.11 -4.77 2.11
CA VAL A 21 14.16 -4.86 1.00
C VAL A 21 13.87 -3.50 0.40
N ASP A 22 13.89 -3.41 -0.92
CA ASP A 22 13.62 -2.16 -1.61
C ASP A 22 12.42 -2.29 -2.55
N ASP A 23 12.03 -1.19 -3.18
CA ASP A 23 10.91 -1.19 -4.09
C ASP A 23 11.08 -2.25 -5.17
N GLY A 24 12.29 -2.34 -5.72
CA GLY A 24 12.57 -3.31 -6.75
C GLY A 24 12.11 -4.71 -6.37
N MET A 25 12.09 -4.99 -5.08
CA MET A 25 11.68 -6.29 -4.59
C MET A 25 10.16 -6.34 -4.38
N LEU A 26 9.66 -5.45 -3.53
CA LEU A 26 8.23 -5.39 -3.25
C LEU A 26 7.41 -5.58 -4.53
N TYR A 27 7.87 -4.97 -5.61
CA TYR A 27 7.18 -5.07 -6.89
C TYR A 27 7.16 -6.52 -7.39
N GLU A 28 8.34 -7.04 -7.72
CA GLU A 28 8.45 -8.41 -8.20
C GLU A 28 7.78 -9.39 -7.24
N PHE A 29 8.20 -9.35 -5.98
CA PHE A 29 7.63 -10.23 -4.96
C PHE A 29 6.12 -10.35 -5.12
N PHE A 30 5.50 -9.27 -5.58
CA PHE A 30 4.05 -9.24 -5.77
C PHE A 30 3.69 -9.58 -7.21
N VAL A 31 4.05 -8.69 -8.13
CA VAL A 31 3.76 -8.90 -9.55
C VAL A 31 3.93 -10.36 -9.93
N LYS A 32 4.79 -11.07 -9.20
CA LYS A 32 5.03 -12.49 -9.47
C LYS A 32 3.80 -13.32 -9.15
N VAL A 33 3.34 -13.24 -7.90
CA VAL A 33 2.16 -13.99 -7.47
C VAL A 33 0.89 -13.41 -8.07
N TYR A 34 0.88 -12.10 -8.28
CA TYR A 34 -0.28 -11.43 -8.85
C TYR A 34 0.13 -10.59 -10.06
N PRO A 35 -0.26 -11.07 -11.26
CA PRO A 35 0.04 -10.38 -12.52
C PRO A 35 -0.74 -9.08 -12.67
N SER A 36 -1.51 -8.73 -11.65
CA SER A 36 -2.31 -7.51 -11.67
C SER A 36 -1.57 -6.37 -10.99
N CYS A 37 -0.47 -6.70 -10.31
CA CYS A 37 0.32 -5.70 -9.61
C CYS A 37 0.79 -4.61 -10.57
N ARG A 38 0.81 -3.37 -10.07
CA ARG A 38 1.22 -2.24 -10.88
C ARG A 38 2.63 -1.78 -10.50
N GLY A 39 2.96 -1.91 -9.21
CA GLY A 39 4.26 -1.50 -8.74
C GLY A 39 4.33 -1.42 -7.22
N GLY A 40 5.49 -1.75 -6.67
CA GLY A 40 5.66 -1.70 -5.22
C GLY A 40 6.29 -0.41 -4.76
N LYS A 41 5.80 0.14 -3.65
CA LYS A 41 6.32 1.38 -3.10
C LYS A 41 6.73 1.20 -1.64
N VAL A 42 7.97 1.58 -1.32
CA VAL A 42 8.47 1.47 0.04
C VAL A 42 8.82 2.83 0.61
N VAL A 43 8.52 3.02 1.90
CA VAL A 43 8.81 4.28 2.57
C VAL A 43 10.18 4.25 3.25
N LEU A 44 10.84 5.40 3.25
CA LEU A 44 12.17 5.50 3.87
C LEU A 44 12.18 6.60 4.93
N ASP A 45 13.34 6.77 5.57
CA ASP A 45 13.49 7.79 6.60
C ASP A 45 14.37 8.93 6.12
N GLN A 46 14.59 9.91 6.99
CA GLN A 46 15.42 11.07 6.65
C GLN A 46 16.78 10.62 6.12
N THR A 47 17.15 9.38 6.42
CA THR A 47 18.43 8.84 5.98
C THR A 47 18.29 8.09 4.65
N GLY A 48 17.09 7.57 4.40
CA GLY A 48 16.84 6.84 3.18
C GLY A 48 16.72 5.34 3.39
N VAL A 49 16.50 4.95 4.65
CA VAL A 49 16.37 3.55 5.00
C VAL A 49 14.90 3.15 5.14
N SER A 50 14.56 1.97 4.64
CA SER A 50 13.19 1.47 4.71
C SER A 50 12.64 1.60 6.13
N LYS A 51 11.84 2.63 6.38
CA LYS A 51 11.26 2.85 7.69
C LYS A 51 10.74 1.55 8.28
N GLY A 52 10.21 0.69 7.43
CA GLY A 52 9.68 -0.58 7.89
C GLY A 52 8.27 -0.84 7.41
N TYR A 53 7.85 -0.09 6.40
CA TYR A 53 6.50 -0.24 5.85
C TYR A 53 6.42 0.37 4.45
N GLY A 54 5.30 0.14 3.78
CA GLY A 54 5.10 0.67 2.44
C GLY A 54 3.71 0.42 1.91
N PHE A 55 3.55 0.55 0.60
CA PHE A 55 2.25 0.33 -0.03
C PHE A 55 2.42 -0.09 -1.49
N VAL A 56 1.53 -0.95 -1.96
CA VAL A 56 1.57 -1.44 -3.34
C VAL A 56 0.31 -1.07 -4.09
N LYS A 57 0.23 -1.51 -5.35
CA LYS A 57 -0.93 -1.22 -6.18
C LYS A 57 -1.28 -2.42 -7.07
N PHE A 58 -2.53 -2.50 -7.50
CA PHE A 58 -2.98 -3.59 -8.34
C PHE A 58 -4.03 -3.11 -9.34
N THR A 59 -4.27 -3.90 -10.38
CA THR A 59 -5.25 -3.56 -11.40
C THR A 59 -6.56 -4.32 -11.18
N ASP A 60 -6.48 -5.41 -10.43
CA ASP A 60 -7.66 -6.21 -10.15
C ASP A 60 -7.97 -6.22 -8.65
N GLU A 61 -9.17 -5.76 -8.31
CA GLU A 61 -9.59 -5.71 -6.91
C GLU A 61 -9.73 -7.11 -6.33
N LEU A 62 -10.13 -8.05 -7.17
CA LEU A 62 -10.31 -9.44 -6.75
C LEU A 62 -9.00 -10.00 -6.18
N GLU A 63 -7.89 -9.66 -6.83
CA GLU A 63 -6.58 -10.14 -6.39
C GLU A 63 -6.10 -9.36 -5.17
N GLN A 64 -6.38 -8.05 -5.16
CA GLN A 64 -5.99 -7.20 -4.04
C GLN A 64 -6.29 -7.87 -2.70
N LYS A 65 -7.51 -8.37 -2.57
CA LYS A 65 -7.93 -9.03 -1.34
C LYS A 65 -7.29 -10.41 -1.22
N ARG A 66 -7.15 -11.11 -2.35
CA ARG A 66 -6.54 -12.43 -2.35
C ARG A 66 -5.15 -12.40 -1.75
N ALA A 67 -4.44 -11.29 -1.96
CA ALA A 67 -3.09 -11.14 -1.43
C ALA A 67 -3.12 -10.94 0.09
N LEU A 68 -4.00 -10.06 0.56
CA LEU A 68 -4.13 -9.79 1.98
C LEU A 68 -4.11 -11.07 2.79
N THR A 69 -4.78 -12.10 2.28
CA THR A 69 -4.84 -13.38 2.96
C THR A 69 -3.73 -14.32 2.46
N GLU A 70 -3.52 -14.33 1.15
CA GLU A 70 -2.49 -15.18 0.56
C GLU A 70 -1.10 -14.68 0.94
N CYS A 71 -0.75 -13.49 0.48
CA CYS A 71 0.56 -12.90 0.76
C CYS A 71 0.66 -12.51 2.24
N GLN A 72 -0.41 -12.73 2.98
CA GLN A 72 -0.44 -12.39 4.40
C GLN A 72 0.86 -12.81 5.08
N GLY A 73 1.32 -11.98 6.01
CA GLY A 73 2.55 -12.28 6.72
C GLY A 73 3.58 -12.96 5.84
N ALA A 74 3.59 -12.58 4.56
CA ALA A 74 4.54 -13.17 3.61
C ALA A 74 5.98 -12.94 4.05
N VAL A 75 6.65 -14.01 4.45
CA VAL A 75 8.04 -13.93 4.90
C VAL A 75 8.99 -13.85 3.72
N GLY A 76 8.64 -14.52 2.63
CA GLY A 76 9.48 -14.51 1.45
C GLY A 76 10.14 -13.17 1.21
N LEU A 77 9.41 -12.09 1.51
CA LEU A 77 9.93 -10.74 1.34
C LEU A 77 10.59 -10.24 2.61
N GLY A 78 11.90 -10.01 2.54
CA GLY A 78 12.62 -9.53 3.71
C GLY A 78 12.70 -10.56 4.81
N SER A 79 13.80 -10.54 5.56
CA SER A 79 14.00 -11.49 6.65
C SER A 79 12.80 -11.50 7.59
N LYS A 80 12.02 -10.42 7.54
CA LYS A 80 10.84 -10.30 8.39
C LYS A 80 9.56 -10.40 7.55
N PRO A 81 8.46 -10.80 8.20
CA PRO A 81 7.16 -10.94 7.54
C PRO A 81 6.56 -9.61 7.14
N VAL A 82 5.46 -9.66 6.39
CA VAL A 82 4.79 -8.44 5.94
C VAL A 82 3.32 -8.45 6.32
N ARG A 83 2.88 -7.38 6.99
CA ARG A 83 1.50 -7.27 7.42
C ARG A 83 0.65 -6.57 6.35
N LEU A 84 -0.21 -7.34 5.69
CA LEU A 84 -1.07 -6.80 4.64
C LEU A 84 -2.35 -6.21 5.25
N SER A 85 -2.81 -5.11 4.67
CA SER A 85 -4.02 -4.44 5.14
C SER A 85 -4.69 -3.66 4.02
N VAL A 86 -5.89 -3.16 4.29
CA VAL A 86 -6.63 -2.38 3.30
C VAL A 86 -6.52 -0.88 3.58
N ALA A 87 -5.65 -0.21 2.84
CA ALA A 87 -5.45 1.23 3.01
C ALA A 87 -6.51 2.02 2.25
N ILE A 88 -6.98 3.09 2.87
CA ILE A 88 -8.00 3.94 2.26
C ILE A 88 -7.49 5.36 2.06
N PRO A 89 -7.49 5.82 0.79
CA PRO A 89 -7.03 7.17 0.45
C PRO A 89 -7.98 8.25 0.94
N LYS A 90 -9.04 7.84 1.63
CA LYS A 90 -10.02 8.77 2.16
C LYS A 90 -9.84 8.97 3.65
N ALA A 91 -9.58 7.88 4.36
CA ALA A 91 -9.37 7.94 5.80
C ALA A 91 -8.40 9.06 6.17
N SER A 92 -8.77 9.83 7.20
CA SER A 92 -7.93 10.94 7.65
C SER A 92 -7.06 10.52 8.82
N ARG A 93 -5.87 10.03 8.52
CA ARG A 93 -4.93 9.59 9.55
C ARG A 93 -3.94 10.69 9.90
N VAL A 94 -4.42 11.70 10.63
CA VAL A 94 -3.58 12.82 11.03
C VAL A 94 -3.42 12.86 12.55
N LYS A 95 -2.22 12.50 13.02
CA LYS A 95 -1.93 12.50 14.44
C LYS A 95 -1.95 13.91 15.01
N PRO A 96 -2.47 14.06 16.24
CA PRO A 96 -2.55 15.35 16.91
C PRO A 96 -1.19 15.89 17.32
N VAL A 97 -1.12 17.19 17.61
CA VAL A 97 0.12 17.82 18.01
C VAL A 97 -0.09 18.75 19.21
N GLU A 98 0.44 18.34 20.36
CA GLU A 98 0.30 19.13 21.58
C GLU A 98 1.62 19.18 22.34
N SER A 99 2.15 20.38 22.55
CA SER A 99 3.40 20.56 23.25
C SER A 99 3.32 19.98 24.66
N GLY A 100 2.32 20.42 25.41
CA GLY A 100 2.15 19.93 26.77
C GLY A 100 3.43 20.01 27.58
N PRO A 101 3.82 21.23 27.97
CA PRO A 101 5.03 21.46 28.75
C PRO A 101 4.90 20.95 30.18
N SER A 102 5.75 19.99 30.53
CA SER A 102 5.74 19.41 31.87
C SER A 102 6.66 20.17 32.81
N SER A 103 6.58 19.86 34.10
CA SER A 103 7.40 20.52 35.10
C SER A 103 7.55 19.65 36.35
N GLY A 104 8.66 19.82 37.06
CA GLY A 104 8.90 19.05 38.26
C GLY A 104 9.07 19.93 39.49
N GLY A 1 -20.68 -2.16 -19.29
CA GLY A 1 -19.56 -3.04 -19.57
C GLY A 1 -18.22 -2.44 -19.17
N SER A 2 -17.30 -2.35 -20.13
CA SER A 2 -15.98 -1.80 -19.87
C SER A 2 -15.75 -0.54 -20.69
N SER A 3 -15.12 0.46 -20.08
CA SER A 3 -14.84 1.72 -20.76
C SER A 3 -13.41 1.74 -21.29
N GLY A 4 -12.46 1.40 -20.42
CA GLY A 4 -11.06 1.40 -20.82
C GLY A 4 -10.13 1.75 -19.67
N SER A 5 -9.80 3.02 -19.56
CA SER A 5 -8.90 3.49 -18.50
C SER A 5 -9.64 4.42 -17.54
N SER A 6 -10.30 3.85 -16.54
CA SER A 6 -11.05 4.62 -15.56
C SER A 6 -11.55 3.72 -14.43
N GLY A 7 -11.42 4.21 -13.20
CA GLY A 7 -11.86 3.44 -12.05
C GLY A 7 -11.02 3.69 -10.82
N PRO A 8 -11.49 3.22 -9.66
CA PRO A 8 -10.78 3.38 -8.38
C PRO A 8 -9.52 2.54 -8.31
N GLU A 9 -8.52 3.04 -7.60
CA GLU A 9 -7.25 2.32 -7.46
C GLU A 9 -7.33 1.29 -6.34
N TYR A 10 -6.41 0.35 -6.34
CA TYR A 10 -6.37 -0.70 -5.33
C TYR A 10 -4.97 -0.86 -4.75
N SER A 11 -4.71 -0.16 -3.65
CA SER A 11 -3.40 -0.23 -3.01
C SER A 11 -3.50 -0.92 -1.64
N LEU A 12 -2.44 -1.63 -1.27
CA LEU A 12 -2.40 -2.35 0.00
C LEU A 12 -1.32 -1.77 0.91
N PHE A 13 -1.50 -1.97 2.21
CA PHE A 13 -0.54 -1.48 3.20
C PHE A 13 0.31 -2.61 3.74
N VAL A 14 1.63 -2.43 3.69
CA VAL A 14 2.56 -3.45 4.18
C VAL A 14 3.38 -2.92 5.35
N GLY A 15 3.86 -3.83 6.19
CA GLY A 15 4.66 -3.44 7.34
C GLY A 15 5.79 -4.41 7.62
N ASP A 16 6.59 -4.10 8.63
CA ASP A 16 7.72 -4.95 9.00
C ASP A 16 8.61 -5.22 7.80
N LEU A 17 8.98 -4.16 7.10
CA LEU A 17 9.84 -4.29 5.92
C LEU A 17 11.30 -4.03 6.27
N THR A 18 12.08 -5.10 6.38
CA THR A 18 13.49 -5.00 6.71
C THR A 18 14.18 -3.93 5.88
N PRO A 19 15.21 -3.30 6.44
CA PRO A 19 15.97 -2.25 5.76
C PRO A 19 16.81 -2.81 4.61
N ASP A 20 16.69 -4.10 4.35
CA ASP A 20 17.43 -4.75 3.27
C ASP A 20 16.52 -5.03 2.08
N VAL A 21 15.37 -4.36 2.06
CA VAL A 21 14.41 -4.54 0.97
C VAL A 21 13.97 -3.20 0.41
N ASP A 22 13.79 -3.14 -0.91
CA ASP A 22 13.37 -1.91 -1.57
C ASP A 22 12.17 -2.18 -2.48
N ASP A 23 11.73 -1.14 -3.18
CA ASP A 23 10.59 -1.25 -4.08
C ASP A 23 10.85 -2.31 -5.15
N GLY A 24 12.01 -2.25 -5.77
CA GLY A 24 12.36 -3.20 -6.80
C GLY A 24 11.96 -4.62 -6.44
N MET A 25 12.06 -4.95 -5.15
CA MET A 25 11.70 -6.28 -4.68
C MET A 25 10.21 -6.37 -4.38
N LEU A 26 9.68 -5.36 -3.69
CA LEU A 26 8.27 -5.33 -3.35
C LEU A 26 7.40 -5.51 -4.59
N TYR A 27 7.87 -5.00 -5.72
CA TYR A 27 7.14 -5.11 -6.98
C TYR A 27 7.10 -6.55 -7.46
N GLU A 28 8.27 -7.12 -7.73
CA GLU A 28 8.38 -8.49 -8.20
C GLU A 28 7.73 -9.45 -7.20
N PHE A 29 8.13 -9.35 -5.95
CA PHE A 29 7.59 -10.21 -4.90
C PHE A 29 6.08 -10.34 -5.02
N PHE A 30 5.44 -9.28 -5.51
CA PHE A 30 3.99 -9.27 -5.67
C PHE A 30 3.61 -9.65 -7.10
N VAL A 31 3.94 -8.78 -8.05
CA VAL A 31 3.64 -9.01 -9.45
C VAL A 31 3.78 -10.49 -9.81
N LYS A 32 4.68 -11.17 -9.10
CA LYS A 32 4.92 -12.59 -9.33
C LYS A 32 3.70 -13.41 -8.96
N VAL A 33 3.27 -13.31 -7.71
CA VAL A 33 2.11 -14.04 -7.23
C VAL A 33 0.83 -13.55 -7.89
N TYR A 34 0.79 -12.25 -8.19
CA TYR A 34 -0.37 -11.65 -8.82
C TYR A 34 0.03 -10.84 -10.05
N PRO A 35 -0.39 -11.31 -11.23
CA PRO A 35 -0.09 -10.64 -12.50
C PRO A 35 -0.83 -9.32 -12.65
N SER A 36 -1.61 -8.97 -11.64
CA SER A 36 -2.38 -7.72 -11.66
C SER A 36 -1.76 -6.68 -10.74
N CYS A 37 -0.43 -6.69 -10.67
CA CYS A 37 0.29 -5.75 -9.82
C CYS A 37 0.80 -4.56 -10.64
N ARG A 38 0.68 -3.37 -10.07
CA ARG A 38 1.12 -2.15 -10.74
C ARG A 38 2.55 -1.80 -10.35
N GLY A 39 2.88 -2.01 -9.07
CA GLY A 39 4.21 -1.71 -8.60
C GLY A 39 4.26 -1.54 -7.09
N GLY A 40 5.33 -2.03 -6.47
CA GLY A 40 5.47 -1.92 -5.03
C GLY A 40 6.19 -0.65 -4.62
N LYS A 41 5.69 -0.01 -3.56
CA LYS A 41 6.28 1.23 -3.06
C LYS A 41 6.70 1.08 -1.59
N VAL A 42 7.95 1.42 -1.30
CA VAL A 42 8.47 1.33 0.06
C VAL A 42 8.81 2.70 0.61
N VAL A 43 8.41 2.94 1.85
CA VAL A 43 8.68 4.22 2.51
C VAL A 43 10.07 4.25 3.12
N LEU A 44 10.71 5.42 3.11
CA LEU A 44 12.04 5.57 3.67
C LEU A 44 12.08 6.71 4.68
N ASP A 45 13.25 6.95 5.25
CA ASP A 45 13.42 8.02 6.23
C ASP A 45 14.44 9.06 5.75
N GLN A 46 14.73 10.03 6.59
CA GLN A 46 15.68 11.08 6.24
C GLN A 46 16.85 10.50 5.44
N THR A 47 17.59 9.59 6.06
CA THR A 47 18.74 8.97 5.41
C THR A 47 18.32 8.21 4.15
N GLY A 48 17.06 7.80 4.11
CA GLY A 48 16.54 7.08 2.95
C GLY A 48 16.38 5.59 3.23
N VAL A 49 16.63 5.19 4.47
CA VAL A 49 16.50 3.79 4.86
C VAL A 49 15.03 3.40 5.04
N SER A 50 14.71 2.16 4.69
CA SER A 50 13.35 1.66 4.81
C SER A 50 12.85 1.79 6.24
N LYS A 51 11.85 2.64 6.44
CA LYS A 51 11.28 2.85 7.76
C LYS A 51 10.78 1.54 8.36
N GLY A 52 10.32 0.64 7.50
CA GLY A 52 9.82 -0.65 7.95
C GLY A 52 8.42 -0.92 7.49
N TYR A 53 7.97 -0.19 6.48
CA TYR A 53 6.63 -0.36 5.94
C TYR A 53 6.51 0.27 4.55
N GLY A 54 5.36 0.09 3.91
CA GLY A 54 5.15 0.64 2.58
C GLY A 54 3.75 0.35 2.05
N PHE A 55 3.58 0.49 0.74
CA PHE A 55 2.29 0.24 0.12
C PHE A 55 2.46 -0.17 -1.34
N VAL A 56 1.58 -1.04 -1.82
CA VAL A 56 1.64 -1.51 -3.20
C VAL A 56 0.39 -1.09 -3.97
N LYS A 57 0.30 -1.53 -5.22
CA LYS A 57 -0.85 -1.21 -6.06
C LYS A 57 -1.20 -2.39 -6.97
N PHE A 58 -2.44 -2.41 -7.44
CA PHE A 58 -2.90 -3.48 -8.32
C PHE A 58 -3.93 -2.96 -9.32
N THR A 59 -4.14 -3.72 -10.39
CA THR A 59 -5.10 -3.33 -11.42
C THR A 59 -6.46 -3.99 -11.19
N ASP A 60 -6.44 -5.17 -10.59
CA ASP A 60 -7.66 -5.90 -10.30
C ASP A 60 -7.92 -5.98 -8.80
N GLU A 61 -9.15 -5.71 -8.40
CA GLU A 61 -9.53 -5.76 -6.99
C GLU A 61 -9.65 -7.20 -6.50
N LEU A 62 -10.11 -8.08 -7.38
CA LEU A 62 -10.27 -9.49 -7.05
C LEU A 62 -8.97 -10.07 -6.49
N GLU A 63 -7.85 -9.68 -7.08
CA GLU A 63 -6.55 -10.16 -6.65
C GLU A 63 -6.07 -9.38 -5.43
N GLN A 64 -6.29 -8.07 -5.44
CA GLN A 64 -5.87 -7.22 -4.34
C GLN A 64 -6.16 -7.88 -2.99
N LYS A 65 -7.38 -8.40 -2.84
CA LYS A 65 -7.78 -9.07 -1.61
C LYS A 65 -7.08 -10.41 -1.46
N ARG A 66 -7.26 -11.27 -2.45
CA ARG A 66 -6.65 -12.60 -2.43
C ARG A 66 -5.24 -12.54 -1.86
N ALA A 67 -4.55 -11.43 -2.11
CA ALA A 67 -3.19 -11.24 -1.61
C ALA A 67 -3.20 -10.95 -0.11
N LEU A 68 -4.11 -10.08 0.31
CA LEU A 68 -4.21 -9.71 1.72
C LEU A 68 -4.21 -10.95 2.61
N THR A 69 -4.88 -12.01 2.14
CA THR A 69 -4.95 -13.26 2.90
C THR A 69 -3.83 -14.20 2.50
N GLU A 70 -3.61 -14.35 1.20
CA GLU A 70 -2.56 -15.23 0.69
C GLU A 70 -1.18 -14.68 1.03
N CYS A 71 -0.87 -13.50 0.51
CA CYS A 71 0.43 -12.87 0.77
C CYS A 71 0.54 -12.46 2.23
N GLN A 72 -0.52 -12.65 2.99
CA GLN A 72 -0.54 -12.29 4.41
C GLN A 72 0.74 -12.74 5.09
N GLY A 73 1.27 -11.89 5.98
CA GLY A 73 2.49 -12.23 6.68
C GLY A 73 3.55 -12.83 5.79
N ALA A 74 3.59 -12.38 4.53
CA ALA A 74 4.56 -12.88 3.57
C ALA A 74 5.98 -12.74 4.10
N VAL A 75 6.62 -13.87 4.36
CA VAL A 75 7.99 -13.89 4.86
C VAL A 75 8.99 -13.87 3.73
N GLY A 76 8.63 -14.49 2.61
CA GLY A 76 9.52 -14.53 1.45
C GLY A 76 10.20 -13.19 1.21
N LEU A 77 9.46 -12.11 1.42
CA LEU A 77 10.00 -10.77 1.21
C LEU A 77 10.67 -10.24 2.49
N GLY A 78 11.97 -10.00 2.41
CA GLY A 78 12.70 -9.49 3.55
C GLY A 78 12.81 -10.51 4.67
N SER A 79 13.84 -10.39 5.49
CA SER A 79 14.06 -11.31 6.60
C SER A 79 12.83 -11.36 7.51
N LYS A 80 12.06 -10.28 7.51
CA LYS A 80 10.86 -10.20 8.33
C LYS A 80 9.60 -10.29 7.48
N PRO A 81 8.51 -10.75 8.09
CA PRO A 81 7.22 -10.90 7.40
C PRO A 81 6.59 -9.55 7.06
N VAL A 82 5.49 -9.59 6.31
CA VAL A 82 4.79 -8.37 5.92
C VAL A 82 3.32 -8.43 6.31
N ARG A 83 2.85 -7.41 7.02
CA ARG A 83 1.46 -7.36 7.46
C ARG A 83 0.61 -6.59 6.45
N LEU A 84 -0.15 -7.32 5.64
CA LEU A 84 -1.00 -6.71 4.63
C LEU A 84 -2.27 -6.13 5.26
N SER A 85 -2.79 -5.08 4.66
CA SER A 85 -3.99 -4.43 5.17
C SER A 85 -4.68 -3.61 4.07
N VAL A 86 -5.85 -3.06 4.40
CA VAL A 86 -6.61 -2.26 3.44
C VAL A 86 -6.51 -0.77 3.77
N ALA A 87 -5.66 -0.07 3.02
CA ALA A 87 -5.47 1.36 3.23
C ALA A 87 -6.64 2.16 2.66
N ILE A 88 -6.66 3.45 2.94
CA ILE A 88 -7.73 4.32 2.46
C ILE A 88 -7.17 5.61 1.87
N PRO A 89 -7.50 5.88 0.60
CA PRO A 89 -7.04 7.08 -0.10
C PRO A 89 -7.69 8.36 0.43
N LYS A 90 -7.16 8.84 1.55
CA LYS A 90 -7.68 10.05 2.18
C LYS A 90 -9.19 10.17 1.97
N ALA A 91 -9.87 9.03 2.02
CA ALA A 91 -11.32 9.00 1.84
C ALA A 91 -12.01 9.91 2.85
N SER A 92 -11.81 9.63 4.13
CA SER A 92 -12.43 10.41 5.19
C SER A 92 -11.60 11.66 5.48
N ARG A 93 -12.25 12.83 5.37
CA ARG A 93 -11.58 14.10 5.62
C ARG A 93 -11.82 14.57 7.05
N VAL A 94 -10.90 15.40 7.56
CA VAL A 94 -11.02 15.92 8.90
C VAL A 94 -11.00 17.44 8.91
N LYS A 95 -11.78 18.04 9.82
CA LYS A 95 -11.85 19.49 9.93
C LYS A 95 -11.45 19.95 11.33
N PRO A 96 -10.15 20.18 11.53
CA PRO A 96 -9.61 20.63 12.81
C PRO A 96 -10.01 22.06 13.14
N VAL A 97 -10.86 22.23 14.15
CA VAL A 97 -11.31 23.55 14.56
C VAL A 97 -10.13 24.42 15.00
N GLU A 98 -9.74 25.35 14.15
CA GLU A 98 -8.63 26.25 14.45
C GLU A 98 -9.05 27.31 15.46
N SER A 99 -8.14 27.67 16.35
CA SER A 99 -8.42 28.67 17.37
C SER A 99 -7.21 29.57 17.60
N GLY A 100 -7.45 30.78 18.08
CA GLY A 100 -6.37 31.72 18.34
C GLY A 100 -6.87 33.12 18.65
N PRO A 101 -6.15 33.83 19.52
CA PRO A 101 -6.52 35.18 19.92
C PRO A 101 -6.33 36.19 18.80
N SER A 102 -7.39 36.95 18.50
CA SER A 102 -7.34 37.95 17.44
C SER A 102 -8.30 39.09 17.73
N SER A 103 -7.77 40.31 17.76
CA SER A 103 -8.58 41.49 18.03
C SER A 103 -9.96 41.36 17.42
N GLY A 104 -10.01 40.87 16.18
CA GLY A 104 -11.27 40.70 15.49
C GLY A 104 -11.30 41.41 14.15
N GLY A 1 -17.45 -4.19 -6.55
CA GLY A 1 -18.34 -3.07 -6.77
C GLY A 1 -17.81 -2.10 -7.82
N SER A 2 -18.71 -1.35 -8.44
CA SER A 2 -18.33 -0.40 -9.48
C SER A 2 -17.69 0.84 -8.86
N SER A 3 -16.58 1.28 -9.44
CA SER A 3 -15.86 2.45 -8.95
C SER A 3 -16.69 3.71 -9.15
N GLY A 4 -17.13 3.94 -10.38
CA GLY A 4 -17.93 5.12 -10.68
C GLY A 4 -17.08 6.31 -11.07
N SER A 5 -17.19 7.39 -10.30
CA SER A 5 -16.43 8.60 -10.57
C SER A 5 -14.97 8.43 -10.17
N SER A 6 -14.75 7.91 -8.97
CA SER A 6 -13.40 7.70 -8.47
C SER A 6 -12.66 6.67 -9.32
N GLY A 7 -11.54 7.09 -9.90
CA GLY A 7 -10.76 6.20 -10.73
C GLY A 7 -10.50 4.86 -10.07
N PRO A 8 -10.45 3.79 -10.88
CA PRO A 8 -10.22 2.43 -10.38
C PRO A 8 -8.79 2.24 -9.88
N GLU A 9 -8.64 2.12 -8.56
CA GLU A 9 -7.33 1.94 -7.95
C GLU A 9 -7.42 1.02 -6.73
N TYR A 10 -6.40 0.21 -6.53
CA TYR A 10 -6.36 -0.72 -5.40
C TYR A 10 -4.96 -0.79 -4.80
N SER A 11 -4.80 -0.19 -3.62
CA SER A 11 -3.51 -0.18 -2.93
C SER A 11 -3.59 -0.93 -1.61
N LEU A 12 -2.52 -1.65 -1.29
CA LEU A 12 -2.47 -2.43 -0.05
C LEU A 12 -1.39 -1.89 0.88
N PHE A 13 -1.63 -2.00 2.18
CA PHE A 13 -0.67 -1.53 3.18
C PHE A 13 0.25 -2.66 3.63
N VAL A 14 1.54 -2.37 3.72
CA VAL A 14 2.52 -3.36 4.14
C VAL A 14 3.39 -2.82 5.27
N GLY A 15 3.68 -3.68 6.25
CA GLY A 15 4.51 -3.28 7.37
C GLY A 15 5.59 -4.28 7.68
N ASP A 16 6.52 -3.91 8.57
CA ASP A 16 7.61 -4.79 8.95
C ASP A 16 8.50 -5.09 7.75
N LEU A 17 8.93 -4.04 7.06
CA LEU A 17 9.78 -4.20 5.88
C LEU A 17 11.25 -3.96 6.24
N THR A 18 12.02 -5.04 6.36
CA THR A 18 13.43 -4.94 6.70
C THR A 18 14.13 -3.91 5.83
N PRO A 19 15.18 -3.29 6.38
CA PRO A 19 15.96 -2.27 5.66
C PRO A 19 16.79 -2.87 4.53
N ASP A 20 16.69 -4.17 4.36
CA ASP A 20 17.43 -4.88 3.31
C ASP A 20 16.53 -5.15 2.11
N VAL A 21 15.35 -4.55 2.11
CA VAL A 21 14.39 -4.73 1.02
C VAL A 21 13.99 -3.39 0.42
N ASP A 22 13.99 -3.32 -0.90
CA ASP A 22 13.63 -2.10 -1.61
C ASP A 22 12.40 -2.32 -2.50
N ASP A 23 11.93 -1.25 -3.12
CA ASP A 23 10.77 -1.34 -4.01
C ASP A 23 10.95 -2.44 -5.04
N GLY A 24 12.09 -2.42 -5.73
CA GLY A 24 12.37 -3.42 -6.74
C GLY A 24 11.90 -4.80 -6.33
N MET A 25 12.07 -5.13 -5.05
CA MET A 25 11.66 -6.44 -4.55
C MET A 25 10.18 -6.44 -4.20
N LEU A 26 9.71 -5.36 -3.60
CA LEU A 26 8.30 -5.23 -3.22
C LEU A 26 7.40 -5.37 -4.44
N TYR A 27 7.94 -5.06 -5.62
CA TYR A 27 7.19 -5.15 -6.85
C TYR A 27 7.19 -6.57 -7.41
N GLU A 28 8.39 -7.06 -7.73
CA GLU A 28 8.55 -8.41 -8.27
C GLU A 28 7.98 -9.44 -7.30
N PHE A 29 8.13 -9.18 -6.00
CA PHE A 29 7.65 -10.10 -4.98
C PHE A 29 6.14 -10.29 -5.09
N PHE A 30 5.44 -9.24 -5.51
CA PHE A 30 3.99 -9.29 -5.67
C PHE A 30 3.61 -9.62 -7.10
N VAL A 31 3.98 -8.73 -8.02
CA VAL A 31 3.68 -8.93 -9.43
C VAL A 31 3.84 -10.38 -9.84
N LYS A 32 4.70 -11.10 -9.12
CA LYS A 32 4.93 -12.51 -9.40
C LYS A 32 3.71 -13.35 -9.05
N VAL A 33 3.32 -13.32 -7.78
CA VAL A 33 2.16 -14.07 -7.32
C VAL A 33 0.86 -13.52 -7.91
N TYR A 34 0.87 -12.22 -8.21
CA TYR A 34 -0.31 -11.56 -8.78
C TYR A 34 0.08 -10.70 -9.96
N PRO A 35 -0.33 -11.13 -11.17
CA PRO A 35 -0.03 -10.41 -12.40
C PRO A 35 -0.81 -9.09 -12.51
N SER A 36 -1.64 -8.83 -11.52
CA SER A 36 -2.44 -7.61 -11.49
C SER A 36 -1.69 -6.49 -10.78
N CYS A 37 -0.52 -6.81 -10.24
CA CYS A 37 0.29 -5.82 -9.53
C CYS A 37 0.62 -4.64 -10.43
N ARG A 38 0.71 -3.46 -9.83
CA ARG A 38 1.02 -2.25 -10.57
C ARG A 38 2.42 -1.75 -10.25
N GLY A 39 2.84 -1.91 -9.00
CA GLY A 39 4.16 -1.47 -8.59
C GLY A 39 4.29 -1.40 -7.08
N GLY A 40 5.52 -1.64 -6.59
CA GLY A 40 5.76 -1.60 -5.16
C GLY A 40 6.40 -0.30 -4.72
N LYS A 41 5.90 0.25 -3.62
CA LYS A 41 6.42 1.50 -3.08
C LYS A 41 6.78 1.36 -1.61
N VAL A 42 8.08 1.40 -1.31
CA VAL A 42 8.54 1.28 0.06
C VAL A 42 8.96 2.63 0.63
N VAL A 43 8.30 3.05 1.70
CA VAL A 43 8.60 4.32 2.34
C VAL A 43 9.99 4.33 2.95
N LEU A 44 10.67 5.46 2.87
CA LEU A 44 12.01 5.59 3.42
C LEU A 44 12.07 6.71 4.47
N ASP A 45 13.27 6.95 4.98
CA ASP A 45 13.46 7.99 5.99
C ASP A 45 14.31 9.13 5.44
N GLN A 46 14.62 10.10 6.30
CA GLN A 46 15.44 11.24 5.90
C GLN A 46 16.68 10.79 5.15
N THR A 47 17.24 9.65 5.55
CA THR A 47 18.43 9.11 4.92
C THR A 47 18.07 8.25 3.70
N GLY A 48 16.83 7.74 3.69
CA GLY A 48 16.39 6.91 2.59
C GLY A 48 16.40 5.44 2.93
N VAL A 49 16.32 5.14 4.22
CA VAL A 49 16.32 3.74 4.68
C VAL A 49 14.90 3.27 4.98
N SER A 50 14.54 2.13 4.41
CA SER A 50 13.20 1.56 4.61
C SER A 50 12.75 1.74 6.05
N LYS A 51 11.77 2.61 6.25
CA LYS A 51 11.24 2.89 7.58
C LYS A 51 10.71 1.60 8.22
N GLY A 52 10.26 0.67 7.39
CA GLY A 52 9.73 -0.58 7.89
C GLY A 52 8.31 -0.85 7.41
N TYR A 53 7.89 -0.12 6.39
CA TYR A 53 6.55 -0.27 5.84
C TYR A 53 6.45 0.34 4.44
N GLY A 54 5.32 0.13 3.79
CA GLY A 54 5.11 0.67 2.46
C GLY A 54 3.72 0.39 1.92
N PHE A 55 3.56 0.54 0.61
CA PHE A 55 2.27 0.31 -0.03
C PHE A 55 2.46 -0.15 -1.48
N VAL A 56 1.54 -0.99 -1.94
CA VAL A 56 1.59 -1.50 -3.31
C VAL A 56 0.34 -1.12 -4.09
N LYS A 57 0.33 -1.47 -5.38
CA LYS A 57 -0.82 -1.17 -6.24
C LYS A 57 -1.20 -2.39 -7.06
N PHE A 58 -2.42 -2.37 -7.60
CA PHE A 58 -2.91 -3.48 -8.42
C PHE A 58 -3.91 -2.98 -9.46
N THR A 59 -4.22 -3.85 -10.42
CA THR A 59 -5.16 -3.49 -11.48
C THR A 59 -6.49 -4.23 -11.31
N ASP A 60 -6.53 -5.16 -10.36
CA ASP A 60 -7.74 -5.94 -10.10
C ASP A 60 -8.03 -5.98 -8.61
N GLU A 61 -9.24 -5.56 -8.24
CA GLU A 61 -9.65 -5.55 -6.83
C GLU A 61 -9.84 -6.97 -6.32
N LEU A 62 -10.25 -7.86 -7.21
CA LEU A 62 -10.47 -9.26 -6.85
C LEU A 62 -9.21 -9.88 -6.27
N GLU A 63 -8.12 -9.81 -7.02
CA GLU A 63 -6.84 -10.36 -6.59
C GLU A 63 -6.29 -9.58 -5.40
N GLN A 64 -6.44 -8.26 -5.43
CA GLN A 64 -5.97 -7.41 -4.35
C GLN A 64 -6.31 -8.01 -2.99
N LYS A 65 -7.55 -8.47 -2.84
CA LYS A 65 -7.99 -9.06 -1.59
C LYS A 65 -7.39 -10.45 -1.40
N ARG A 66 -7.11 -11.13 -2.50
CA ARG A 66 -6.54 -12.47 -2.46
C ARG A 66 -5.14 -12.43 -1.82
N ALA A 67 -4.37 -11.40 -2.17
CA ALA A 67 -3.02 -11.25 -1.64
C ALA A 67 -3.05 -10.94 -0.15
N LEU A 68 -3.96 -10.05 0.25
CA LEU A 68 -4.09 -9.67 1.65
C LEU A 68 -4.07 -10.90 2.56
N THR A 69 -4.79 -11.94 2.15
CA THR A 69 -4.85 -13.17 2.92
C THR A 69 -3.76 -14.14 2.50
N GLU A 70 -3.61 -14.33 1.18
CA GLU A 70 -2.61 -15.23 0.65
C GLU A 70 -1.21 -14.76 1.01
N CYS A 71 -0.83 -13.59 0.50
CA CYS A 71 0.49 -13.03 0.76
C CYS A 71 0.62 -12.63 2.23
N GLN A 72 -0.49 -12.67 2.96
CA GLN A 72 -0.49 -12.32 4.38
C GLN A 72 0.78 -12.82 5.06
N GLY A 73 1.26 -12.05 6.02
CA GLY A 73 2.47 -12.42 6.74
C GLY A 73 3.53 -13.02 5.83
N ALA A 74 3.58 -12.53 4.60
CA ALA A 74 4.56 -13.02 3.63
C ALA A 74 5.97 -12.83 4.13
N VAL A 75 6.68 -13.94 4.34
CA VAL A 75 8.06 -13.90 4.83
C VAL A 75 9.05 -13.86 3.67
N GLY A 76 8.70 -14.56 2.59
CA GLY A 76 9.58 -14.59 1.43
C GLY A 76 10.24 -13.26 1.16
N LEU A 77 9.53 -12.18 1.46
CA LEU A 77 10.05 -10.83 1.25
C LEU A 77 10.72 -10.30 2.51
N GLY A 78 12.02 -10.07 2.43
CA GLY A 78 12.76 -9.56 3.58
C GLY A 78 12.88 -10.58 4.69
N SER A 79 13.89 -10.42 5.54
CA SER A 79 14.12 -11.33 6.65
C SER A 79 12.91 -11.36 7.58
N LYS A 80 12.08 -10.31 7.51
CA LYS A 80 10.90 -10.21 8.35
C LYS A 80 9.63 -10.33 7.51
N PRO A 81 8.52 -10.74 8.16
CA PRO A 81 7.23 -10.90 7.48
C PRO A 81 6.62 -9.56 7.08
N VAL A 82 5.46 -9.62 6.42
CA VAL A 82 4.78 -8.42 5.97
C VAL A 82 3.31 -8.45 6.37
N ARG A 83 2.86 -7.40 7.05
CA ARG A 83 1.47 -7.31 7.48
C ARG A 83 0.63 -6.59 6.45
N LEU A 84 -0.10 -7.35 5.64
CA LEU A 84 -0.95 -6.78 4.60
C LEU A 84 -2.24 -6.24 5.20
N SER A 85 -2.82 -5.22 4.55
CA SER A 85 -4.05 -4.61 5.02
C SER A 85 -4.71 -3.80 3.91
N VAL A 86 -5.93 -3.33 4.17
CA VAL A 86 -6.66 -2.53 3.19
C VAL A 86 -6.53 -1.04 3.49
N ALA A 87 -5.72 -0.35 2.70
CA ALA A 87 -5.51 1.08 2.89
C ALA A 87 -6.30 1.89 1.85
N ILE A 88 -6.35 3.20 2.05
CA ILE A 88 -7.06 4.07 1.13
C ILE A 88 -6.15 5.17 0.58
N PRO A 89 -6.27 5.44 -0.72
CA PRO A 89 -5.45 6.46 -1.41
C PRO A 89 -5.82 7.87 -0.97
N LYS A 90 -7.11 8.18 -1.00
CA LYS A 90 -7.59 9.50 -0.61
C LYS A 90 -8.78 9.38 0.35
N ALA A 91 -8.80 10.24 1.36
CA ALA A 91 -9.88 10.23 2.35
C ALA A 91 -10.04 11.61 2.98
N SER A 92 -11.30 12.06 3.09
CA SER A 92 -11.59 13.36 3.67
C SER A 92 -12.53 13.22 4.87
N ARG A 93 -11.97 13.33 6.07
CA ARG A 93 -12.75 13.21 7.30
C ARG A 93 -13.59 14.47 7.52
N VAL A 94 -14.54 14.38 8.44
CA VAL A 94 -15.40 15.50 8.76
C VAL A 94 -15.27 15.91 10.22
N LYS A 95 -15.61 17.15 10.52
CA LYS A 95 -15.53 17.66 11.88
C LYS A 95 -16.71 18.57 12.20
N PRO A 96 -17.23 18.47 13.43
CA PRO A 96 -18.36 19.27 13.89
C PRO A 96 -18.01 20.74 14.06
N VAL A 97 -18.64 21.59 13.26
CA VAL A 97 -18.38 23.03 13.32
C VAL A 97 -19.33 23.71 14.31
N GLU A 98 -18.78 24.14 15.44
CA GLU A 98 -19.58 24.80 16.47
C GLU A 98 -19.17 26.26 16.62
N SER A 99 -20.15 27.14 16.78
CA SER A 99 -19.89 28.57 16.92
C SER A 99 -20.56 29.12 18.17
N GLY A 100 -20.23 30.35 18.52
CA GLY A 100 -20.80 30.97 19.70
C GLY A 100 -20.12 32.27 20.07
N PRO A 101 -20.83 33.13 20.81
CA PRO A 101 -20.30 34.43 21.26
C PRO A 101 -19.19 34.28 22.30
N SER A 102 -18.15 35.09 22.17
CA SER A 102 -17.02 35.05 23.10
C SER A 102 -17.41 35.66 24.44
N SER A 103 -17.96 36.88 24.40
CA SER A 103 -18.36 37.57 25.61
C SER A 103 -19.68 38.30 25.39
N GLY A 104 -20.30 38.74 26.49
CA GLY A 104 -21.56 39.45 26.40
C GLY A 104 -21.60 40.67 27.30
N GLY A 1 -19.79 -10.43 -16.89
CA GLY A 1 -19.23 -9.13 -17.22
C GLY A 1 -18.72 -8.39 -16.01
N SER A 2 -19.51 -7.44 -15.51
CA SER A 2 -19.15 -6.65 -14.35
C SER A 2 -20.38 -6.28 -13.52
N SER A 3 -20.16 -6.04 -12.24
CA SER A 3 -21.26 -5.68 -11.33
C SER A 3 -21.06 -4.28 -10.78
N GLY A 4 -20.73 -3.35 -11.66
CA GLY A 4 -20.52 -1.97 -11.23
C GLY A 4 -19.10 -1.71 -10.78
N SER A 5 -18.71 -0.45 -10.74
CA SER A 5 -17.36 -0.07 -10.32
C SER A 5 -17.28 1.42 -10.02
N SER A 6 -16.38 1.79 -9.11
CA SER A 6 -16.21 3.18 -8.71
C SER A 6 -14.78 3.44 -8.24
N GLY A 7 -14.11 4.39 -8.87
CA GLY A 7 -12.75 4.73 -8.50
C GLY A 7 -11.78 3.60 -8.79
N PRO A 8 -11.25 3.58 -10.02
CA PRO A 8 -10.30 2.56 -10.46
C PRO A 8 -8.94 2.69 -9.76
N GLU A 9 -8.86 2.16 -8.55
CA GLU A 9 -7.62 2.23 -7.78
C GLU A 9 -7.63 1.21 -6.63
N TYR A 10 -6.52 0.50 -6.46
CA TYR A 10 -6.40 -0.50 -5.41
C TYR A 10 -4.99 -0.57 -4.88
N SER A 11 -4.83 -0.30 -3.58
CA SER A 11 -3.52 -0.33 -2.95
C SER A 11 -3.57 -1.11 -1.63
N LEU A 12 -2.45 -1.74 -1.28
CA LEU A 12 -2.37 -2.52 -0.05
C LEU A 12 -1.31 -1.96 0.88
N PHE A 13 -1.51 -2.12 2.18
CA PHE A 13 -0.56 -1.62 3.17
C PHE A 13 0.38 -2.74 3.62
N VAL A 14 1.68 -2.43 3.62
CA VAL A 14 2.69 -3.41 4.02
C VAL A 14 3.52 -2.88 5.19
N GLY A 15 3.80 -3.76 6.14
CA GLY A 15 4.60 -3.37 7.30
C GLY A 15 5.72 -4.33 7.58
N ASP A 16 6.50 -4.04 8.62
CA ASP A 16 7.63 -4.89 9.00
C ASP A 16 8.53 -5.17 7.79
N LEU A 17 8.98 -4.09 7.13
CA LEU A 17 9.84 -4.22 5.98
C LEU A 17 11.29 -3.93 6.34
N THR A 18 12.08 -4.99 6.46
CA THR A 18 13.50 -4.86 6.81
C THR A 18 14.18 -3.82 5.93
N PRO A 19 15.21 -3.16 6.48
CA PRO A 19 15.98 -2.14 5.76
C PRO A 19 16.82 -2.73 4.63
N ASP A 20 16.70 -4.03 4.43
CA ASP A 20 17.45 -4.71 3.38
C ASP A 20 16.58 -4.93 2.14
N VAL A 21 15.31 -4.56 2.25
CA VAL A 21 14.38 -4.72 1.13
C VAL A 21 14.01 -3.36 0.53
N ASP A 22 13.83 -3.33 -0.78
CA ASP A 22 13.47 -2.10 -1.48
C ASP A 22 12.26 -2.32 -2.38
N ASP A 23 11.84 -1.25 -3.06
CA ASP A 23 10.71 -1.34 -3.96
C ASP A 23 10.95 -2.36 -5.08
N GLY A 24 12.20 -2.45 -5.52
CA GLY A 24 12.55 -3.40 -6.56
C GLY A 24 12.11 -4.81 -6.24
N MET A 25 12.12 -5.16 -4.96
CA MET A 25 11.71 -6.49 -4.53
C MET A 25 10.21 -6.54 -4.25
N LEU A 26 9.70 -5.51 -3.60
CA LEU A 26 8.27 -5.44 -3.29
C LEU A 26 7.43 -5.55 -4.56
N TYR A 27 7.98 -5.11 -5.67
CA TYR A 27 7.28 -5.16 -6.95
C TYR A 27 7.25 -6.58 -7.49
N GLU A 28 8.42 -7.13 -7.78
CA GLU A 28 8.53 -8.48 -8.31
C GLU A 28 7.97 -9.51 -7.32
N PHE A 29 8.01 -9.15 -6.03
CA PHE A 29 7.51 -10.03 -4.99
C PHE A 29 6.00 -10.22 -5.11
N PHE A 30 5.31 -9.16 -5.53
CA PHE A 30 3.86 -9.21 -5.70
C PHE A 30 3.49 -9.56 -7.13
N VAL A 31 3.94 -8.74 -8.08
CA VAL A 31 3.66 -8.96 -9.49
C VAL A 31 3.80 -10.43 -9.86
N LYS A 32 4.63 -11.14 -9.10
CA LYS A 32 4.86 -12.56 -9.34
C LYS A 32 3.62 -13.37 -9.01
N VAL A 33 3.20 -13.32 -7.76
CA VAL A 33 2.02 -14.06 -7.31
C VAL A 33 0.76 -13.54 -7.98
N TYR A 34 0.77 -12.27 -8.36
CA TYR A 34 -0.36 -11.64 -9.01
C TYR A 34 0.09 -10.76 -10.16
N PRO A 35 -0.27 -11.16 -11.40
CA PRO A 35 0.08 -10.42 -12.61
C PRO A 35 -0.68 -9.10 -12.72
N SER A 36 -1.52 -8.82 -11.74
CA SER A 36 -2.31 -7.59 -11.73
C SER A 36 -1.68 -6.55 -10.82
N CYS A 37 -0.37 -6.66 -10.62
CA CYS A 37 0.35 -5.72 -9.77
C CYS A 37 0.79 -4.50 -10.56
N ARG A 38 0.69 -3.33 -9.93
CA ARG A 38 1.07 -2.08 -10.57
C ARG A 38 2.50 -1.69 -10.21
N GLY A 39 2.92 -2.05 -9.01
CA GLY A 39 4.27 -1.73 -8.56
C GLY A 39 4.35 -1.57 -7.06
N GLY A 40 5.44 -2.05 -6.48
CA GLY A 40 5.63 -1.95 -5.04
C GLY A 40 6.36 -0.68 -4.64
N LYS A 41 5.87 -0.04 -3.58
CA LYS A 41 6.48 1.20 -3.09
C LYS A 41 6.83 1.08 -1.60
N VAL A 42 8.07 1.42 -1.27
CA VAL A 42 8.53 1.36 0.11
C VAL A 42 8.88 2.75 0.64
N VAL A 43 8.32 3.09 1.79
CA VAL A 43 8.58 4.39 2.41
C VAL A 43 9.96 4.45 3.02
N LEU A 44 10.58 5.63 2.99
CA LEU A 44 11.91 5.81 3.55
C LEU A 44 11.95 7.00 4.50
N ASP A 45 13.08 7.18 5.18
CA ASP A 45 13.23 8.29 6.12
C ASP A 45 14.12 9.38 5.54
N GLN A 46 14.35 10.43 6.32
CA GLN A 46 15.19 11.54 5.88
C GLN A 46 16.47 11.04 5.24
N THR A 47 17.05 9.99 5.82
CA THR A 47 18.28 9.41 5.31
C THR A 47 18.03 8.60 4.03
N GLY A 48 16.86 7.95 3.98
CA GLY A 48 16.51 7.16 2.81
C GLY A 48 16.51 5.68 3.12
N VAL A 49 16.33 5.33 4.38
CA VAL A 49 16.31 3.93 4.80
C VAL A 49 14.88 3.47 5.08
N SER A 50 14.54 2.30 4.53
CA SER A 50 13.20 1.74 4.71
C SER A 50 12.73 1.92 6.14
N LYS A 51 11.69 2.73 6.33
CA LYS A 51 11.13 2.98 7.65
C LYS A 51 10.61 1.69 8.29
N GLY A 52 10.27 0.73 7.44
CA GLY A 52 9.76 -0.54 7.93
C GLY A 52 8.36 -0.84 7.44
N TYR A 53 7.93 -0.12 6.42
CA TYR A 53 6.59 -0.30 5.85
C TYR A 53 6.50 0.29 4.46
N GLY A 54 5.34 0.15 3.83
CA GLY A 54 5.14 0.69 2.49
C GLY A 54 3.74 0.41 1.97
N PHE A 55 3.58 0.56 0.66
CA PHE A 55 2.28 0.33 0.03
C PHE A 55 2.46 -0.10 -1.44
N VAL A 56 1.54 -0.93 -1.92
CA VAL A 56 1.60 -1.41 -3.29
C VAL A 56 0.32 -1.03 -4.05
N LYS A 57 0.26 -1.44 -5.31
CA LYS A 57 -0.90 -1.16 -6.16
C LYS A 57 -1.25 -2.35 -7.04
N PHE A 58 -2.48 -2.38 -7.51
CA PHE A 58 -2.95 -3.47 -8.37
C PHE A 58 -3.97 -2.97 -9.38
N THR A 59 -4.33 -3.83 -10.33
CA THR A 59 -5.30 -3.47 -11.35
C THR A 59 -6.60 -4.24 -11.17
N ASP A 60 -6.51 -5.41 -10.53
CA ASP A 60 -7.69 -6.24 -10.28
C ASP A 60 -8.02 -6.29 -8.80
N GLU A 61 -9.20 -5.78 -8.45
CA GLU A 61 -9.64 -5.76 -7.06
C GLU A 61 -9.90 -7.18 -6.55
N LEU A 62 -10.18 -8.09 -7.48
CA LEU A 62 -10.45 -9.48 -7.13
C LEU A 62 -9.22 -10.14 -6.51
N GLU A 63 -8.05 -9.77 -7.01
CA GLU A 63 -6.80 -10.32 -6.51
C GLU A 63 -6.26 -9.50 -5.34
N GLN A 64 -6.46 -8.18 -5.41
CA GLN A 64 -6.00 -7.28 -4.36
C GLN A 64 -6.29 -7.87 -2.98
N LYS A 65 -7.51 -8.38 -2.80
CA LYS A 65 -7.92 -8.97 -1.54
C LYS A 65 -7.32 -10.37 -1.37
N ARG A 66 -7.21 -11.09 -2.47
CA ARG A 66 -6.66 -12.44 -2.44
C ARG A 66 -5.27 -12.44 -1.82
N ALA A 67 -4.51 -11.37 -2.04
CA ALA A 67 -3.17 -11.25 -1.49
C ALA A 67 -3.21 -10.96 0.00
N LEU A 68 -4.13 -10.10 0.42
CA LEU A 68 -4.27 -9.73 1.82
C LEU A 68 -4.26 -10.98 2.70
N THR A 69 -4.96 -12.02 2.26
CA THR A 69 -5.04 -13.27 3.01
C THR A 69 -3.95 -14.24 2.56
N GLU A 70 -3.74 -14.32 1.25
CA GLU A 70 -2.73 -15.22 0.71
C GLU A 70 -1.33 -14.76 1.09
N CYS A 71 -0.93 -13.61 0.57
CA CYS A 71 0.39 -13.04 0.86
C CYS A 71 0.52 -12.71 2.34
N GLN A 72 -0.60 -12.71 3.05
CA GLN A 72 -0.60 -12.40 4.47
C GLN A 72 0.65 -12.94 5.14
N GLY A 73 1.32 -12.08 5.91
CA GLY A 73 2.54 -12.48 6.60
C GLY A 73 3.60 -12.99 5.65
N ALA A 74 3.64 -12.41 4.45
CA ALA A 74 4.63 -12.81 3.46
C ALA A 74 6.06 -12.69 4.00
N VAL A 75 6.72 -13.83 4.16
CA VAL A 75 8.08 -13.85 4.68
C VAL A 75 9.09 -13.80 3.54
N GLY A 76 8.74 -14.40 2.41
CA GLY A 76 9.63 -14.41 1.25
C GLY A 76 10.28 -13.05 1.02
N LEU A 77 9.57 -11.99 1.36
CA LEU A 77 10.08 -10.63 1.18
C LEU A 77 10.73 -10.12 2.46
N GLY A 78 12.05 -9.93 2.42
CA GLY A 78 12.77 -9.45 3.57
C GLY A 78 12.85 -10.48 4.68
N SER A 79 13.94 -10.44 5.44
CA SER A 79 14.13 -11.39 6.54
C SER A 79 12.91 -11.43 7.45
N LYS A 80 12.22 -10.30 7.56
CA LYS A 80 11.04 -10.21 8.40
C LYS A 80 9.77 -10.31 7.56
N PRO A 81 8.67 -10.75 8.18
CA PRO A 81 7.37 -10.89 7.51
C PRO A 81 6.75 -9.56 7.15
N VAL A 82 5.63 -9.60 6.44
CA VAL A 82 4.94 -8.39 6.02
C VAL A 82 3.45 -8.47 6.36
N ARG A 83 2.93 -7.38 6.90
CA ARG A 83 1.52 -7.32 7.27
C ARG A 83 0.69 -6.67 6.17
N LEU A 84 -0.38 -7.33 5.76
CA LEU A 84 -1.25 -6.83 4.71
C LEU A 84 -2.52 -6.24 5.29
N SER A 85 -2.94 -5.08 4.78
CA SER A 85 -4.14 -4.42 5.26
C SER A 85 -4.77 -3.57 4.16
N VAL A 86 -5.85 -2.87 4.50
CA VAL A 86 -6.54 -2.02 3.54
C VAL A 86 -6.28 -0.55 3.83
N ALA A 87 -5.29 0.02 3.16
CA ALA A 87 -4.94 1.43 3.34
C ALA A 87 -6.01 2.34 2.73
N ILE A 88 -6.02 3.59 3.17
CA ILE A 88 -6.99 4.56 2.67
C ILE A 88 -6.29 5.79 2.10
N PRO A 89 -6.57 6.09 0.82
CA PRO A 89 -5.97 7.25 0.14
C PRO A 89 -6.51 8.57 0.68
N LYS A 90 -6.08 9.67 0.06
CA LYS A 90 -6.51 11.00 0.47
C LYS A 90 -8.03 11.04 0.65
N ALA A 91 -8.48 10.74 1.86
CA ALA A 91 -9.90 10.74 2.17
C ALA A 91 -10.29 11.98 2.98
N SER A 92 -10.38 13.13 2.31
CA SER A 92 -10.73 14.37 2.96
C SER A 92 -11.81 15.11 2.19
N ARG A 93 -12.28 16.22 2.74
CA ARG A 93 -13.31 17.02 2.10
C ARG A 93 -12.85 18.47 1.91
N VAL A 94 -12.93 18.94 0.67
CA VAL A 94 -12.52 20.31 0.35
C VAL A 94 -13.40 21.33 1.07
N LYS A 95 -12.78 22.36 1.63
CA LYS A 95 -13.50 23.40 2.34
C LYS A 95 -12.65 24.64 2.51
N PRO A 96 -13.26 25.82 2.33
CA PRO A 96 -12.56 27.10 2.47
C PRO A 96 -12.19 27.41 3.91
N VAL A 97 -10.94 27.09 4.27
CA VAL A 97 -10.45 27.33 5.62
C VAL A 97 -9.64 28.62 5.69
N GLU A 98 -10.32 29.73 5.94
CA GLU A 98 -9.66 31.02 6.02
C GLU A 98 -10.65 32.12 6.44
N SER A 99 -10.25 32.93 7.40
CA SER A 99 -11.09 34.02 7.89
C SER A 99 -10.59 35.37 7.41
N GLY A 100 -11.51 36.25 7.05
CA GLY A 100 -11.14 37.58 6.57
C GLY A 100 -10.86 38.54 7.72
N PRO A 101 -11.90 39.30 8.11
CA PRO A 101 -11.78 40.29 9.19
C PRO A 101 -11.63 39.63 10.56
N SER A 102 -10.91 40.29 11.45
CA SER A 102 -10.69 39.77 12.80
C SER A 102 -11.77 40.25 13.75
N SER A 103 -11.90 41.57 13.88
CA SER A 103 -12.89 42.16 14.77
C SER A 103 -13.21 43.59 14.34
N GLY A 104 -14.48 43.95 14.42
CA GLY A 104 -14.90 45.29 14.04
C GLY A 104 -14.27 46.36 14.91
N GLY A 1 -15.70 2.83 -27.00
CA GLY A 1 -14.29 2.61 -26.80
C GLY A 1 -13.83 3.03 -25.42
N SER A 2 -13.18 2.11 -24.70
CA SER A 2 -12.70 2.39 -23.36
C SER A 2 -11.83 3.66 -23.34
N SER A 3 -11.89 4.38 -22.23
CA SER A 3 -11.11 5.60 -22.08
C SER A 3 -10.22 5.54 -20.86
N GLY A 4 -9.60 4.38 -20.64
CA GLY A 4 -8.72 4.22 -19.50
C GLY A 4 -9.47 4.22 -18.18
N SER A 5 -8.74 4.07 -17.08
CA SER A 5 -9.35 4.05 -15.76
C SER A 5 -8.84 5.22 -14.90
N SER A 6 -9.77 6.09 -14.50
CA SER A 6 -9.43 7.25 -13.69
C SER A 6 -10.41 7.43 -12.55
N GLY A 7 -9.97 7.11 -11.33
CA GLY A 7 -10.83 7.24 -10.18
C GLY A 7 -10.53 6.20 -9.12
N PRO A 8 -11.13 5.00 -9.28
CA PRO A 8 -10.94 3.89 -8.34
C PRO A 8 -9.54 3.31 -8.40
N GLU A 9 -9.06 2.80 -7.26
CA GLU A 9 -7.73 2.22 -7.18
C GLU A 9 -7.66 1.14 -6.11
N TYR A 10 -6.78 0.18 -6.30
CA TYR A 10 -6.62 -0.93 -5.36
C TYR A 10 -5.18 -1.00 -4.85
N SER A 11 -4.98 -0.58 -3.61
CA SER A 11 -3.66 -0.60 -3.00
C SER A 11 -3.68 -1.34 -1.67
N LEU A 12 -2.52 -1.87 -1.28
CA LEU A 12 -2.41 -2.61 -0.02
C LEU A 12 -1.29 -2.04 0.85
N PHE A 13 -1.50 -2.03 2.15
CA PHE A 13 -0.50 -1.53 3.09
C PHE A 13 0.38 -2.65 3.62
N VAL A 14 1.69 -2.43 3.57
CA VAL A 14 2.64 -3.43 4.05
C VAL A 14 3.49 -2.88 5.19
N GLY A 15 3.87 -3.76 6.11
CA GLY A 15 4.69 -3.34 7.23
C GLY A 15 5.84 -4.29 7.51
N ASP A 16 6.60 -4.00 8.55
CA ASP A 16 7.74 -4.84 8.92
C ASP A 16 8.64 -5.10 7.70
N LEU A 17 8.97 -4.04 6.98
CA LEU A 17 9.82 -4.15 5.80
C LEU A 17 11.28 -3.91 6.15
N THR A 18 12.05 -4.99 6.24
CA THR A 18 13.46 -4.89 6.56
C THR A 18 14.15 -3.83 5.72
N PRO A 19 15.20 -3.21 6.29
CA PRO A 19 15.97 -2.17 5.60
C PRO A 19 16.80 -2.72 4.45
N ASP A 20 16.67 -4.02 4.21
CA ASP A 20 17.42 -4.67 3.13
C ASP A 20 16.54 -4.85 1.90
N VAL A 21 15.25 -4.58 2.05
CA VAL A 21 14.31 -4.70 0.95
C VAL A 21 14.04 -3.35 0.30
N ASP A 22 13.86 -3.35 -1.02
CA ASP A 22 13.60 -2.12 -1.76
C ASP A 22 12.39 -2.30 -2.68
N ASP A 23 11.99 -1.20 -3.32
CA ASP A 23 10.85 -1.23 -4.22
C ASP A 23 10.99 -2.34 -5.26
N GLY A 24 12.15 -2.40 -5.91
CA GLY A 24 12.39 -3.42 -6.91
C GLY A 24 11.98 -4.80 -6.44
N MET A 25 12.14 -5.06 -5.15
CA MET A 25 11.76 -6.34 -4.57
C MET A 25 10.26 -6.42 -4.33
N LEU A 26 9.77 -5.54 -3.46
CA LEU A 26 8.35 -5.50 -3.12
C LEU A 26 7.49 -5.71 -4.37
N TYR A 27 7.91 -5.10 -5.48
CA TYR A 27 7.19 -5.22 -6.74
C TYR A 27 7.17 -6.66 -7.22
N GLU A 28 8.33 -7.17 -7.61
CA GLU A 28 8.46 -8.54 -8.10
C GLU A 28 7.77 -9.52 -7.15
N PHE A 29 8.17 -9.47 -5.88
CA PHE A 29 7.58 -10.36 -4.88
C PHE A 29 6.07 -10.45 -5.03
N PHE A 30 5.46 -9.36 -5.48
CA PHE A 30 4.02 -9.30 -5.68
C PHE A 30 3.66 -9.63 -7.13
N VAL A 31 4.04 -8.75 -8.04
CA VAL A 31 3.74 -8.95 -9.45
C VAL A 31 3.85 -10.42 -9.84
N LYS A 32 4.73 -11.14 -9.15
CA LYS A 32 4.93 -12.56 -9.41
C LYS A 32 3.67 -13.36 -9.08
N VAL A 33 3.24 -13.27 -7.83
CA VAL A 33 2.05 -13.99 -7.39
C VAL A 33 0.80 -13.44 -8.06
N TYR A 34 0.82 -12.14 -8.38
CA TYR A 34 -0.31 -11.49 -9.02
C TYR A 34 0.16 -10.57 -10.15
N PRO A 35 -0.12 -10.98 -11.40
CA PRO A 35 0.25 -10.22 -12.59
C PRO A 35 -0.55 -8.93 -12.72
N SER A 36 -1.42 -8.66 -11.74
CA SER A 36 -2.24 -7.46 -11.75
C SER A 36 -1.60 -6.35 -10.94
N CYS A 37 -0.43 -6.64 -10.37
CA CYS A 37 0.29 -5.66 -9.56
C CYS A 37 0.77 -4.50 -10.41
N ARG A 38 0.64 -3.29 -9.88
CA ARG A 38 1.06 -2.09 -10.60
C ARG A 38 2.50 -1.74 -10.26
N GLY A 39 2.87 -1.91 -8.99
CA GLY A 39 4.22 -1.60 -8.56
C GLY A 39 4.34 -1.50 -7.05
N GLY A 40 5.51 -1.82 -6.52
CA GLY A 40 5.73 -1.76 -5.09
C GLY A 40 6.32 -0.44 -4.65
N LYS A 41 5.82 0.09 -3.54
CA LYS A 41 6.30 1.36 -3.02
C LYS A 41 6.74 1.21 -1.56
N VAL A 42 8.01 1.46 -1.29
CA VAL A 42 8.55 1.37 0.07
C VAL A 42 8.95 2.73 0.60
N VAL A 43 8.26 3.17 1.65
CA VAL A 43 8.54 4.47 2.26
C VAL A 43 9.96 4.52 2.81
N LEU A 44 10.54 5.72 2.84
CA LEU A 44 11.89 5.90 3.34
C LEU A 44 11.96 7.08 4.30
N ASP A 45 13.05 7.15 5.06
CA ASP A 45 13.24 8.23 6.03
C ASP A 45 14.10 9.34 5.43
N GLN A 46 14.27 10.42 6.19
CA GLN A 46 15.08 11.56 5.74
C GLN A 46 16.36 11.08 5.07
N THR A 47 17.01 10.10 5.68
CA THR A 47 18.25 9.55 5.14
C THR A 47 18.00 8.75 3.87
N GLY A 48 16.80 8.18 3.76
CA GLY A 48 16.45 7.40 2.59
C GLY A 48 16.49 5.92 2.86
N VAL A 49 16.34 5.53 4.12
CA VAL A 49 16.36 4.12 4.51
C VAL A 49 14.96 3.62 4.82
N SER A 50 14.61 2.48 4.25
CA SER A 50 13.29 1.89 4.47
C SER A 50 12.85 2.08 5.91
N LYS A 51 11.79 2.87 6.10
CA LYS A 51 11.26 3.13 7.44
C LYS A 51 10.76 1.85 8.09
N GLY A 52 10.38 0.89 7.26
CA GLY A 52 9.90 -0.39 7.78
C GLY A 52 8.48 -0.68 7.36
N TYR A 53 8.01 0.03 6.33
CA TYR A 53 6.66 -0.16 5.82
C TYR A 53 6.51 0.45 4.43
N GLY A 54 5.36 0.19 3.80
CA GLY A 54 5.12 0.71 2.47
C GLY A 54 3.73 0.39 1.97
N PHE A 55 3.52 0.53 0.66
CA PHE A 55 2.22 0.26 0.06
C PHE A 55 2.38 -0.18 -1.39
N VAL A 56 1.46 -1.02 -1.86
CA VAL A 56 1.50 -1.51 -3.23
C VAL A 56 0.20 -1.20 -3.96
N LYS A 57 0.25 -1.23 -5.29
CA LYS A 57 -0.92 -0.95 -6.11
C LYS A 57 -1.29 -2.16 -6.97
N PHE A 58 -2.55 -2.21 -7.40
CA PHE A 58 -3.02 -3.31 -8.23
C PHE A 58 -4.05 -2.82 -9.25
N THR A 59 -4.40 -3.69 -10.19
CA THR A 59 -5.37 -3.35 -11.22
C THR A 59 -6.62 -4.21 -11.10
N ASP A 60 -6.46 -5.39 -10.52
CA ASP A 60 -7.58 -6.31 -10.35
C ASP A 60 -7.93 -6.47 -8.87
N GLU A 61 -8.96 -5.76 -8.43
CA GLU A 61 -9.40 -5.83 -7.03
C GLU A 61 -9.48 -7.27 -6.55
N LEU A 62 -10.07 -8.12 -7.38
CA LEU A 62 -10.22 -9.54 -7.05
C LEU A 62 -8.90 -10.12 -6.55
N GLU A 63 -7.81 -9.73 -7.20
CA GLU A 63 -6.49 -10.22 -6.81
C GLU A 63 -5.94 -9.44 -5.61
N GLN A 64 -6.28 -8.15 -5.55
CA GLN A 64 -5.83 -7.30 -4.46
C GLN A 64 -6.10 -7.95 -3.11
N LYS A 65 -7.38 -8.15 -2.80
CA LYS A 65 -7.77 -8.77 -1.54
C LYS A 65 -7.14 -10.16 -1.40
N ARG A 66 -7.24 -10.96 -2.44
CA ARG A 66 -6.69 -12.31 -2.43
C ARG A 66 -5.29 -12.32 -1.82
N ALA A 67 -4.57 -11.21 -1.99
CA ALA A 67 -3.22 -11.08 -1.46
C ALA A 67 -3.24 -10.90 0.05
N LEU A 68 -4.21 -10.12 0.53
CA LEU A 68 -4.35 -9.86 1.96
C LEU A 68 -4.34 -11.15 2.76
N THR A 69 -4.98 -12.18 2.21
CA THR A 69 -5.05 -13.48 2.86
C THR A 69 -3.91 -14.38 2.41
N GLU A 70 -3.69 -14.44 1.10
CA GLU A 70 -2.63 -15.27 0.54
C GLU A 70 -1.25 -14.73 0.92
N CYS A 71 -0.95 -13.52 0.47
CA CYS A 71 0.33 -12.88 0.75
C CYS A 71 0.44 -12.52 2.23
N GLN A 72 -0.63 -12.77 2.98
CA GLN A 72 -0.66 -12.48 4.40
C GLN A 72 0.65 -12.90 5.08
N GLY A 73 1.16 -12.03 5.94
CA GLY A 73 2.39 -12.33 6.64
C GLY A 73 3.44 -12.95 5.72
N ALA A 74 3.58 -12.38 4.53
CA ALA A 74 4.55 -12.88 3.56
C ALA A 74 5.97 -12.77 4.11
N VAL A 75 6.58 -13.92 4.39
CA VAL A 75 7.94 -13.94 4.91
C VAL A 75 8.97 -13.91 3.78
N GLY A 76 8.64 -14.56 2.67
CA GLY A 76 9.54 -14.58 1.54
C GLY A 76 10.21 -13.24 1.30
N LEU A 77 9.48 -12.16 1.56
CA LEU A 77 10.01 -10.81 1.37
C LEU A 77 10.67 -10.30 2.64
N GLY A 78 11.96 -10.01 2.56
CA GLY A 78 12.69 -9.51 3.71
C GLY A 78 12.69 -10.50 4.87
N SER A 79 13.86 -10.68 5.48
CA SER A 79 14.00 -11.61 6.59
C SER A 79 12.76 -11.57 7.48
N LYS A 80 12.16 -10.39 7.60
CA LYS A 80 10.97 -10.23 8.42
C LYS A 80 9.70 -10.33 7.57
N PRO A 81 8.59 -10.74 8.22
CA PRO A 81 7.30 -10.89 7.54
C PRO A 81 6.69 -9.54 7.14
N VAL A 82 5.48 -9.60 6.59
CA VAL A 82 4.79 -8.38 6.16
C VAL A 82 3.31 -8.46 6.48
N ARG A 83 2.81 -7.45 7.17
CA ARG A 83 1.39 -7.39 7.54
C ARG A 83 0.57 -6.68 6.48
N LEU A 84 -0.34 -7.41 5.85
CA LEU A 84 -1.19 -6.85 4.82
C LEU A 84 -2.47 -6.25 5.41
N SER A 85 -2.85 -5.08 4.91
CA SER A 85 -4.06 -4.42 5.39
C SER A 85 -4.70 -3.58 4.28
N VAL A 86 -5.80 -2.92 4.61
CA VAL A 86 -6.52 -2.10 3.65
C VAL A 86 -6.26 -0.61 3.91
N ALA A 87 -5.32 -0.03 3.15
CA ALA A 87 -4.98 1.37 3.30
C ALA A 87 -6.11 2.26 2.80
N ILE A 88 -6.29 3.41 3.45
CA ILE A 88 -7.33 4.35 3.07
C ILE A 88 -6.76 5.51 2.26
N PRO A 89 -7.26 5.68 1.03
CA PRO A 89 -6.81 6.75 0.14
C PRO A 89 -7.26 8.13 0.61
N LYS A 90 -8.56 8.25 0.91
CA LYS A 90 -9.12 9.51 1.38
C LYS A 90 -8.78 9.74 2.86
N ALA A 91 -7.49 9.91 3.14
CA ALA A 91 -7.04 10.15 4.50
C ALA A 91 -7.23 11.62 4.90
N SER A 92 -6.56 12.51 4.19
CA SER A 92 -6.65 13.94 4.48
C SER A 92 -8.01 14.49 4.04
N ARG A 93 -8.83 14.85 5.02
CA ARG A 93 -10.16 15.38 4.75
C ARG A 93 -10.17 16.91 4.89
N VAL A 94 -10.49 17.59 3.80
CA VAL A 94 -10.54 19.04 3.80
C VAL A 94 -11.97 19.55 3.80
N LYS A 95 -12.21 20.66 4.48
CA LYS A 95 -13.54 21.25 4.56
C LYS A 95 -13.56 22.63 3.91
N PRO A 96 -14.61 22.91 3.13
CA PRO A 96 -14.77 24.19 2.44
C PRO A 96 -15.08 25.33 3.40
N VAL A 97 -14.09 26.19 3.62
CA VAL A 97 -14.26 27.33 4.52
C VAL A 97 -14.96 28.49 3.82
N GLU A 98 -15.62 29.34 4.61
CA GLU A 98 -16.32 30.49 4.07
C GLU A 98 -15.78 31.79 4.65
N SER A 99 -15.13 32.59 3.82
CA SER A 99 -14.57 33.87 4.26
C SER A 99 -14.53 34.87 3.12
N GLY A 100 -14.87 36.11 3.42
CA GLY A 100 -14.87 37.15 2.40
C GLY A 100 -16.21 37.87 2.30
N PRO A 101 -16.17 39.09 1.76
CA PRO A 101 -17.38 39.91 1.60
C PRO A 101 -18.33 39.35 0.54
N SER A 102 -19.59 39.18 0.92
CA SER A 102 -20.59 38.65 0.00
C SER A 102 -22.00 39.07 0.42
N SER A 103 -22.96 38.86 -0.46
CA SER A 103 -24.35 39.22 -0.18
C SER A 103 -24.93 38.32 0.91
N GLY A 104 -26.11 38.68 1.40
CA GLY A 104 -26.75 37.90 2.44
C GLY A 104 -27.03 36.47 2.00
N GLY A 1 -26.10 3.35 -3.20
CA GLY A 1 -25.17 2.24 -3.20
C GLY A 1 -24.01 2.45 -4.17
N SER A 2 -23.98 1.65 -5.22
CA SER A 2 -22.91 1.75 -6.22
C SER A 2 -23.42 2.41 -7.50
N SER A 3 -23.23 3.72 -7.59
CA SER A 3 -23.69 4.47 -8.76
C SER A 3 -22.58 4.55 -9.81
N GLY A 4 -21.45 5.14 -9.44
CA GLY A 4 -20.34 5.27 -10.35
C GLY A 4 -19.00 4.96 -9.70
N SER A 5 -17.99 5.75 -10.03
CA SER A 5 -16.65 5.56 -9.47
C SER A 5 -16.13 6.84 -8.84
N SER A 6 -15.59 6.73 -7.64
CA SER A 6 -15.04 7.88 -6.93
C SER A 6 -13.52 7.94 -7.04
N GLY A 7 -12.89 6.78 -6.99
CA GLY A 7 -11.44 6.72 -7.10
C GLY A 7 -10.93 5.31 -7.31
N PRO A 8 -10.71 4.94 -8.58
CA PRO A 8 -10.21 3.61 -8.94
C PRO A 8 -8.76 3.39 -8.52
N GLU A 9 -8.57 2.68 -7.41
CA GLU A 9 -7.24 2.41 -6.91
C GLU A 9 -7.28 1.34 -5.81
N TYR A 10 -6.63 0.22 -6.05
CA TYR A 10 -6.60 -0.87 -5.08
C TYR A 10 -5.18 -1.10 -4.56
N SER A 11 -4.81 -0.37 -3.51
CA SER A 11 -3.49 -0.49 -2.92
C SER A 11 -3.54 -1.26 -1.61
N LEU A 12 -2.41 -1.85 -1.23
CA LEU A 12 -2.32 -2.62 0.01
C LEU A 12 -1.25 -2.05 0.93
N PHE A 13 -1.51 -2.08 2.23
CA PHE A 13 -0.56 -1.57 3.21
C PHE A 13 0.32 -2.70 3.73
N VAL A 14 1.63 -2.49 3.67
CA VAL A 14 2.60 -3.49 4.13
C VAL A 14 3.46 -2.93 5.26
N GLY A 15 3.87 -3.81 6.17
CA GLY A 15 4.70 -3.39 7.29
C GLY A 15 5.80 -4.37 7.58
N ASP A 16 6.67 -4.03 8.54
CA ASP A 16 7.78 -4.88 8.92
C ASP A 16 8.66 -5.20 7.72
N LEU A 17 9.07 -4.15 7.00
CA LEU A 17 9.91 -4.31 5.82
C LEU A 17 11.37 -4.04 6.17
N THR A 18 12.13 -5.12 6.35
CA THR A 18 13.55 -5.00 6.68
C THR A 18 14.22 -3.93 5.84
N PRO A 19 15.26 -3.28 6.42
CA PRO A 19 16.01 -2.22 5.74
C PRO A 19 16.85 -2.76 4.59
N ASP A 20 16.74 -4.05 4.33
CA ASP A 20 17.49 -4.70 3.26
C ASP A 20 16.60 -4.98 2.06
N VAL A 21 15.40 -4.40 2.07
CA VAL A 21 14.45 -4.60 0.99
C VAL A 21 13.93 -3.26 0.46
N ASP A 22 13.88 -3.12 -0.85
CA ASP A 22 13.41 -1.89 -1.47
C ASP A 22 12.20 -2.17 -2.37
N ASP A 23 11.73 -1.14 -3.06
CA ASP A 23 10.59 -1.27 -3.95
C ASP A 23 10.86 -2.33 -5.02
N GLY A 24 12.09 -2.38 -5.49
CA GLY A 24 12.45 -3.34 -6.52
C GLY A 24 11.94 -4.74 -6.21
N MET A 25 12.04 -5.13 -4.94
CA MET A 25 11.58 -6.46 -4.52
C MET A 25 10.09 -6.44 -4.24
N LEU A 26 9.63 -5.42 -3.53
CA LEU A 26 8.22 -5.28 -3.19
C LEU A 26 7.34 -5.42 -4.43
N TYR A 27 7.93 -5.15 -5.60
CA TYR A 27 7.21 -5.24 -6.86
C TYR A 27 7.18 -6.68 -7.37
N GLU A 28 8.36 -7.20 -7.70
CA GLU A 28 8.48 -8.56 -8.21
C GLU A 28 7.89 -9.57 -7.22
N PHE A 29 7.89 -9.19 -5.94
CA PHE A 29 7.36 -10.06 -4.89
C PHE A 29 5.85 -10.23 -5.04
N PHE A 30 5.18 -9.18 -5.49
CA PHE A 30 3.74 -9.21 -5.68
C PHE A 30 3.38 -9.56 -7.12
N VAL A 31 3.87 -8.74 -8.06
CA VAL A 31 3.62 -8.96 -9.47
C VAL A 31 3.74 -10.43 -9.84
N LYS A 32 4.59 -11.14 -9.10
CA LYS A 32 4.81 -12.56 -9.35
C LYS A 32 3.57 -13.38 -8.99
N VAL A 33 3.16 -13.29 -7.73
CA VAL A 33 1.98 -14.01 -7.25
C VAL A 33 0.71 -13.51 -7.93
N TYR A 34 0.73 -12.23 -8.31
CA TYR A 34 -0.43 -11.61 -8.96
C TYR A 34 0.02 -10.72 -10.12
N PRO A 35 -0.35 -11.12 -11.35
CA PRO A 35 -0.01 -10.37 -12.55
C PRO A 35 -0.75 -9.05 -12.65
N SER A 36 -1.59 -8.77 -11.65
CA SER A 36 -2.37 -7.54 -11.63
C SER A 36 -1.59 -6.43 -10.94
N CYS A 37 -0.56 -6.79 -10.18
CA CYS A 37 0.26 -5.83 -9.47
C CYS A 37 0.68 -4.69 -10.40
N ARG A 38 0.66 -3.47 -9.87
CA ARG A 38 1.03 -2.30 -10.65
C ARG A 38 2.45 -1.85 -10.31
N GLY A 39 2.84 -2.02 -9.05
CA GLY A 39 4.17 -1.63 -8.62
C GLY A 39 4.28 -1.53 -7.12
N GLY A 40 5.46 -1.88 -6.59
CA GLY A 40 5.67 -1.82 -5.15
C GLY A 40 6.40 -0.56 -4.73
N LYS A 41 5.90 0.08 -3.69
CA LYS A 41 6.51 1.31 -3.18
C LYS A 41 6.85 1.18 -1.70
N VAL A 42 8.08 1.50 -1.35
CA VAL A 42 8.53 1.43 0.03
C VAL A 42 8.87 2.81 0.59
N VAL A 43 8.45 3.06 1.83
CA VAL A 43 8.71 4.34 2.47
C VAL A 43 10.11 4.38 3.09
N LEU A 44 10.75 5.54 3.02
CA LEU A 44 12.09 5.71 3.58
C LEU A 44 12.11 6.84 4.60
N ASP A 45 13.24 6.97 5.29
CA ASP A 45 13.39 8.01 6.30
C ASP A 45 14.29 9.14 5.80
N GLN A 46 14.50 10.14 6.64
CA GLN A 46 15.34 11.28 6.27
C GLN A 46 16.63 10.81 5.61
N THR A 47 17.20 9.73 6.14
CA THR A 47 18.44 9.18 5.60
C THR A 47 18.19 8.44 4.29
N GLY A 48 17.03 7.81 4.17
CA GLY A 48 16.69 7.08 2.97
C GLY A 48 16.63 5.59 3.19
N VAL A 49 16.45 5.18 4.45
CA VAL A 49 16.38 3.77 4.79
C VAL A 49 14.93 3.33 4.98
N SER A 50 14.64 2.10 4.56
CA SER A 50 13.29 1.56 4.69
C SER A 50 12.80 1.64 6.13
N LYS A 51 11.87 2.55 6.38
CA LYS A 51 11.31 2.73 7.72
C LYS A 51 10.81 1.40 8.28
N GLY A 52 10.37 0.52 7.39
CA GLY A 52 9.87 -0.78 7.83
C GLY A 52 8.45 -1.03 7.37
N TYR A 53 8.01 -0.28 6.36
CA TYR A 53 6.66 -0.42 5.83
C TYR A 53 6.53 0.24 4.46
N GLY A 54 5.43 -0.04 3.78
CA GLY A 54 5.21 0.53 2.46
C GLY A 54 3.81 0.26 1.95
N PHE A 55 3.64 0.37 0.63
CA PHE A 55 2.34 0.15 0.00
C PHE A 55 2.51 -0.31 -1.44
N VAL A 56 1.54 -1.08 -1.93
CA VAL A 56 1.57 -1.58 -3.30
C VAL A 56 0.31 -1.19 -4.05
N LYS A 57 0.27 -1.53 -5.34
CA LYS A 57 -0.88 -1.21 -6.18
C LYS A 57 -1.24 -2.40 -7.07
N PHE A 58 -2.50 -2.43 -7.52
CA PHE A 58 -2.97 -3.50 -8.38
C PHE A 58 -3.97 -2.99 -9.42
N THR A 59 -4.27 -3.81 -10.41
CA THR A 59 -5.20 -3.43 -11.46
C THR A 59 -6.54 -4.14 -11.29
N ASP A 60 -6.51 -5.29 -10.63
CA ASP A 60 -7.72 -6.07 -10.39
C ASP A 60 -7.98 -6.24 -8.90
N GLU A 61 -9.03 -5.60 -8.41
CA GLU A 61 -9.37 -5.68 -6.98
C GLU A 61 -9.45 -7.13 -6.52
N LEU A 62 -10.11 -7.96 -7.32
CA LEU A 62 -10.26 -9.38 -7.00
C LEU A 62 -8.96 -9.95 -6.46
N GLU A 63 -7.84 -9.58 -7.08
CA GLU A 63 -6.53 -10.05 -6.66
C GLU A 63 -6.07 -9.33 -5.40
N GLN A 64 -6.30 -8.02 -5.36
CA GLN A 64 -5.91 -7.21 -4.20
C GLN A 64 -6.19 -7.95 -2.91
N LYS A 65 -7.45 -8.32 -2.70
CA LYS A 65 -7.85 -9.04 -1.49
C LYS A 65 -7.16 -10.39 -1.39
N ARG A 66 -7.24 -11.16 -2.48
CA ARG A 66 -6.61 -12.48 -2.51
C ARG A 66 -5.22 -12.43 -1.88
N ALA A 67 -4.47 -11.37 -2.16
CA ALA A 67 -3.14 -11.21 -1.63
C ALA A 67 -3.17 -10.99 -0.11
N LEU A 68 -4.03 -10.08 0.32
CA LEU A 68 -4.16 -9.77 1.74
C LEU A 68 -4.16 -11.04 2.58
N THR A 69 -4.86 -12.07 2.10
CA THR A 69 -4.93 -13.33 2.81
C THR A 69 -3.81 -14.27 2.37
N GLU A 70 -3.63 -14.39 1.07
CA GLU A 70 -2.58 -15.26 0.52
C GLU A 70 -1.20 -14.76 0.92
N CYS A 71 -0.84 -13.57 0.46
CA CYS A 71 0.45 -12.98 0.77
C CYS A 71 0.54 -12.60 2.24
N GLN A 72 -0.59 -12.71 2.94
CA GLN A 72 -0.64 -12.37 4.36
C GLN A 72 0.65 -12.78 5.06
N GLY A 73 1.18 -11.88 5.89
CA GLY A 73 2.40 -12.16 6.61
C GLY A 73 3.48 -12.75 5.71
N ALA A 74 3.59 -12.22 4.50
CA ALA A 74 4.59 -12.70 3.56
C ALA A 74 5.99 -12.61 4.14
N VAL A 75 6.65 -13.76 4.29
CA VAL A 75 8.00 -13.81 4.83
C VAL A 75 9.04 -13.77 3.72
N GLY A 76 8.71 -14.36 2.57
CA GLY A 76 9.63 -14.39 1.46
C GLY A 76 10.31 -13.05 1.24
N LEU A 77 9.57 -11.97 1.47
CA LEU A 77 10.11 -10.62 1.30
C LEU A 77 10.80 -10.15 2.58
N GLY A 78 12.10 -9.95 2.50
CA GLY A 78 12.85 -9.49 3.66
C GLY A 78 12.96 -10.55 4.74
N SER A 79 13.92 -10.37 5.64
CA SER A 79 14.14 -11.33 6.73
C SER A 79 12.97 -11.33 7.70
N LYS A 80 12.01 -10.44 7.46
CA LYS A 80 10.83 -10.33 8.31
C LYS A 80 9.56 -10.38 7.47
N PRO A 81 8.45 -10.81 8.10
CA PRO A 81 7.15 -10.90 7.44
C PRO A 81 6.56 -9.53 7.13
N VAL A 82 5.46 -9.53 6.37
CA VAL A 82 4.79 -8.28 6.00
C VAL A 82 3.30 -8.34 6.31
N ARG A 83 2.82 -7.36 7.06
CA ARG A 83 1.42 -7.31 7.43
C ARG A 83 0.59 -6.57 6.37
N LEU A 84 -0.28 -7.30 5.69
CA LEU A 84 -1.11 -6.72 4.65
C LEU A 84 -2.38 -6.12 5.24
N SER A 85 -2.86 -5.04 4.64
CA SER A 85 -4.07 -4.37 5.10
C SER A 85 -4.70 -3.54 3.99
N VAL A 86 -5.92 -3.07 4.23
CA VAL A 86 -6.63 -2.25 3.25
C VAL A 86 -6.42 -0.77 3.52
N ALA A 87 -5.55 -0.14 2.72
CA ALA A 87 -5.26 1.27 2.87
C ALA A 87 -6.11 2.10 1.91
N ILE A 88 -6.95 2.96 2.46
CA ILE A 88 -7.81 3.82 1.66
C ILE A 88 -7.01 4.62 0.65
N PRO A 89 -7.47 4.64 -0.61
CA PRO A 89 -6.80 5.36 -1.70
C PRO A 89 -6.91 6.88 -1.53
N LYS A 90 -8.09 7.34 -1.13
CA LYS A 90 -8.33 8.77 -0.93
C LYS A 90 -9.35 8.99 0.17
N ALA A 91 -9.03 9.90 1.09
CA ALA A 91 -9.92 10.22 2.20
C ALA A 91 -10.11 11.72 2.34
N SER A 92 -10.17 12.42 1.21
CA SER A 92 -10.34 13.86 1.20
C SER A 92 -9.50 14.52 2.28
N ARG A 93 -8.24 14.07 2.39
CA ARG A 93 -7.33 14.61 3.39
C ARG A 93 -6.44 15.70 2.78
N VAL A 94 -6.81 16.95 3.03
CA VAL A 94 -6.05 18.09 2.51
C VAL A 94 -5.87 19.16 3.58
N LYS A 95 -4.64 19.64 3.73
CA LYS A 95 -4.34 20.68 4.71
C LYS A 95 -3.86 21.96 4.02
N PRO A 96 -4.81 22.73 3.46
CA PRO A 96 -4.50 23.98 2.77
C PRO A 96 -4.04 25.07 3.73
N VAL A 97 -2.77 25.02 4.11
CA VAL A 97 -2.20 26.01 5.02
C VAL A 97 -0.80 26.42 4.59
N GLU A 98 -0.58 27.73 4.46
CA GLU A 98 0.71 28.25 4.04
C GLU A 98 1.63 28.45 5.25
N SER A 99 2.93 28.25 5.03
CA SER A 99 3.91 28.39 6.11
C SER A 99 5.12 29.19 5.62
N GLY A 100 5.96 29.61 6.56
CA GLY A 100 7.14 30.37 6.21
C GLY A 100 8.37 29.91 6.96
N PRO A 101 9.54 29.96 6.29
CA PRO A 101 10.81 29.54 6.87
C PRO A 101 11.29 30.50 7.96
N SER A 102 12.07 29.96 8.91
CA SER A 102 12.59 30.76 10.00
C SER A 102 13.99 30.30 10.40
N SER A 103 14.74 31.20 11.05
CA SER A 103 16.09 30.88 11.48
C SER A 103 16.14 30.59 12.97
N GLY A 104 17.16 29.84 13.40
CA GLY A 104 17.29 29.50 14.80
C GLY A 104 16.07 28.80 15.35
N GLY A 1 -21.12 -4.83 -0.98
CA GLY A 1 -20.90 -4.86 -2.42
C GLY A 1 -19.92 -3.79 -2.86
N SER A 2 -18.89 -4.20 -3.60
CA SER A 2 -17.88 -3.27 -4.09
C SER A 2 -18.50 -2.23 -5.01
N SER A 3 -18.25 -0.95 -4.71
CA SER A 3 -18.79 0.14 -5.50
C SER A 3 -17.84 1.34 -5.50
N GLY A 4 -17.59 1.89 -6.68
CA GLY A 4 -16.70 3.03 -6.78
C GLY A 4 -17.38 4.25 -7.38
N SER A 5 -16.67 5.36 -7.40
CA SER A 5 -17.22 6.61 -7.95
C SER A 5 -16.40 7.07 -9.14
N SER A 6 -15.10 7.22 -8.94
CA SER A 6 -14.20 7.67 -10.00
C SER A 6 -12.76 7.27 -9.71
N GLY A 7 -11.97 7.13 -10.76
CA GLY A 7 -10.58 6.73 -10.60
C GLY A 7 -10.42 5.50 -9.73
N PRO A 8 -10.65 4.32 -10.33
CA PRO A 8 -10.54 3.04 -9.63
C PRO A 8 -9.10 2.69 -9.30
N GLU A 9 -8.74 2.85 -8.03
CA GLU A 9 -7.38 2.55 -7.58
C GLU A 9 -7.40 1.53 -6.44
N TYR A 10 -6.41 0.63 -6.45
CA TYR A 10 -6.32 -0.40 -5.42
C TYR A 10 -4.89 -0.52 -4.90
N SER A 11 -4.75 -0.54 -3.58
CA SER A 11 -3.43 -0.65 -2.96
C SER A 11 -3.52 -1.46 -1.67
N LEU A 12 -2.36 -1.92 -1.21
CA LEU A 12 -2.29 -2.72 0.01
C LEU A 12 -1.21 -2.19 0.95
N PHE A 13 -1.53 -2.10 2.23
CA PHE A 13 -0.59 -1.61 3.24
C PHE A 13 0.27 -2.76 3.77
N VAL A 14 1.58 -2.53 3.80
CA VAL A 14 2.51 -3.54 4.30
C VAL A 14 3.42 -2.97 5.38
N GLY A 15 3.85 -3.83 6.30
CA GLY A 15 4.73 -3.39 7.37
C GLY A 15 5.88 -4.34 7.60
N ASP A 16 6.62 -4.11 8.68
CA ASP A 16 7.76 -4.96 9.02
C ASP A 16 8.62 -5.22 7.79
N LEU A 17 8.99 -4.16 7.10
CA LEU A 17 9.82 -4.26 5.90
C LEU A 17 11.29 -4.03 6.22
N THR A 18 12.05 -5.13 6.30
CA THR A 18 13.48 -5.04 6.61
C THR A 18 14.17 -4.00 5.72
N PRO A 19 15.25 -3.40 6.25
CA PRO A 19 16.02 -2.38 5.54
C PRO A 19 16.79 -2.96 4.36
N ASP A 20 16.61 -4.26 4.12
CA ASP A 20 17.30 -4.93 3.02
C ASP A 20 16.33 -5.18 1.86
N VAL A 21 15.23 -4.46 1.85
CA VAL A 21 14.22 -4.59 0.80
C VAL A 21 13.92 -3.25 0.15
N ASP A 22 13.88 -3.24 -1.17
CA ASP A 22 13.59 -2.00 -1.91
C ASP A 22 12.40 -2.20 -2.84
N ASP A 23 11.92 -1.10 -3.43
CA ASP A 23 10.79 -1.15 -4.34
C ASP A 23 10.95 -2.28 -5.35
N GLY A 24 12.12 -2.33 -5.99
CA GLY A 24 12.38 -3.35 -6.98
C GLY A 24 12.01 -4.74 -6.50
N MET A 25 12.03 -4.93 -5.18
CA MET A 25 11.69 -6.21 -4.58
C MET A 25 10.19 -6.30 -4.30
N LEU A 26 9.69 -5.36 -3.50
CA LEU A 26 8.27 -5.33 -3.16
C LEU A 26 7.40 -5.52 -4.39
N TYR A 27 7.92 -5.10 -5.54
CA TYR A 27 7.19 -5.22 -6.80
C TYR A 27 7.22 -6.66 -7.30
N GLU A 28 8.41 -7.12 -7.68
CA GLU A 28 8.58 -8.48 -8.18
C GLU A 28 8.04 -9.50 -7.20
N PHE A 29 8.02 -9.13 -5.92
CA PHE A 29 7.53 -10.01 -4.87
C PHE A 29 6.02 -10.22 -5.00
N PHE A 30 5.32 -9.18 -5.41
CA PHE A 30 3.86 -9.25 -5.59
C PHE A 30 3.50 -9.57 -7.03
N VAL A 31 3.97 -8.73 -7.95
CA VAL A 31 3.69 -8.93 -9.37
C VAL A 31 3.81 -10.40 -9.75
N LYS A 32 4.65 -11.13 -9.03
CA LYS A 32 4.87 -12.54 -9.29
C LYS A 32 3.61 -13.35 -8.99
N VAL A 33 3.18 -13.30 -7.74
CA VAL A 33 1.98 -14.03 -7.32
C VAL A 33 0.74 -13.50 -8.05
N TYR A 34 0.73 -12.21 -8.34
CA TYR A 34 -0.39 -11.59 -9.03
C TYR A 34 0.09 -10.67 -10.15
N PRO A 35 -0.24 -11.04 -11.39
CA PRO A 35 0.15 -10.26 -12.58
C PRO A 35 -0.59 -8.93 -12.66
N SER A 36 -1.47 -8.68 -11.70
CA SER A 36 -2.25 -7.44 -11.67
C SER A 36 -1.48 -6.35 -10.95
N CYS A 37 -0.41 -6.74 -10.26
CA CYS A 37 0.41 -5.78 -9.52
C CYS A 37 0.79 -4.60 -10.40
N ARG A 38 0.68 -3.39 -9.86
CA ARG A 38 1.01 -2.18 -10.60
C ARG A 38 2.43 -1.72 -10.27
N GLY A 39 2.82 -1.86 -9.00
CA GLY A 39 4.14 -1.45 -8.58
C GLY A 39 4.29 -1.39 -7.07
N GLY A 40 5.45 -1.77 -6.57
CA GLY A 40 5.68 -1.76 -5.14
C GLY A 40 6.40 -0.49 -4.68
N LYS A 41 5.91 0.10 -3.60
CA LYS A 41 6.51 1.32 -3.06
C LYS A 41 6.86 1.14 -1.59
N VAL A 42 8.12 1.38 -1.25
CA VAL A 42 8.58 1.24 0.12
C VAL A 42 9.00 2.59 0.69
N VAL A 43 8.38 2.98 1.80
CA VAL A 43 8.69 4.25 2.45
C VAL A 43 10.09 4.24 3.05
N LEU A 44 10.72 5.40 3.09
CA LEU A 44 12.07 5.52 3.63
C LEU A 44 12.13 6.63 4.70
N ASP A 45 13.32 6.87 5.23
CA ASP A 45 13.51 7.90 6.24
C ASP A 45 14.44 9.01 5.73
N GLN A 46 14.62 10.03 6.56
CA GLN A 46 15.49 11.15 6.18
C GLN A 46 16.74 10.66 5.46
N THR A 47 17.29 9.55 5.94
CA THR A 47 18.49 8.99 5.36
C THR A 47 18.15 8.14 4.13
N GLY A 48 16.96 7.55 4.14
CA GLY A 48 16.54 6.72 3.02
C GLY A 48 16.41 5.25 3.39
N VAL A 49 16.68 4.95 4.66
CA VAL A 49 16.61 3.58 5.15
C VAL A 49 15.16 3.15 5.36
N SER A 50 14.74 2.12 4.63
CA SER A 50 13.38 1.61 4.73
C SER A 50 12.86 1.72 6.16
N LYS A 51 11.94 2.65 6.38
CA LYS A 51 11.35 2.87 7.69
C LYS A 51 10.87 1.56 8.30
N GLY A 52 10.36 0.68 7.45
CA GLY A 52 9.87 -0.61 7.91
C GLY A 52 8.44 -0.89 7.48
N TYR A 53 8.00 -0.16 6.45
CA TYR A 53 6.64 -0.34 5.94
C TYR A 53 6.50 0.28 4.55
N GLY A 54 5.39 -0.01 3.89
CA GLY A 54 5.16 0.52 2.55
C GLY A 54 3.77 0.20 2.03
N PHE A 55 3.59 0.34 0.73
CA PHE A 55 2.30 0.06 0.10
C PHE A 55 2.47 -0.36 -1.35
N VAL A 56 1.59 -1.22 -1.82
CA VAL A 56 1.64 -1.70 -3.20
C VAL A 56 0.37 -1.34 -3.96
N LYS A 57 0.39 -1.56 -5.27
CA LYS A 57 -0.76 -1.25 -6.12
C LYS A 57 -1.15 -2.46 -6.96
N PHE A 58 -2.38 -2.44 -7.47
CA PHE A 58 -2.87 -3.55 -8.30
C PHE A 58 -3.88 -3.04 -9.32
N THR A 59 -4.10 -3.83 -10.36
CA THR A 59 -5.04 -3.48 -11.42
C THR A 59 -6.39 -4.17 -11.23
N ASP A 60 -6.38 -5.26 -10.46
CA ASP A 60 -7.59 -6.02 -10.19
C ASP A 60 -7.91 -6.03 -8.70
N GLU A 61 -9.13 -5.62 -8.36
CA GLU A 61 -9.56 -5.58 -6.96
C GLU A 61 -9.77 -7.00 -6.42
N LEU A 62 -10.07 -7.93 -7.32
CA LEU A 62 -10.29 -9.32 -6.93
C LEU A 62 -9.01 -9.95 -6.39
N GLU A 63 -7.92 -9.76 -7.12
CA GLU A 63 -6.63 -10.32 -6.71
C GLU A 63 -6.05 -9.54 -5.53
N GLN A 64 -6.22 -8.23 -5.57
CA GLN A 64 -5.71 -7.36 -4.50
C GLN A 64 -6.05 -7.93 -3.13
N LYS A 65 -7.25 -8.48 -3.02
CA LYS A 65 -7.71 -9.06 -1.76
C LYS A 65 -7.14 -10.45 -1.57
N ARG A 66 -7.16 -11.25 -2.63
CA ARG A 66 -6.64 -12.62 -2.58
C ARG A 66 -5.26 -12.65 -1.92
N ALA A 67 -4.52 -11.54 -2.06
CA ALA A 67 -3.19 -11.44 -1.49
C ALA A 67 -3.25 -11.16 0.01
N LEU A 68 -4.25 -10.39 0.42
CA LEU A 68 -4.43 -10.05 1.83
C LEU A 68 -4.51 -11.30 2.69
N THR A 69 -5.16 -12.33 2.16
CA THR A 69 -5.32 -13.59 2.88
C THR A 69 -4.19 -14.56 2.55
N GLU A 70 -3.74 -14.53 1.30
CA GLU A 70 -2.66 -15.40 0.84
C GLU A 70 -1.30 -14.83 1.23
N CYS A 71 -0.95 -13.70 0.62
CA CYS A 71 0.33 -13.05 0.90
C CYS A 71 0.43 -12.65 2.37
N GLN A 72 -0.69 -12.75 3.08
CA GLN A 72 -0.73 -12.39 4.50
C GLN A 72 0.57 -12.78 5.19
N GLY A 73 1.13 -11.85 5.96
CA GLY A 73 2.36 -12.11 6.67
C GLY A 73 3.46 -12.63 5.75
N ALA A 74 3.52 -12.09 4.54
CA ALA A 74 4.53 -12.50 3.57
C ALA A 74 5.93 -12.40 4.16
N VAL A 75 6.59 -13.54 4.30
CA VAL A 75 7.94 -13.58 4.85
C VAL A 75 8.99 -13.55 3.74
N GLY A 76 8.68 -14.21 2.63
CA GLY A 76 9.60 -14.25 1.51
C GLY A 76 10.25 -12.91 1.24
N LEU A 77 9.48 -11.83 1.45
CA LEU A 77 9.99 -10.48 1.23
C LEU A 77 10.75 -9.99 2.45
N GLY A 78 12.07 -9.86 2.31
CA GLY A 78 12.89 -9.40 3.42
C GLY A 78 13.08 -10.45 4.49
N SER A 79 13.91 -10.14 5.48
CA SER A 79 14.18 -11.08 6.58
C SER A 79 13.10 -10.96 7.66
N LYS A 80 11.91 -10.56 7.25
CA LYS A 80 10.80 -10.41 8.19
C LYS A 80 9.46 -10.45 7.46
N PRO A 81 8.39 -10.80 8.19
CA PRO A 81 7.04 -10.88 7.62
C PRO A 81 6.47 -9.50 7.29
N VAL A 82 5.34 -9.49 6.59
CA VAL A 82 4.69 -8.24 6.21
C VAL A 82 3.21 -8.26 6.56
N ARG A 83 2.75 -7.23 7.26
CA ARG A 83 1.36 -7.12 7.65
C ARG A 83 0.53 -6.48 6.55
N LEU A 84 -0.32 -7.27 5.91
CA LEU A 84 -1.17 -6.77 4.83
C LEU A 84 -2.46 -6.17 5.39
N SER A 85 -2.95 -5.13 4.73
CA SER A 85 -4.18 -4.46 5.16
C SER A 85 -4.76 -3.62 4.04
N VAL A 86 -5.91 -3.00 4.29
CA VAL A 86 -6.57 -2.16 3.31
C VAL A 86 -6.31 -0.68 3.58
N ALA A 87 -5.41 -0.10 2.79
CA ALA A 87 -5.06 1.32 2.94
C ALA A 87 -6.14 2.21 2.33
N ILE A 88 -6.19 3.46 2.78
CA ILE A 88 -7.18 4.42 2.28
C ILE A 88 -6.51 5.72 1.85
N PRO A 89 -6.65 6.06 0.56
CA PRO A 89 -6.06 7.28 0.00
C PRO A 89 -6.76 8.55 0.51
N LYS A 90 -8.08 8.49 0.59
CA LYS A 90 -8.87 9.63 1.06
C LYS A 90 -9.56 9.30 2.38
N ALA A 91 -8.94 9.72 3.48
CA ALA A 91 -9.50 9.48 4.81
C ALA A 91 -11.02 9.64 4.81
N SER A 92 -11.47 10.87 4.62
CA SER A 92 -12.90 11.16 4.59
C SER A 92 -13.22 12.31 3.64
N ARG A 93 -13.97 12.01 2.59
CA ARG A 93 -14.34 13.01 1.60
C ARG A 93 -15.27 14.07 2.22
N VAL A 94 -14.67 15.06 2.88
CA VAL A 94 -15.45 16.12 3.51
C VAL A 94 -14.92 17.49 3.09
N LYS A 95 -15.81 18.33 2.57
CA LYS A 95 -15.44 19.66 2.13
C LYS A 95 -16.10 20.72 3.02
N PRO A 96 -15.37 21.82 3.28
CA PRO A 96 -15.87 22.92 4.11
C PRO A 96 -16.97 23.72 3.41
N VAL A 97 -17.79 24.39 4.21
CA VAL A 97 -18.89 25.19 3.67
C VAL A 97 -19.03 26.50 4.43
N GLU A 98 -19.77 27.45 3.84
CA GLU A 98 -19.99 28.74 4.47
C GLU A 98 -21.48 29.08 4.52
N SER A 99 -21.83 30.04 5.37
CA SER A 99 -23.22 30.44 5.52
C SER A 99 -23.32 31.73 6.33
N GLY A 100 -24.54 32.23 6.48
CA GLY A 100 -24.76 33.46 7.23
C GLY A 100 -26.22 33.89 7.24
N PRO A 101 -27.00 33.28 8.16
CA PRO A 101 -28.43 33.59 8.28
C PRO A 101 -28.67 34.99 8.85
N SER A 102 -29.94 35.38 8.92
CA SER A 102 -30.30 36.70 9.44
C SER A 102 -31.62 36.63 10.19
N SER A 103 -31.98 37.75 10.84
CA SER A 103 -33.22 37.81 11.61
C SER A 103 -34.23 38.72 10.91
N GLY A 104 -35.47 38.70 11.41
CA GLY A 104 -36.51 39.53 10.83
C GLY A 104 -37.69 38.70 10.34
N GLY A 1 -23.56 -2.31 -0.97
CA GLY A 1 -23.70 -1.64 -2.25
C GLY A 1 -22.69 -0.54 -2.47
N SER A 2 -22.79 0.15 -3.59
CA SER A 2 -21.86 1.22 -3.91
C SER A 2 -22.27 2.52 -3.21
N SER A 3 -21.50 2.90 -2.20
CA SER A 3 -21.77 4.11 -1.43
C SER A 3 -21.12 5.33 -2.09
N GLY A 4 -19.87 5.16 -2.51
CA GLY A 4 -19.15 6.25 -3.15
C GLY A 4 -18.75 5.93 -4.57
N SER A 5 -17.50 6.23 -4.91
CA SER A 5 -16.99 5.96 -6.25
C SER A 5 -16.20 4.66 -6.29
N SER A 6 -16.27 3.96 -7.42
CA SER A 6 -15.57 2.70 -7.58
C SER A 6 -14.41 2.85 -8.57
N GLY A 7 -13.76 4.00 -8.54
CA GLY A 7 -12.64 4.24 -9.43
C GLY A 7 -11.61 3.13 -9.40
N PRO A 8 -10.94 2.91 -10.54
CA PRO A 8 -9.92 1.86 -10.65
C PRO A 8 -8.66 2.19 -9.86
N GLU A 9 -8.70 1.89 -8.56
CA GLU A 9 -7.56 2.15 -7.67
C GLU A 9 -7.54 1.17 -6.51
N TYR A 10 -6.51 0.32 -6.48
CA TYR A 10 -6.37 -0.67 -5.42
C TYR A 10 -4.94 -0.71 -4.90
N SER A 11 -4.78 -0.41 -3.61
CA SER A 11 -3.46 -0.41 -2.99
C SER A 11 -3.50 -1.11 -1.63
N LEU A 12 -2.48 -1.89 -1.34
CA LEU A 12 -2.39 -2.62 -0.08
C LEU A 12 -1.32 -2.02 0.83
N PHE A 13 -1.51 -2.15 2.13
CA PHE A 13 -0.55 -1.62 3.11
C PHE A 13 0.37 -2.73 3.62
N VAL A 14 1.67 -2.54 3.41
CA VAL A 14 2.66 -3.52 3.86
C VAL A 14 3.48 -2.99 5.03
N GLY A 15 3.71 -3.84 6.02
CA GLY A 15 4.48 -3.43 7.19
C GLY A 15 5.63 -4.37 7.48
N ASP A 16 6.43 -4.03 8.48
CA ASP A 16 7.57 -4.87 8.86
C ASP A 16 8.47 -5.13 7.66
N LEU A 17 8.86 -4.06 6.98
CA LEU A 17 9.73 -4.18 5.80
C LEU A 17 11.19 -3.92 6.17
N THR A 18 11.94 -5.01 6.37
CA THR A 18 13.34 -4.89 6.73
C THR A 18 14.06 -3.87 5.84
N PRO A 19 15.12 -3.26 6.39
CA PRO A 19 15.91 -2.25 5.67
C PRO A 19 16.72 -2.86 4.53
N ASP A 20 16.61 -4.18 4.38
CA ASP A 20 17.34 -4.89 3.33
C ASP A 20 16.44 -5.19 2.14
N VAL A 21 15.30 -4.50 2.08
CA VAL A 21 14.34 -4.69 0.99
C VAL A 21 13.95 -3.36 0.36
N ASP A 22 13.98 -3.30 -0.96
CA ASP A 22 13.63 -2.09 -1.69
C ASP A 22 12.43 -2.33 -2.60
N ASP A 23 11.90 -1.25 -3.18
CA ASP A 23 10.76 -1.35 -4.07
C ASP A 23 10.97 -2.44 -5.12
N GLY A 24 12.13 -2.42 -5.76
CA GLY A 24 12.43 -3.41 -6.78
C GLY A 24 11.94 -4.79 -6.40
N MET A 25 12.02 -5.13 -5.11
CA MET A 25 11.56 -6.43 -4.64
C MET A 25 10.07 -6.40 -4.31
N LEU A 26 9.64 -5.34 -3.62
CA LEU A 26 8.23 -5.21 -3.25
C LEU A 26 7.34 -5.31 -4.48
N TYR A 27 7.91 -5.08 -5.65
CA TYR A 27 7.17 -5.15 -6.91
C TYR A 27 7.12 -6.58 -7.43
N GLU A 28 8.29 -7.14 -7.71
CA GLU A 28 8.37 -8.51 -8.22
C GLU A 28 7.75 -9.50 -7.24
N PHE A 29 8.11 -9.36 -5.97
CA PHE A 29 7.58 -10.24 -4.93
C PHE A 29 6.07 -10.38 -5.05
N PHE A 30 5.41 -9.31 -5.47
CA PHE A 30 3.96 -9.31 -5.63
C PHE A 30 3.57 -9.64 -7.06
N VAL A 31 3.90 -8.73 -7.98
CA VAL A 31 3.58 -8.92 -9.40
C VAL A 31 3.72 -10.39 -9.80
N LYS A 32 4.62 -11.10 -9.12
CA LYS A 32 4.85 -12.51 -9.41
C LYS A 32 3.61 -13.34 -9.08
N VAL A 33 3.18 -13.26 -7.82
CA VAL A 33 2.00 -13.99 -7.37
C VAL A 33 0.74 -13.49 -8.07
N TYR A 34 0.69 -12.19 -8.32
CA TYR A 34 -0.46 -11.58 -8.96
C TYR A 34 -0.02 -10.61 -10.05
N PRO A 35 -0.37 -10.93 -11.31
CA PRO A 35 -0.02 -10.10 -12.47
C PRO A 35 -0.80 -8.79 -12.48
N SER A 36 -1.61 -8.56 -11.45
CA SER A 36 -2.40 -7.34 -11.36
C SER A 36 -1.59 -6.22 -10.71
N CYS A 37 -0.53 -6.58 -10.01
CA CYS A 37 0.32 -5.61 -9.35
C CYS A 37 0.78 -4.53 -10.32
N ARG A 38 0.73 -3.28 -9.88
CA ARG A 38 1.13 -2.16 -10.71
C ARG A 38 2.56 -1.71 -10.37
N GLY A 39 2.94 -1.88 -9.12
CA GLY A 39 4.27 -1.50 -8.68
C GLY A 39 4.37 -1.35 -7.18
N GLY A 40 5.54 -1.65 -6.64
CA GLY A 40 5.75 -1.54 -5.20
C GLY A 40 6.29 -0.19 -4.80
N LYS A 41 5.81 0.31 -3.66
CA LYS A 41 6.23 1.61 -3.15
C LYS A 41 6.59 1.52 -1.67
N VAL A 42 7.87 1.55 -1.37
CA VAL A 42 8.34 1.48 0.01
C VAL A 42 8.68 2.87 0.55
N VAL A 43 8.49 3.04 1.86
CA VAL A 43 8.76 4.33 2.49
C VAL A 43 10.15 4.34 3.12
N LEU A 44 10.83 5.49 3.03
CA LEU A 44 12.16 5.64 3.58
C LEU A 44 12.26 6.88 4.45
N ASP A 45 13.40 7.05 5.11
CA ASP A 45 13.62 8.20 5.99
C ASP A 45 14.61 9.18 5.35
N GLN A 46 14.76 10.34 5.97
CA GLN A 46 15.67 11.36 5.47
C GLN A 46 17.00 10.74 5.05
N THR A 47 17.34 9.61 5.66
CA THR A 47 18.59 8.93 5.35
C THR A 47 18.42 7.99 4.16
N GLY A 48 17.24 7.40 4.04
CA GLY A 48 16.97 6.48 2.95
C GLY A 48 16.86 5.04 3.41
N VAL A 49 16.60 4.85 4.69
CA VAL A 49 16.48 3.51 5.26
C VAL A 49 15.02 3.11 5.41
N SER A 50 14.60 2.09 4.68
CA SER A 50 13.23 1.61 4.73
C SER A 50 12.68 1.68 6.16
N LYS A 51 11.85 2.68 6.42
CA LYS A 51 11.27 2.86 7.75
C LYS A 51 10.79 1.53 8.31
N GLY A 52 10.26 0.68 7.45
CA GLY A 52 9.77 -0.62 7.88
C GLY A 52 8.36 -0.91 7.41
N TYR A 53 7.93 -0.20 6.37
CA TYR A 53 6.59 -0.37 5.82
C TYR A 53 6.50 0.18 4.40
N GLY A 54 5.31 0.09 3.81
CA GLY A 54 5.12 0.59 2.46
C GLY A 54 3.72 0.32 1.94
N PHE A 55 3.54 0.49 0.64
CA PHE A 55 2.23 0.27 0.02
C PHE A 55 2.39 -0.12 -1.44
N VAL A 56 1.58 -1.08 -1.89
CA VAL A 56 1.63 -1.54 -3.27
C VAL A 56 0.35 -1.18 -4.01
N LYS A 57 0.27 -1.58 -5.28
CA LYS A 57 -0.90 -1.30 -6.10
C LYS A 57 -1.25 -2.50 -6.98
N PHE A 58 -2.46 -2.49 -7.52
CA PHE A 58 -2.93 -3.58 -8.37
C PHE A 58 -3.93 -3.08 -9.40
N THR A 59 -4.21 -3.90 -10.40
CA THR A 59 -5.15 -3.55 -11.46
C THR A 59 -6.50 -4.21 -11.24
N ASP A 60 -6.55 -5.17 -10.32
CA ASP A 60 -7.78 -5.88 -10.02
C ASP A 60 -7.95 -6.06 -8.52
N GLU A 61 -9.06 -5.56 -7.99
CA GLU A 61 -9.35 -5.66 -6.56
C GLU A 61 -9.41 -7.13 -6.13
N LEU A 62 -9.97 -7.96 -6.99
CA LEU A 62 -10.10 -9.39 -6.69
C LEU A 62 -8.75 -9.99 -6.28
N GLU A 63 -7.73 -9.72 -7.09
CA GLU A 63 -6.39 -10.23 -6.80
C GLU A 63 -5.78 -9.53 -5.59
N GLN A 64 -6.13 -8.25 -5.43
CA GLN A 64 -5.62 -7.47 -4.30
C GLN A 64 -5.99 -8.12 -2.97
N LYS A 65 -7.28 -8.32 -2.76
CA LYS A 65 -7.77 -8.93 -1.53
C LYS A 65 -7.20 -10.32 -1.34
N ARG A 66 -7.13 -11.09 -2.42
CA ARG A 66 -6.60 -12.44 -2.37
C ARG A 66 -5.18 -12.44 -1.79
N ALA A 67 -4.45 -11.35 -2.01
CA ALA A 67 -3.09 -11.23 -1.51
C ALA A 67 -3.09 -11.00 0.00
N LEU A 68 -4.10 -10.28 0.49
CA LEU A 68 -4.20 -9.99 1.93
C LEU A 68 -4.22 -11.28 2.73
N THR A 69 -4.92 -12.29 2.24
CA THR A 69 -5.02 -13.57 2.91
C THR A 69 -3.95 -14.53 2.43
N GLU A 70 -3.61 -14.44 1.15
CA GLU A 70 -2.59 -15.30 0.56
C GLU A 70 -1.19 -14.81 0.91
N CYS A 71 -0.89 -13.58 0.56
CA CYS A 71 0.41 -12.99 0.84
C CYS A 71 0.49 -12.50 2.28
N GLN A 72 -0.49 -12.90 3.08
CA GLN A 72 -0.54 -12.50 4.49
C GLN A 72 0.78 -12.84 5.19
N GLY A 73 1.25 -11.91 6.02
CA GLY A 73 2.50 -12.14 6.74
C GLY A 73 3.55 -12.79 5.89
N ALA A 74 3.55 -12.49 4.59
CA ALA A 74 4.51 -13.06 3.66
C ALA A 74 5.94 -12.84 4.16
N VAL A 75 6.64 -13.94 4.44
CA VAL A 75 8.01 -13.88 4.92
C VAL A 75 9.00 -13.82 3.76
N GLY A 76 8.67 -14.52 2.68
CA GLY A 76 9.54 -14.53 1.52
C GLY A 76 10.21 -13.20 1.28
N LEU A 77 9.48 -12.12 1.50
CA LEU A 77 10.00 -10.77 1.31
C LEU A 77 10.70 -10.27 2.57
N GLY A 78 12.01 -10.06 2.47
CA GLY A 78 12.77 -9.59 3.61
C GLY A 78 12.86 -10.61 4.73
N SER A 79 13.84 -10.46 5.60
CA SER A 79 14.04 -11.39 6.71
C SER A 79 12.84 -11.36 7.65
N LYS A 80 12.02 -10.32 7.53
CA LYS A 80 10.84 -10.17 8.37
C LYS A 80 9.57 -10.29 7.54
N PRO A 81 8.46 -10.67 8.19
CA PRO A 81 7.17 -10.82 7.53
C PRO A 81 6.56 -9.49 7.11
N VAL A 82 5.45 -9.54 6.39
CA VAL A 82 4.79 -8.33 5.92
C VAL A 82 3.30 -8.35 6.28
N ARG A 83 2.86 -7.30 6.97
CA ARG A 83 1.46 -7.19 7.37
C ARG A 83 0.62 -6.53 6.28
N LEU A 84 -0.22 -7.33 5.63
CA LEU A 84 -1.08 -6.81 4.56
C LEU A 84 -2.36 -6.21 5.14
N SER A 85 -2.87 -5.18 4.46
CA SER A 85 -4.08 -4.51 4.91
C SER A 85 -4.68 -3.65 3.79
N VAL A 86 -5.81 -3.03 4.07
CA VAL A 86 -6.48 -2.18 3.09
C VAL A 86 -6.26 -0.70 3.40
N ALA A 87 -5.35 -0.07 2.68
CA ALA A 87 -5.04 1.34 2.88
C ALA A 87 -5.87 2.22 1.94
N ILE A 88 -6.22 3.41 2.41
CA ILE A 88 -7.00 4.33 1.61
C ILE A 88 -6.34 5.71 1.56
N PRO A 89 -6.20 6.26 0.34
CA PRO A 89 -5.59 7.57 0.13
C PRO A 89 -6.46 8.71 0.66
N LYS A 90 -7.77 8.58 0.46
CA LYS A 90 -8.71 9.61 0.91
C LYS A 90 -9.54 9.09 2.09
N ALA A 91 -8.95 9.09 3.28
CA ALA A 91 -9.64 8.62 4.48
C ALA A 91 -9.42 9.57 5.64
N SER A 92 -8.15 9.83 5.96
CA SER A 92 -7.80 10.72 7.05
C SER A 92 -6.30 11.01 7.06
N ARG A 93 -5.96 12.28 6.86
CA ARG A 93 -4.56 12.70 6.84
C ARG A 93 -3.78 12.07 7.99
N VAL A 94 -2.52 11.74 7.74
CA VAL A 94 -1.67 11.13 8.75
C VAL A 94 -1.78 11.88 10.08
N LYS A 95 -2.24 13.12 10.00
CA LYS A 95 -2.40 13.95 11.20
C LYS A 95 -3.16 15.23 10.88
N PRO A 96 -4.18 15.54 11.70
CA PRO A 96 -5.00 16.74 11.52
C PRO A 96 -4.22 18.02 11.84
N VAL A 97 -4.68 19.14 11.28
CA VAL A 97 -4.04 20.43 11.49
C VAL A 97 -4.01 20.78 12.98
N GLU A 98 -2.81 20.92 13.53
CA GLU A 98 -2.65 21.26 14.94
C GLU A 98 -1.39 22.09 15.16
N SER A 99 -1.33 22.76 16.30
CA SER A 99 -0.18 23.61 16.62
C SER A 99 0.20 23.46 18.10
N GLY A 100 1.49 23.51 18.39
CA GLY A 100 1.96 23.38 19.75
C GLY A 100 3.01 22.29 19.91
N PRO A 101 4.28 22.64 19.63
CA PRO A 101 5.39 21.71 19.73
C PRO A 101 5.71 21.33 21.17
N SER A 102 5.50 22.28 22.09
CA SER A 102 5.77 22.05 23.49
C SER A 102 6.97 21.14 23.68
N SER A 103 8.04 21.42 22.95
CA SER A 103 9.25 20.61 23.03
C SER A 103 10.49 21.47 22.76
N GLY A 104 11.65 20.96 23.15
CA GLY A 104 12.89 21.69 22.95
C GLY A 104 13.78 21.70 24.18
N GLY A 1 -20.48 -3.87 1.22
CA GLY A 1 -19.51 -2.84 1.52
C GLY A 1 -19.70 -1.59 0.69
N SER A 2 -20.37 -0.60 1.27
CA SER A 2 -20.63 0.66 0.58
C SER A 2 -19.33 1.37 0.21
N SER A 3 -19.01 1.39 -1.08
CA SER A 3 -17.80 2.03 -1.56
C SER A 3 -18.12 3.28 -2.38
N GLY A 4 -17.40 4.37 -2.11
CA GLY A 4 -17.63 5.60 -2.84
C GLY A 4 -16.53 6.62 -2.60
N SER A 5 -15.38 6.41 -3.22
CA SER A 5 -14.25 7.31 -3.07
C SER A 5 -13.65 7.67 -4.43
N SER A 6 -13.36 8.95 -4.62
CA SER A 6 -12.79 9.43 -5.88
C SER A 6 -11.49 8.71 -6.19
N GLY A 7 -11.27 8.41 -7.46
CA GLY A 7 -10.06 7.72 -7.87
C GLY A 7 -10.07 6.25 -7.50
N PRO A 8 -10.62 5.42 -8.41
CA PRO A 8 -10.70 3.97 -8.20
C PRO A 8 -9.34 3.30 -8.26
N GLU A 9 -8.76 3.04 -7.10
CA GLU A 9 -7.45 2.41 -7.02
C GLU A 9 -7.45 1.30 -5.96
N TYR A 10 -6.51 0.37 -6.09
CA TYR A 10 -6.40 -0.74 -5.15
C TYR A 10 -4.99 -0.81 -4.56
N SER A 11 -4.79 -0.11 -3.45
CA SER A 11 -3.50 -0.09 -2.78
C SER A 11 -3.56 -0.85 -1.45
N LEU A 12 -2.53 -1.64 -1.17
CA LEU A 12 -2.46 -2.41 0.06
C LEU A 12 -1.37 -1.87 0.98
N PHE A 13 -1.60 -1.96 2.28
CA PHE A 13 -0.64 -1.49 3.27
C PHE A 13 0.28 -2.62 3.72
N VAL A 14 1.59 -2.36 3.71
CA VAL A 14 2.57 -3.36 4.11
C VAL A 14 3.46 -2.83 5.23
N GLY A 15 3.91 -3.74 6.09
CA GLY A 15 4.76 -3.34 7.19
C GLY A 15 5.91 -4.31 7.42
N ASP A 16 6.58 -4.18 8.55
CA ASP A 16 7.69 -5.05 8.89
C ASP A 16 8.58 -5.29 7.68
N LEU A 17 9.01 -4.21 7.03
CA LEU A 17 9.85 -4.32 5.84
C LEU A 17 11.31 -4.05 6.19
N THR A 18 12.10 -5.11 6.32
CA THR A 18 13.51 -4.99 6.64
C THR A 18 14.18 -3.93 5.79
N PRO A 19 15.22 -3.28 6.34
CA PRO A 19 15.97 -2.23 5.65
C PRO A 19 16.81 -2.78 4.51
N ASP A 20 16.68 -4.08 4.25
CA ASP A 20 17.42 -4.73 3.18
C ASP A 20 16.54 -4.93 1.95
N VAL A 21 15.28 -4.52 2.07
CA VAL A 21 14.33 -4.66 0.98
C VAL A 21 14.02 -3.31 0.34
N ASP A 22 13.98 -3.27 -0.99
CA ASP A 22 13.69 -2.04 -1.72
C ASP A 22 12.42 -2.19 -2.55
N ASP A 23 12.02 -1.10 -3.20
CA ASP A 23 10.82 -1.11 -4.04
C ASP A 23 10.95 -2.15 -5.15
N GLY A 24 12.17 -2.30 -5.68
CA GLY A 24 12.40 -3.26 -6.74
C GLY A 24 11.93 -4.65 -6.38
N MET A 25 12.03 -5.00 -5.11
CA MET A 25 11.60 -6.32 -4.63
C MET A 25 10.11 -6.34 -4.35
N LEU A 26 9.65 -5.41 -3.51
CA LEU A 26 8.25 -5.33 -3.16
C LEU A 26 7.36 -5.54 -4.39
N TYR A 27 7.80 -5.03 -5.53
CA TYR A 27 7.06 -5.17 -6.78
C TYR A 27 7.09 -6.61 -7.27
N GLU A 28 8.27 -7.08 -7.64
CA GLU A 28 8.43 -8.44 -8.13
C GLU A 28 7.76 -9.44 -7.19
N PHE A 29 8.12 -9.37 -5.91
CA PHE A 29 7.56 -10.27 -4.91
C PHE A 29 6.04 -10.40 -5.08
N PHE A 30 5.41 -9.32 -5.52
CA PHE A 30 3.97 -9.31 -5.73
C PHE A 30 3.62 -9.65 -7.18
N VAL A 31 3.99 -8.76 -8.09
CA VAL A 31 3.73 -8.96 -9.51
C VAL A 31 3.88 -10.43 -9.90
N LYS A 32 4.77 -11.13 -9.21
CA LYS A 32 5.01 -12.54 -9.47
C LYS A 32 3.77 -13.37 -9.14
N VAL A 33 3.36 -13.34 -7.87
CA VAL A 33 2.19 -14.10 -7.43
C VAL A 33 0.93 -13.57 -8.09
N TYR A 34 0.90 -12.27 -8.37
CA TYR A 34 -0.26 -11.65 -9.00
C TYR A 34 0.16 -10.77 -10.17
N PRO A 35 -0.23 -11.18 -11.39
CA PRO A 35 0.10 -10.45 -12.61
C PRO A 35 -0.65 -9.12 -12.71
N SER A 36 -1.44 -8.82 -11.69
CA SER A 36 -2.20 -7.57 -11.66
C SER A 36 -1.57 -6.56 -10.70
N CYS A 37 -0.25 -6.61 -10.60
CA CYS A 37 0.49 -5.71 -9.72
C CYS A 37 0.90 -4.45 -10.47
N ARG A 38 0.52 -3.29 -9.94
CA ARG A 38 0.85 -2.02 -10.56
C ARG A 38 2.29 -1.62 -10.25
N GLY A 39 2.71 -1.87 -9.01
CA GLY A 39 4.06 -1.52 -8.60
C GLY A 39 4.20 -1.42 -7.10
N GLY A 40 5.42 -1.64 -6.60
CA GLY A 40 5.66 -1.57 -5.17
C GLY A 40 6.22 -0.24 -4.74
N LYS A 41 5.88 0.20 -3.54
CA LYS A 41 6.35 1.47 -3.01
C LYS A 41 6.74 1.34 -1.55
N VAL A 42 8.04 1.48 -1.27
CA VAL A 42 8.55 1.38 0.08
C VAL A 42 8.95 2.75 0.63
N VAL A 43 8.30 3.17 1.71
CA VAL A 43 8.58 4.46 2.32
C VAL A 43 10.02 4.50 2.85
N LEU A 44 10.55 5.70 2.97
CA LEU A 44 11.91 5.89 3.47
C LEU A 44 11.97 7.02 4.49
N ASP A 45 13.10 7.12 5.19
CA ASP A 45 13.28 8.16 6.20
C ASP A 45 14.11 9.31 5.64
N GLN A 46 14.26 10.36 6.44
CA GLN A 46 15.03 11.53 6.03
C GLN A 46 16.33 11.11 5.34
N THR A 47 17.00 10.12 5.91
CA THR A 47 18.25 9.62 5.34
C THR A 47 18.01 8.83 4.08
N GLY A 48 16.83 8.21 3.98
CA GLY A 48 16.49 7.42 2.81
C GLY A 48 16.53 5.93 3.09
N VAL A 49 16.35 5.55 4.35
CA VAL A 49 16.36 4.15 4.74
C VAL A 49 14.95 3.63 4.99
N SER A 50 14.67 2.43 4.49
CA SER A 50 13.36 1.82 4.65
C SER A 50 12.89 1.91 6.10
N LYS A 51 11.89 2.73 6.35
CA LYS A 51 11.35 2.90 7.70
C LYS A 51 10.89 1.56 8.27
N GLY A 52 10.38 0.69 7.41
CA GLY A 52 9.92 -0.60 7.85
C GLY A 52 8.50 -0.90 7.40
N TYR A 53 8.03 -0.15 6.41
CA TYR A 53 6.68 -0.34 5.88
C TYR A 53 6.55 0.30 4.50
N GLY A 54 5.38 0.10 3.88
CA GLY A 54 5.14 0.66 2.57
C GLY A 54 3.76 0.36 2.04
N PHE A 55 3.57 0.49 0.74
CA PHE A 55 2.28 0.21 0.11
C PHE A 55 2.45 -0.21 -1.35
N VAL A 56 1.55 -1.06 -1.80
CA VAL A 56 1.60 -1.55 -3.18
C VAL A 56 0.34 -1.16 -3.95
N LYS A 57 0.26 -1.60 -5.20
CA LYS A 57 -0.90 -1.29 -6.05
C LYS A 57 -1.23 -2.47 -6.95
N PHE A 58 -2.48 -2.52 -7.41
CA PHE A 58 -2.92 -3.60 -8.29
C PHE A 58 -3.97 -3.10 -9.27
N THR A 59 -4.17 -3.84 -10.36
CA THR A 59 -5.13 -3.48 -11.38
C THR A 59 -6.41 -4.29 -11.25
N ASP A 60 -6.33 -5.39 -10.50
CA ASP A 60 -7.48 -6.26 -10.30
C ASP A 60 -7.83 -6.37 -8.82
N GLU A 61 -8.97 -5.78 -8.44
CA GLU A 61 -9.41 -5.81 -7.04
C GLU A 61 -9.55 -7.25 -6.54
N LEU A 62 -10.09 -8.11 -7.40
CA LEU A 62 -10.29 -9.51 -7.05
C LEU A 62 -9.02 -10.10 -6.44
N GLU A 63 -7.90 -9.87 -7.11
CA GLU A 63 -6.61 -10.38 -6.64
C GLU A 63 -6.14 -9.62 -5.41
N GLN A 64 -6.27 -8.29 -5.46
CA GLN A 64 -5.84 -7.45 -4.34
C GLN A 64 -6.11 -8.14 -3.01
N LYS A 65 -7.37 -8.49 -2.76
CA LYS A 65 -7.75 -9.16 -1.53
C LYS A 65 -7.08 -10.52 -1.41
N ARG A 66 -6.91 -11.19 -2.55
CA ARG A 66 -6.28 -12.50 -2.59
C ARG A 66 -4.94 -12.49 -1.85
N ALA A 67 -4.18 -11.42 -2.04
CA ALA A 67 -2.88 -11.28 -1.39
C ALA A 67 -3.04 -11.02 0.10
N LEU A 68 -3.96 -10.11 0.44
CA LEU A 68 -4.20 -9.76 1.83
C LEU A 68 -4.42 -11.02 2.68
N THR A 69 -5.11 -12.00 2.11
CA THR A 69 -5.39 -13.25 2.81
C THR A 69 -4.32 -14.29 2.51
N GLU A 70 -3.83 -14.30 1.28
CA GLU A 70 -2.80 -15.25 0.86
C GLU A 70 -1.41 -14.75 1.25
N CYS A 71 -1.00 -13.64 0.65
CA CYS A 71 0.31 -13.05 0.93
C CYS A 71 0.40 -12.62 2.39
N GLN A 72 -0.72 -12.67 3.10
CA GLN A 72 -0.76 -12.29 4.50
C GLN A 72 0.51 -12.72 5.22
N GLY A 73 1.14 -11.78 5.92
CA GLY A 73 2.36 -12.08 6.64
C GLY A 73 3.38 -12.79 5.78
N ALA A 74 3.49 -12.38 4.52
CA ALA A 74 4.44 -12.97 3.60
C ALA A 74 5.87 -12.81 4.09
N VAL A 75 6.52 -13.95 4.38
CA VAL A 75 7.89 -13.93 4.86
C VAL A 75 8.89 -13.87 3.70
N GLY A 76 8.56 -14.58 2.62
CA GLY A 76 9.43 -14.58 1.46
C GLY A 76 10.09 -13.24 1.22
N LEU A 77 9.35 -12.17 1.46
CA LEU A 77 9.88 -10.82 1.27
C LEU A 77 10.61 -10.34 2.51
N GLY A 78 11.92 -10.14 2.38
CA GLY A 78 12.73 -9.67 3.50
C GLY A 78 12.77 -10.68 4.62
N SER A 79 13.86 -10.66 5.39
CA SER A 79 14.03 -11.58 6.51
C SER A 79 12.80 -11.56 7.43
N LYS A 80 12.09 -10.44 7.41
CA LYS A 80 10.90 -10.28 8.23
C LYS A 80 9.63 -10.36 7.39
N PRO A 81 8.50 -10.72 8.02
CA PRO A 81 7.22 -10.84 7.35
C PRO A 81 6.66 -9.48 6.93
N VAL A 82 5.44 -9.49 6.39
CA VAL A 82 4.79 -8.26 5.96
C VAL A 82 3.32 -8.25 6.35
N ARG A 83 2.90 -7.16 7.00
CA ARG A 83 1.52 -7.02 7.43
C ARG A 83 0.66 -6.38 6.34
N LEU A 84 -0.25 -7.17 5.77
CA LEU A 84 -1.13 -6.69 4.72
C LEU A 84 -2.43 -6.15 5.30
N SER A 85 -2.91 -5.04 4.73
CA SER A 85 -4.15 -4.42 5.19
C SER A 85 -4.78 -3.59 4.07
N VAL A 86 -5.90 -2.93 4.40
CA VAL A 86 -6.60 -2.10 3.43
C VAL A 86 -6.32 -0.63 3.67
N ALA A 87 -5.42 -0.06 2.87
CA ALA A 87 -5.06 1.34 2.99
C ALA A 87 -6.11 2.23 2.34
N ILE A 88 -5.97 3.54 2.52
CA ILE A 88 -6.92 4.50 1.95
C ILE A 88 -6.19 5.74 1.45
N PRO A 89 -6.48 6.12 0.19
CA PRO A 89 -5.87 7.30 -0.45
C PRO A 89 -6.37 8.61 0.17
N LYS A 90 -7.17 8.49 1.22
CA LYS A 90 -7.72 9.67 1.90
C LYS A 90 -7.30 9.70 3.36
N ALA A 91 -7.64 8.62 4.09
CA ALA A 91 -7.28 8.53 5.49
C ALA A 91 -7.41 9.87 6.19
N SER A 92 -8.44 10.62 5.82
CA SER A 92 -8.68 11.94 6.41
C SER A 92 -10.04 12.50 5.98
N ARG A 93 -10.69 13.19 6.89
CA ARG A 93 -12.00 13.78 6.60
C ARG A 93 -11.92 15.31 6.56
N VAL A 94 -11.47 15.85 5.44
CA VAL A 94 -11.34 17.29 5.28
C VAL A 94 -12.63 17.90 4.74
N LYS A 95 -12.90 19.14 5.14
CA LYS A 95 -14.11 19.83 4.70
C LYS A 95 -13.86 21.33 4.61
N PRO A 96 -14.35 21.95 3.53
CA PRO A 96 -14.20 23.40 3.30
C PRO A 96 -15.03 24.22 4.27
N VAL A 97 -14.37 24.78 5.29
CA VAL A 97 -15.06 25.60 6.29
C VAL A 97 -15.84 26.72 5.63
N GLU A 98 -17.17 26.69 5.81
CA GLU A 98 -18.03 27.71 5.23
C GLU A 98 -18.53 28.67 6.31
N SER A 99 -18.51 29.96 6.00
CA SER A 99 -18.96 30.99 6.94
C SER A 99 -19.80 32.04 6.23
N GLY A 100 -21.09 32.08 6.56
CA GLY A 100 -21.99 33.04 5.94
C GLY A 100 -22.60 33.99 6.95
N PRO A 101 -21.80 34.93 7.46
CA PRO A 101 -22.25 35.92 8.45
C PRO A 101 -23.23 36.93 7.85
N SER A 102 -23.82 37.75 8.72
CA SER A 102 -24.78 38.75 8.28
C SER A 102 -24.58 40.06 9.05
N SER A 103 -24.12 41.09 8.35
CA SER A 103 -23.89 42.39 8.96
C SER A 103 -23.60 43.45 7.90
N GLY A 104 -23.58 44.72 8.31
CA GLY A 104 -23.32 45.80 7.39
C GLY A 104 -24.60 46.34 6.77
N GLY A 1 -23.18 -2.19 -5.96
CA GLY A 1 -22.11 -1.68 -6.81
C GLY A 1 -21.42 -0.47 -6.21
N SER A 2 -21.53 0.66 -6.88
CA SER A 2 -20.89 1.89 -6.40
C SER A 2 -21.81 3.10 -6.62
N SER A 3 -21.72 4.07 -5.72
CA SER A 3 -22.54 5.28 -5.82
C SER A 3 -21.72 6.45 -6.31
N GLY A 4 -21.68 6.62 -7.63
CA GLY A 4 -20.92 7.72 -8.21
C GLY A 4 -19.43 7.47 -8.19
N SER A 5 -18.89 7.03 -9.33
CA SER A 5 -17.47 6.74 -9.45
C SER A 5 -16.65 7.72 -8.61
N SER A 6 -15.67 7.19 -7.88
CA SER A 6 -14.81 8.02 -7.03
C SER A 6 -13.36 7.95 -7.50
N GLY A 7 -12.82 6.74 -7.57
CA GLY A 7 -11.44 6.56 -8.00
C GLY A 7 -11.04 5.10 -8.06
N PRO A 8 -10.90 4.56 -9.28
CA PRO A 8 -10.50 3.17 -9.49
C PRO A 8 -9.06 2.90 -9.09
N GLU A 9 -8.83 2.66 -7.80
CA GLU A 9 -7.49 2.39 -7.30
C GLU A 9 -7.54 1.39 -6.14
N TYR A 10 -6.66 0.40 -6.20
CA TYR A 10 -6.59 -0.63 -5.17
C TYR A 10 -5.16 -0.83 -4.68
N SER A 11 -4.87 -0.34 -3.48
CA SER A 11 -3.53 -0.47 -2.91
C SER A 11 -3.59 -1.24 -1.58
N LEU A 12 -2.46 -1.86 -1.24
CA LEU A 12 -2.38 -2.63 0.00
C LEU A 12 -1.28 -2.07 0.91
N PHE A 13 -1.53 -2.11 2.22
CA PHE A 13 -0.57 -1.62 3.19
C PHE A 13 0.31 -2.74 3.72
N VAL A 14 1.62 -2.58 3.56
CA VAL A 14 2.57 -3.59 4.03
C VAL A 14 3.44 -3.04 5.15
N GLY A 15 3.87 -3.93 6.05
CA GLY A 15 4.70 -3.52 7.16
C GLY A 15 5.83 -4.50 7.42
N ASP A 16 6.59 -4.25 8.49
CA ASP A 16 7.71 -5.12 8.85
C ASP A 16 8.62 -5.34 7.65
N LEU A 17 9.01 -4.26 6.99
CA LEU A 17 9.88 -4.34 5.83
C LEU A 17 11.33 -4.04 6.22
N THR A 18 12.14 -5.09 6.29
CA THR A 18 13.55 -4.94 6.65
C THR A 18 14.22 -3.85 5.83
N PRO A 19 15.23 -3.20 6.42
CA PRO A 19 15.97 -2.12 5.75
C PRO A 19 16.84 -2.64 4.60
N ASP A 20 16.75 -3.93 4.34
CA ASP A 20 17.53 -4.54 3.27
C ASP A 20 16.67 -4.74 2.01
N VAL A 21 15.37 -4.59 2.18
CA VAL A 21 14.43 -4.75 1.07
C VAL A 21 14.08 -3.39 0.45
N ASP A 22 14.02 -3.36 -0.88
CA ASP A 22 13.69 -2.13 -1.59
C ASP A 22 12.42 -2.30 -2.41
N ASP A 23 12.06 -1.26 -3.16
CA ASP A 23 10.87 -1.30 -4.00
C ASP A 23 10.99 -2.34 -5.10
N GLY A 24 12.17 -2.41 -5.70
CA GLY A 24 12.41 -3.37 -6.77
C GLY A 24 11.95 -4.77 -6.40
N MET A 25 12.10 -5.11 -5.12
CA MET A 25 11.70 -6.44 -4.65
C MET A 25 10.20 -6.48 -4.38
N LEU A 26 9.70 -5.50 -3.63
CA LEU A 26 8.28 -5.43 -3.31
C LEU A 26 7.43 -5.57 -4.56
N TYR A 27 7.92 -5.04 -5.68
CA TYR A 27 7.20 -5.11 -6.94
C TYR A 27 7.14 -6.54 -7.46
N GLU A 28 8.32 -7.11 -7.73
CA GLU A 28 8.40 -8.48 -8.23
C GLU A 28 7.72 -9.45 -7.28
N PHE A 29 8.13 -9.42 -6.02
CA PHE A 29 7.56 -10.30 -5.01
C PHE A 29 6.04 -10.40 -5.17
N PHE A 30 5.43 -9.31 -5.61
CA PHE A 30 3.98 -9.27 -5.81
C PHE A 30 3.62 -9.59 -7.25
N VAL A 31 3.98 -8.69 -8.16
CA VAL A 31 3.69 -8.87 -9.59
C VAL A 31 3.83 -10.34 -9.98
N LYS A 32 4.71 -11.06 -9.29
CA LYS A 32 4.94 -12.47 -9.57
C LYS A 32 3.70 -13.31 -9.22
N VAL A 33 3.31 -13.27 -7.94
CA VAL A 33 2.15 -14.02 -7.49
C VAL A 33 0.86 -13.49 -8.12
N TYR A 34 0.84 -12.19 -8.40
CA TYR A 34 -0.33 -11.56 -9.00
C TYR A 34 0.09 -10.64 -10.15
N PRO A 35 -0.31 -11.01 -11.37
CA PRO A 35 0.01 -10.22 -12.57
C PRO A 35 -0.74 -8.90 -12.61
N SER A 36 -1.58 -8.65 -11.61
CA SER A 36 -2.35 -7.43 -11.53
C SER A 36 -1.54 -6.31 -10.87
N CYS A 37 -0.46 -6.69 -10.19
CA CYS A 37 0.39 -5.72 -9.51
C CYS A 37 0.82 -4.61 -10.47
N ARG A 38 0.84 -3.39 -9.97
CA ARG A 38 1.22 -2.23 -10.77
C ARG A 38 2.63 -1.76 -10.41
N GLY A 39 2.98 -1.89 -9.13
CA GLY A 39 4.28 -1.47 -8.68
C GLY A 39 4.37 -1.39 -7.16
N GLY A 40 5.55 -1.72 -6.62
CA GLY A 40 5.74 -1.69 -5.18
C GLY A 40 6.34 -0.38 -4.71
N LYS A 41 5.82 0.14 -3.61
CA LYS A 41 6.31 1.39 -3.05
C LYS A 41 6.71 1.23 -1.58
N VAL A 42 7.96 1.53 -1.27
CA VAL A 42 8.45 1.42 0.10
C VAL A 42 8.79 2.78 0.67
N VAL A 43 8.43 2.99 1.94
CA VAL A 43 8.70 4.25 2.62
C VAL A 43 10.09 4.26 3.24
N LEU A 44 10.67 5.45 3.35
CA LEU A 44 12.01 5.58 3.93
C LEU A 44 12.02 6.68 5.00
N ASP A 45 13.17 6.85 5.65
CA ASP A 45 13.31 7.86 6.70
C ASP A 45 14.17 9.03 6.21
N GLN A 46 14.28 10.07 7.03
CA GLN A 46 15.07 11.23 6.68
C GLN A 46 16.36 10.83 5.97
N THR A 47 16.98 9.76 6.45
CA THR A 47 18.23 9.27 5.87
C THR A 47 17.97 8.56 4.54
N GLY A 48 16.82 7.89 4.45
CA GLY A 48 16.48 7.19 3.23
C GLY A 48 16.45 5.68 3.42
N VAL A 49 16.38 5.25 4.67
CA VAL A 49 16.34 3.82 4.99
C VAL A 49 14.92 3.34 5.21
N SER A 50 14.58 2.21 4.61
CA SER A 50 13.24 1.64 4.73
C SER A 50 12.76 1.71 6.18
N LYS A 51 11.84 2.63 6.45
CA LYS A 51 11.30 2.79 7.80
C LYS A 51 10.83 1.46 8.36
N GLY A 52 10.28 0.61 7.49
CA GLY A 52 9.81 -0.69 7.93
C GLY A 52 8.39 -0.97 7.47
N TYR A 53 7.95 -0.24 6.44
CA TYR A 53 6.61 -0.42 5.91
C TYR A 53 6.47 0.21 4.53
N GLY A 54 5.37 -0.07 3.85
CA GLY A 54 5.15 0.47 2.52
C GLY A 54 3.76 0.19 2.00
N PHE A 55 3.58 0.33 0.69
CA PHE A 55 2.27 0.09 0.07
C PHE A 55 2.44 -0.30 -1.39
N VAL A 56 1.52 -1.13 -1.88
CA VAL A 56 1.56 -1.59 -3.26
C VAL A 56 0.25 -1.29 -3.99
N LYS A 57 0.25 -1.44 -5.30
CA LYS A 57 -0.92 -1.18 -6.11
C LYS A 57 -1.28 -2.39 -6.97
N PHE A 58 -2.53 -2.46 -7.41
CA PHE A 58 -2.99 -3.56 -8.25
C PHE A 58 -4.01 -3.08 -9.27
N THR A 59 -4.16 -3.83 -10.35
CA THR A 59 -5.11 -3.48 -11.40
C THR A 59 -6.42 -4.23 -11.23
N ASP A 60 -6.38 -5.33 -10.47
CA ASP A 60 -7.57 -6.13 -10.21
C ASP A 60 -7.88 -6.20 -8.72
N GLU A 61 -9.07 -5.73 -8.35
CA GLU A 61 -9.49 -5.74 -6.95
C GLU A 61 -9.68 -7.17 -6.44
N LEU A 62 -10.23 -8.02 -7.31
CA LEU A 62 -10.47 -9.41 -6.95
C LEU A 62 -9.20 -10.07 -6.42
N GLU A 63 -8.06 -9.66 -6.98
CA GLU A 63 -6.78 -10.22 -6.56
C GLU A 63 -6.23 -9.47 -5.35
N GLN A 64 -6.46 -8.16 -5.30
CA GLN A 64 -5.99 -7.34 -4.20
C GLN A 64 -6.26 -8.02 -2.87
N LYS A 65 -7.52 -8.34 -2.60
CA LYS A 65 -7.91 -9.00 -1.37
C LYS A 65 -7.31 -10.40 -1.27
N ARG A 66 -7.05 -11.00 -2.44
CA ARG A 66 -6.48 -12.34 -2.48
C ARG A 66 -5.11 -12.36 -1.80
N ALA A 67 -4.32 -11.32 -2.02
CA ALA A 67 -3.00 -11.22 -1.43
C ALA A 67 -3.09 -11.01 0.08
N LEU A 68 -3.95 -10.09 0.48
CA LEU A 68 -4.14 -9.78 1.90
C LEU A 68 -4.19 -11.06 2.73
N THR A 69 -4.88 -12.07 2.20
CA THR A 69 -5.02 -13.35 2.90
C THR A 69 -3.93 -14.32 2.46
N GLU A 70 -3.69 -14.40 1.16
CA GLU A 70 -2.67 -15.30 0.61
C GLU A 70 -1.28 -14.84 1.03
N CYS A 71 -0.92 -13.62 0.63
CA CYS A 71 0.39 -13.07 0.96
C CYS A 71 0.43 -12.56 2.39
N GLN A 72 -0.61 -12.89 3.15
CA GLN A 72 -0.70 -12.46 4.55
C GLN A 72 0.56 -12.85 5.31
N GLY A 73 1.14 -11.87 6.00
CA GLY A 73 2.35 -12.12 6.76
C GLY A 73 3.43 -12.81 5.94
N ALA A 74 3.51 -12.45 4.66
CA ALA A 74 4.49 -13.03 3.77
C ALA A 74 5.91 -12.79 4.28
N VAL A 75 6.65 -13.89 4.50
CA VAL A 75 8.01 -13.79 5.00
C VAL A 75 9.02 -13.79 3.84
N GLY A 76 8.69 -14.52 2.78
CA GLY A 76 9.57 -14.59 1.64
C GLY A 76 10.21 -13.25 1.32
N LEU A 77 9.47 -12.17 1.55
CA LEU A 77 9.96 -10.83 1.29
C LEU A 77 10.65 -10.25 2.52
N GLY A 78 11.94 -10.00 2.42
CA GLY A 78 12.69 -9.44 3.53
C GLY A 78 12.75 -10.39 4.72
N SER A 79 13.86 -10.35 5.44
CA SER A 79 14.04 -11.21 6.60
C SER A 79 12.82 -11.14 7.53
N LYS A 80 12.05 -10.08 7.39
CA LYS A 80 10.85 -9.89 8.20
C LYS A 80 9.59 -10.08 7.38
N PRO A 81 8.49 -10.45 8.04
CA PRO A 81 7.20 -10.67 7.38
C PRO A 81 6.57 -9.37 6.88
N VAL A 82 5.34 -9.47 6.39
CA VAL A 82 4.63 -8.30 5.88
C VAL A 82 3.17 -8.32 6.30
N ARG A 83 2.73 -7.24 6.94
CA ARG A 83 1.35 -7.13 7.40
C ARG A 83 0.48 -6.46 6.34
N LEU A 84 -0.26 -7.27 5.60
CA LEU A 84 -1.13 -6.75 4.54
C LEU A 84 -2.40 -6.15 5.14
N SER A 85 -2.91 -5.10 4.50
CA SER A 85 -4.11 -4.43 4.97
C SER A 85 -4.74 -3.59 3.86
N VAL A 86 -5.87 -2.96 4.17
CA VAL A 86 -6.56 -2.14 3.19
C VAL A 86 -6.38 -0.65 3.50
N ALA A 87 -5.53 0.01 2.72
CA ALA A 87 -5.26 1.43 2.91
C ALA A 87 -6.17 2.27 2.02
N ILE A 88 -6.80 3.28 2.61
CA ILE A 88 -7.68 4.17 1.88
C ILE A 88 -7.33 5.63 2.11
N PRO A 89 -7.37 6.44 1.04
CA PRO A 89 -7.04 7.86 1.10
C PRO A 89 -8.11 8.66 1.86
N LYS A 90 -7.69 9.77 2.46
CA LYS A 90 -8.61 10.62 3.20
C LYS A 90 -9.93 10.78 2.47
N ALA A 91 -10.98 10.16 3.01
CA ALA A 91 -12.31 10.24 2.40
C ALA A 91 -12.59 11.64 1.88
N SER A 92 -12.56 12.62 2.78
CA SER A 92 -12.82 14.01 2.42
C SER A 92 -12.15 14.96 3.41
N ARG A 93 -12.29 16.25 3.15
CA ARG A 93 -11.70 17.26 4.01
C ARG A 93 -12.67 17.68 5.11
N VAL A 94 -12.16 17.76 6.34
CA VAL A 94 -12.98 18.14 7.49
C VAL A 94 -12.61 19.52 8.00
N LYS A 95 -13.62 20.35 8.24
CA LYS A 95 -13.39 21.71 8.73
C LYS A 95 -14.38 22.05 9.85
N PRO A 96 -13.90 22.84 10.82
CA PRO A 96 -14.73 23.25 11.96
C PRO A 96 -15.82 24.24 11.56
N VAL A 97 -17.04 23.74 11.43
CA VAL A 97 -18.18 24.58 11.05
C VAL A 97 -19.02 24.93 12.27
N GLU A 98 -19.00 26.21 12.64
CA GLU A 98 -19.77 26.67 13.79
C GLU A 98 -21.00 27.44 13.34
N SER A 99 -22.16 27.07 13.88
CA SER A 99 -23.41 27.73 13.53
C SER A 99 -24.49 27.43 14.58
N GLY A 100 -25.39 28.39 14.78
CA GLY A 100 -26.46 28.21 15.75
C GLY A 100 -27.59 29.21 15.57
N PRO A 101 -28.81 28.78 15.85
CA PRO A 101 -30.00 29.62 15.71
C PRO A 101 -30.05 30.74 16.76
N SER A 102 -31.00 31.64 16.61
CA SER A 102 -31.15 32.76 17.54
C SER A 102 -32.44 33.52 17.27
N SER A 103 -32.85 34.35 18.23
CA SER A 103 -34.07 35.13 18.11
C SER A 103 -34.10 36.26 19.13
N GLY A 104 -34.90 37.28 18.85
CA GLY A 104 -35.01 38.41 19.75
C GLY A 104 -35.48 39.67 19.05
N GLY A 1 -20.03 -4.18 -19.96
CA GLY A 1 -19.81 -3.53 -18.67
C GLY A 1 -20.89 -2.55 -18.32
N SER A 2 -21.74 -2.91 -17.36
CA SER A 2 -22.84 -2.05 -16.94
C SER A 2 -22.31 -0.71 -16.43
N SER A 3 -23.15 0.32 -16.51
CA SER A 3 -22.77 1.65 -16.06
C SER A 3 -22.67 1.70 -14.54
N GLY A 4 -21.48 1.40 -14.01
CA GLY A 4 -21.27 1.43 -12.58
C GLY A 4 -19.87 1.86 -12.21
N SER A 5 -19.14 1.00 -11.52
CA SER A 5 -17.79 1.31 -11.10
C SER A 5 -16.92 1.72 -12.28
N SER A 6 -15.93 2.57 -12.03
CA SER A 6 -15.04 3.03 -13.08
C SER A 6 -13.60 2.62 -12.79
N GLY A 7 -13.39 1.32 -12.61
CA GLY A 7 -12.06 0.81 -12.34
C GLY A 7 -11.28 1.72 -11.41
N PRO A 8 -11.65 1.70 -10.12
CA PRO A 8 -10.99 2.52 -9.10
C PRO A 8 -9.57 2.04 -8.80
N GLU A 9 -8.85 2.82 -7.99
CA GLU A 9 -7.48 2.46 -7.63
C GLU A 9 -7.46 1.51 -6.44
N TYR A 10 -6.51 0.58 -6.44
CA TYR A 10 -6.39 -0.40 -5.36
C TYR A 10 -4.98 -0.37 -4.77
N SER A 11 -4.91 -0.22 -3.45
CA SER A 11 -3.63 -0.18 -2.76
C SER A 11 -3.67 -1.01 -1.48
N LEU A 12 -2.55 -1.63 -1.15
CA LEU A 12 -2.47 -2.45 0.06
C LEU A 12 -1.38 -1.94 0.99
N PHE A 13 -1.66 -1.94 2.29
CA PHE A 13 -0.71 -1.47 3.28
C PHE A 13 0.17 -2.62 3.78
N VAL A 14 1.48 -2.39 3.79
CA VAL A 14 2.43 -3.41 4.23
C VAL A 14 3.27 -2.89 5.40
N GLY A 15 3.79 -3.82 6.20
CA GLY A 15 4.61 -3.45 7.33
C GLY A 15 5.76 -4.41 7.57
N ASP A 16 6.59 -4.11 8.57
CA ASP A 16 7.73 -4.96 8.88
C ASP A 16 8.59 -5.20 7.65
N LEU A 17 9.01 -4.11 7.01
CA LEU A 17 9.83 -4.21 5.82
C LEU A 17 11.30 -3.94 6.15
N THR A 18 12.07 -5.02 6.28
CA THR A 18 13.50 -4.91 6.59
C THR A 18 14.17 -3.86 5.73
N PRO A 19 15.22 -3.22 6.27
CA PRO A 19 15.97 -2.18 5.57
C PRO A 19 16.79 -2.74 4.41
N ASP A 20 16.66 -4.05 4.19
CA ASP A 20 17.40 -4.71 3.11
C ASP A 20 16.49 -4.96 1.91
N VAL A 21 15.26 -4.43 1.98
CA VAL A 21 14.30 -4.61 0.90
C VAL A 21 13.89 -3.26 0.31
N ASP A 22 13.94 -3.15 -1.01
CA ASP A 22 13.57 -1.92 -1.70
C ASP A 22 12.36 -2.15 -2.60
N ASP A 23 11.89 -1.08 -3.23
CA ASP A 23 10.75 -1.16 -4.13
C ASP A 23 10.94 -2.27 -5.16
N GLY A 24 12.07 -2.23 -5.87
CA GLY A 24 12.35 -3.24 -6.87
C GLY A 24 11.91 -4.62 -6.44
N MET A 25 12.05 -4.91 -5.15
CA MET A 25 11.67 -6.21 -4.62
C MET A 25 10.16 -6.27 -4.35
N LEU A 26 9.68 -5.37 -3.50
CA LEU A 26 8.27 -5.32 -3.17
C LEU A 26 7.40 -5.52 -4.41
N TYR A 27 7.91 -5.06 -5.55
CA TYR A 27 7.19 -5.19 -6.81
C TYR A 27 7.18 -6.63 -7.29
N GLU A 28 8.35 -7.13 -7.65
CA GLU A 28 8.48 -8.51 -8.13
C GLU A 28 7.84 -9.49 -7.16
N PHE A 29 8.15 -9.32 -5.87
CA PHE A 29 7.60 -10.20 -4.84
C PHE A 29 6.09 -10.35 -5.00
N PHE A 30 5.45 -9.29 -5.47
CA PHE A 30 4.00 -9.31 -5.68
C PHE A 30 3.65 -9.67 -7.11
N VAL A 31 4.02 -8.80 -8.04
CA VAL A 31 3.74 -9.02 -9.46
C VAL A 31 3.90 -10.50 -9.82
N LYS A 32 4.80 -11.18 -9.12
CA LYS A 32 5.04 -12.60 -9.36
C LYS A 32 3.81 -13.42 -9.01
N VAL A 33 3.36 -13.32 -7.77
CA VAL A 33 2.18 -14.07 -7.32
C VAL A 33 0.92 -13.57 -8.01
N TYR A 34 0.88 -12.27 -8.30
CA TYR A 34 -0.27 -11.67 -8.97
C TYR A 34 0.16 -10.84 -10.17
N PRO A 35 -0.24 -11.27 -11.37
CA PRO A 35 0.10 -10.59 -12.62
C PRO A 35 -0.62 -9.25 -12.75
N SER A 36 -1.47 -8.94 -11.78
CA SER A 36 -2.23 -7.69 -11.79
C SER A 36 -1.65 -6.70 -10.79
N CYS A 37 -0.32 -6.65 -10.72
CA CYS A 37 0.36 -5.74 -9.79
C CYS A 37 0.82 -4.48 -10.52
N ARG A 38 0.54 -3.33 -9.92
CA ARG A 38 0.92 -2.05 -10.51
C ARG A 38 2.37 -1.70 -10.18
N GLY A 39 2.79 -2.07 -8.98
CA GLY A 39 4.16 -1.80 -8.56
C GLY A 39 4.26 -1.57 -7.06
N GLY A 40 5.32 -2.09 -6.46
CA GLY A 40 5.52 -1.93 -5.02
C GLY A 40 6.17 -0.60 -4.68
N LYS A 41 5.83 -0.08 -3.51
CA LYS A 41 6.38 1.20 -3.06
C LYS A 41 6.71 1.16 -1.57
N VAL A 42 7.99 1.31 -1.24
CA VAL A 42 8.43 1.29 0.14
C VAL A 42 8.79 2.68 0.62
N VAL A 43 8.54 2.94 1.91
CA VAL A 43 8.84 4.24 2.50
C VAL A 43 10.23 4.25 3.14
N LEU A 44 10.84 5.42 3.16
CA LEU A 44 12.18 5.58 3.74
C LEU A 44 12.21 6.74 4.74
N ASP A 45 13.26 6.78 5.54
CA ASP A 45 13.42 7.84 6.53
C ASP A 45 14.29 8.97 6.00
N GLN A 46 14.55 9.96 6.84
CA GLN A 46 15.37 11.11 6.44
C GLN A 46 16.68 10.64 5.81
N THR A 47 17.24 9.56 6.34
CA THR A 47 18.49 9.02 5.84
C THR A 47 18.27 8.28 4.52
N GLY A 48 17.11 7.64 4.40
CA GLY A 48 16.80 6.91 3.18
C GLY A 48 16.68 5.42 3.42
N VAL A 49 16.48 5.03 4.68
CA VAL A 49 16.34 3.63 5.04
C VAL A 49 14.88 3.24 5.18
N SER A 50 14.56 2.01 4.79
CA SER A 50 13.19 1.51 4.87
C SER A 50 12.66 1.60 6.29
N LYS A 51 11.78 2.58 6.52
CA LYS A 51 11.20 2.78 7.84
C LYS A 51 10.68 1.47 8.41
N GLY A 52 10.28 0.56 7.53
CA GLY A 52 9.77 -0.73 7.97
C GLY A 52 8.36 -0.99 7.50
N TYR A 53 7.93 -0.24 6.50
CA TYR A 53 6.58 -0.39 5.95
C TYR A 53 6.49 0.23 4.56
N GLY A 54 5.32 0.08 3.94
CA GLY A 54 5.12 0.63 2.60
C GLY A 54 3.71 0.37 2.08
N PHE A 55 3.55 0.51 0.78
CA PHE A 55 2.24 0.29 0.15
C PHE A 55 2.41 -0.14 -1.31
N VAL A 56 1.50 -0.99 -1.78
CA VAL A 56 1.55 -1.48 -3.16
C VAL A 56 0.26 -1.13 -3.90
N LYS A 57 0.16 -1.58 -5.14
CA LYS A 57 -1.01 -1.32 -5.96
C LYS A 57 -1.32 -2.52 -6.86
N PHE A 58 -2.55 -2.55 -7.39
CA PHE A 58 -2.97 -3.64 -8.27
C PHE A 58 -4.00 -3.15 -9.28
N THR A 59 -4.14 -3.89 -10.37
CA THR A 59 -5.09 -3.53 -11.41
C THR A 59 -6.43 -4.25 -11.21
N ASP A 60 -6.37 -5.46 -10.69
CA ASP A 60 -7.57 -6.24 -10.43
C ASP A 60 -7.86 -6.34 -8.94
N GLU A 61 -8.99 -5.77 -8.53
CA GLU A 61 -9.38 -5.79 -7.12
C GLU A 61 -9.53 -7.22 -6.62
N LEU A 62 -10.02 -8.10 -7.48
CA LEU A 62 -10.21 -9.50 -7.13
C LEU A 62 -8.92 -10.11 -6.57
N GLU A 63 -7.80 -9.74 -7.18
CA GLU A 63 -6.50 -10.25 -6.75
C GLU A 63 -5.93 -9.40 -5.62
N GLN A 64 -6.40 -8.16 -5.54
CA GLN A 64 -5.94 -7.23 -4.51
C GLN A 64 -6.17 -7.81 -3.12
N LYS A 65 -7.42 -8.20 -2.85
CA LYS A 65 -7.77 -8.77 -1.56
C LYS A 65 -7.14 -10.15 -1.38
N ARG A 66 -7.20 -10.96 -2.42
CA ARG A 66 -6.65 -12.31 -2.39
C ARG A 66 -5.25 -12.29 -1.76
N ALA A 67 -4.50 -11.24 -2.03
CA ALA A 67 -3.15 -11.11 -1.49
C ALA A 67 -3.18 -10.80 0.01
N LEU A 68 -4.08 -9.90 0.40
CA LEU A 68 -4.20 -9.53 1.81
C LEU A 68 -4.22 -10.76 2.70
N THR A 69 -4.94 -11.79 2.27
CA THR A 69 -5.04 -13.02 3.03
C THR A 69 -3.96 -14.02 2.61
N GLU A 70 -3.82 -14.22 1.31
CA GLU A 70 -2.81 -15.14 0.79
C GLU A 70 -1.40 -14.68 1.16
N CYS A 71 -0.99 -13.54 0.61
CA CYS A 71 0.33 -13.00 0.87
C CYS A 71 0.48 -12.65 2.35
N GLN A 72 -0.63 -12.63 3.07
CA GLN A 72 -0.63 -12.30 4.49
C GLN A 72 0.60 -12.89 5.17
N GLY A 73 1.29 -12.06 5.95
CA GLY A 73 2.49 -12.52 6.64
C GLY A 73 3.56 -13.01 5.70
N ALA A 74 3.59 -12.45 4.50
CA ALA A 74 4.58 -12.84 3.50
C ALA A 74 6.00 -12.77 4.06
N VAL A 75 6.62 -13.93 4.23
CA VAL A 75 7.98 -13.99 4.77
C VAL A 75 9.01 -13.92 3.65
N GLY A 76 8.71 -14.56 2.53
CA GLY A 76 9.63 -14.56 1.40
C GLY A 76 10.24 -13.20 1.16
N LEU A 77 9.50 -12.15 1.47
CA LEU A 77 9.98 -10.79 1.29
C LEU A 77 10.66 -10.28 2.55
N GLY A 78 11.96 -10.00 2.45
CA GLY A 78 12.71 -9.51 3.59
C GLY A 78 12.74 -10.51 4.74
N SER A 79 13.87 -10.58 5.43
CA SER A 79 14.03 -11.51 6.55
C SER A 79 12.78 -11.52 7.42
N LYS A 80 12.10 -10.37 7.50
CA LYS A 80 10.88 -10.25 8.29
C LYS A 80 9.64 -10.34 7.41
N PRO A 81 8.52 -10.77 7.99
CA PRO A 81 7.25 -10.89 7.28
C PRO A 81 6.65 -9.53 6.91
N VAL A 82 5.49 -9.55 6.27
CA VAL A 82 4.81 -8.33 5.87
C VAL A 82 3.34 -8.34 6.28
N ARG A 83 2.93 -7.32 7.01
CA ARG A 83 1.55 -7.21 7.47
C ARG A 83 0.69 -6.50 6.44
N LEU A 84 -0.14 -7.27 5.73
CA LEU A 84 -1.02 -6.71 4.71
C LEU A 84 -2.30 -6.19 5.33
N SER A 85 -2.84 -5.11 4.76
CA SER A 85 -4.07 -4.52 5.26
C SER A 85 -4.73 -3.65 4.18
N VAL A 86 -5.93 -3.16 4.49
CA VAL A 86 -6.67 -2.33 3.54
C VAL A 86 -6.44 -0.85 3.83
N ALA A 87 -5.43 -0.28 3.18
CA ALA A 87 -5.09 1.12 3.36
C ALA A 87 -6.03 2.02 2.55
N ILE A 88 -6.00 3.31 2.84
CA ILE A 88 -6.86 4.26 2.14
C ILE A 88 -6.03 5.38 1.51
N PRO A 89 -6.18 5.55 0.18
CA PRO A 89 -5.45 6.58 -0.57
C PRO A 89 -5.94 7.99 -0.24
N LYS A 90 -5.33 8.98 -0.88
CA LYS A 90 -5.71 10.37 -0.66
C LYS A 90 -7.21 10.50 -0.46
N ALA A 91 -7.62 10.91 0.73
CA ALA A 91 -9.04 11.08 1.05
C ALA A 91 -9.33 12.50 1.52
N SER A 92 -9.91 13.30 0.63
CA SER A 92 -10.23 14.69 0.95
C SER A 92 -11.29 14.76 2.06
N ARG A 93 -11.11 15.71 2.97
CA ARG A 93 -12.04 15.88 4.08
C ARG A 93 -12.81 17.20 3.95
N VAL A 94 -14.03 17.22 4.48
CA VAL A 94 -14.86 18.41 4.43
C VAL A 94 -14.79 19.19 5.74
N LYS A 95 -14.48 20.49 5.64
CA LYS A 95 -14.38 21.34 6.82
C LYS A 95 -15.74 21.92 7.17
N PRO A 96 -16.11 21.84 8.46
CA PRO A 96 -17.38 22.35 8.96
C PRO A 96 -17.43 23.88 8.95
N VAL A 97 -18.65 24.43 9.03
CA VAL A 97 -18.82 25.87 9.03
C VAL A 97 -19.27 26.37 10.40
N GLU A 98 -18.58 27.39 10.91
CA GLU A 98 -18.91 27.96 12.21
C GLU A 98 -19.27 29.44 12.09
N SER A 99 -20.10 29.91 13.00
CA SER A 99 -20.52 31.31 12.99
C SER A 99 -21.08 31.71 14.36
N GLY A 100 -20.37 32.62 15.02
CA GLY A 100 -20.80 33.07 16.33
C GLY A 100 -22.17 33.72 16.30
N PRO A 101 -22.96 33.53 17.37
CA PRO A 101 -24.31 34.09 17.48
C PRO A 101 -24.30 35.61 17.64
N SER A 102 -25.34 36.26 17.15
CA SER A 102 -25.44 37.71 17.23
C SER A 102 -26.77 38.13 17.87
N SER A 103 -26.68 38.94 18.91
CA SER A 103 -27.87 39.41 19.62
C SER A 103 -28.48 40.61 18.92
N GLY A 104 -27.65 41.58 18.58
CA GLY A 104 -28.13 42.78 17.90
C GLY A 104 -28.72 42.47 16.54
N GLY A 1 -23.47 -2.58 -2.51
CA GLY A 1 -23.24 -3.24 -3.78
C GLY A 1 -21.77 -3.26 -4.17
N SER A 2 -21.49 -3.11 -5.46
CA SER A 2 -20.12 -3.12 -5.95
C SER A 2 -19.91 -2.01 -6.98
N SER A 3 -18.67 -1.57 -7.12
CA SER A 3 -18.33 -0.51 -8.07
C SER A 3 -19.37 0.60 -8.03
N GLY A 4 -19.79 0.97 -6.82
CA GLY A 4 -20.77 2.02 -6.65
C GLY A 4 -20.24 3.38 -7.06
N SER A 5 -19.12 3.78 -6.45
CA SER A 5 -18.51 5.07 -6.76
C SER A 5 -17.30 4.89 -7.67
N SER A 6 -17.02 5.91 -8.47
CA SER A 6 -15.89 5.89 -9.40
C SER A 6 -14.57 5.96 -8.64
N GLY A 7 -13.47 5.81 -9.36
CA GLY A 7 -12.16 5.86 -8.76
C GLY A 7 -11.45 4.52 -8.78
N PRO A 8 -10.99 4.12 -9.98
CA PRO A 8 -10.29 2.85 -10.17
C PRO A 8 -8.90 2.85 -9.53
N GLU A 9 -8.83 2.40 -8.28
CA GLU A 9 -7.57 2.35 -7.56
C GLU A 9 -7.61 1.30 -6.46
N TYR A 10 -6.53 0.51 -6.37
CA TYR A 10 -6.45 -0.54 -5.36
C TYR A 10 -5.02 -0.66 -4.82
N SER A 11 -4.86 -0.34 -3.54
CA SER A 11 -3.55 -0.40 -2.90
C SER A 11 -3.62 -1.20 -1.60
N LEU A 12 -2.48 -1.73 -1.17
CA LEU A 12 -2.41 -2.50 0.06
C LEU A 12 -1.32 -1.97 0.98
N PHE A 13 -1.53 -2.10 2.29
CA PHE A 13 -0.57 -1.63 3.27
C PHE A 13 0.34 -2.77 3.73
N VAL A 14 1.65 -2.52 3.71
CA VAL A 14 2.62 -3.53 4.12
C VAL A 14 3.50 -3.01 5.25
N GLY A 15 3.78 -3.88 6.22
CA GLY A 15 4.61 -3.50 7.34
C GLY A 15 5.77 -4.44 7.56
N ASP A 16 6.59 -4.15 8.56
CA ASP A 16 7.75 -4.98 8.87
C ASP A 16 8.61 -5.18 7.64
N LEU A 17 8.98 -4.08 6.98
CA LEU A 17 9.81 -4.13 5.78
C LEU A 17 11.27 -3.92 6.13
N THR A 18 12.03 -5.00 6.18
CA THR A 18 13.45 -4.94 6.50
C THR A 18 14.15 -3.88 5.66
N PRO A 19 15.21 -3.28 6.23
CA PRO A 19 15.99 -2.24 5.55
C PRO A 19 16.79 -2.79 4.38
N ASP A 20 16.64 -4.08 4.11
CA ASP A 20 17.35 -4.73 3.01
C ASP A 20 16.42 -4.93 1.81
N VAL A 21 15.19 -4.46 1.93
CA VAL A 21 14.21 -4.59 0.86
C VAL A 21 13.94 -3.23 0.20
N ASP A 22 13.88 -3.24 -1.13
CA ASP A 22 13.62 -2.02 -1.88
C ASP A 22 12.42 -2.19 -2.81
N ASP A 23 11.94 -1.08 -3.36
CA ASP A 23 10.80 -1.11 -4.26
C ASP A 23 10.93 -2.23 -5.28
N GLY A 24 12.12 -2.33 -5.88
CA GLY A 24 12.36 -3.37 -6.87
C GLY A 24 11.91 -4.74 -6.41
N MET A 25 12.09 -5.01 -5.12
CA MET A 25 11.71 -6.30 -4.54
C MET A 25 10.20 -6.35 -4.30
N LEU A 26 9.70 -5.42 -3.49
CA LEU A 26 8.27 -5.36 -3.18
C LEU A 26 7.43 -5.53 -4.45
N TYR A 27 7.92 -4.98 -5.55
CA TYR A 27 7.21 -5.08 -6.83
C TYR A 27 7.19 -6.52 -7.33
N GLU A 28 8.37 -7.08 -7.57
CA GLU A 28 8.48 -8.45 -8.06
C GLU A 28 7.78 -9.42 -7.11
N PHE A 29 8.18 -9.37 -5.83
CA PHE A 29 7.60 -10.24 -4.82
C PHE A 29 6.09 -10.35 -4.99
N PHE A 30 5.48 -9.28 -5.47
CA PHE A 30 4.03 -9.25 -5.68
C PHE A 30 3.69 -9.60 -7.12
N VAL A 31 4.06 -8.72 -8.04
CA VAL A 31 3.79 -8.92 -9.46
C VAL A 31 3.93 -10.40 -9.83
N LYS A 32 4.80 -11.10 -9.12
CA LYS A 32 5.02 -12.52 -9.36
C LYS A 32 3.79 -13.35 -9.01
N VAL A 33 3.34 -13.22 -7.76
CA VAL A 33 2.17 -13.96 -7.30
C VAL A 33 0.89 -13.39 -7.92
N TYR A 34 0.94 -12.13 -8.29
CA TYR A 34 -0.21 -11.46 -8.90
C TYR A 34 0.21 -10.65 -10.11
N PRO A 35 -0.19 -11.12 -11.30
CA PRO A 35 0.13 -10.45 -12.57
C PRO A 35 -0.63 -9.14 -12.74
N SER A 36 -1.40 -8.78 -11.72
CA SER A 36 -2.19 -7.54 -11.76
C SER A 36 -1.62 -6.52 -10.78
N CYS A 37 -0.31 -6.56 -10.58
CA CYS A 37 0.36 -5.63 -9.67
C CYS A 37 0.87 -4.41 -10.43
N ARG A 38 0.58 -3.22 -9.89
CA ARG A 38 1.02 -1.98 -10.53
C ARG A 38 2.45 -1.65 -10.14
N GLY A 39 2.86 -2.08 -8.95
CA GLY A 39 4.21 -1.83 -8.49
C GLY A 39 4.28 -1.65 -6.98
N GLY A 40 5.32 -2.21 -6.37
CA GLY A 40 5.48 -2.10 -4.94
C GLY A 40 6.35 -0.93 -4.54
N LYS A 41 5.91 -0.18 -3.52
CA LYS A 41 6.66 0.97 -3.03
C LYS A 41 7.02 0.81 -1.57
N VAL A 42 8.21 1.30 -1.20
CA VAL A 42 8.68 1.21 0.18
C VAL A 42 9.06 2.58 0.72
N VAL A 43 8.49 2.93 1.87
CA VAL A 43 8.77 4.22 2.49
C VAL A 43 10.13 4.22 3.17
N LEU A 44 10.86 5.32 3.01
CA LEU A 44 12.19 5.45 3.60
C LEU A 44 12.21 6.57 4.64
N ASP A 45 13.21 6.54 5.51
CA ASP A 45 13.34 7.56 6.55
C ASP A 45 14.17 8.74 6.03
N GLN A 46 14.42 9.71 6.92
CA GLN A 46 15.18 10.90 6.55
C GLN A 46 16.52 10.51 5.91
N THR A 47 17.12 9.45 6.41
CA THR A 47 18.40 8.97 5.90
C THR A 47 18.21 8.25 4.56
N GLY A 48 17.00 7.77 4.32
CA GLY A 48 16.72 7.06 3.08
C GLY A 48 16.68 5.57 3.27
N VAL A 49 16.44 5.12 4.50
CA VAL A 49 16.37 3.70 4.80
C VAL A 49 14.94 3.25 5.04
N SER A 50 14.60 2.06 4.56
CA SER A 50 13.26 1.52 4.71
C SER A 50 12.78 1.67 6.15
N LYS A 51 11.83 2.57 6.37
CA LYS A 51 11.28 2.81 7.69
C LYS A 51 10.77 1.52 8.32
N GLY A 52 10.27 0.62 7.47
CA GLY A 52 9.76 -0.65 7.96
C GLY A 52 8.35 -0.92 7.48
N TYR A 53 7.92 -0.19 6.46
CA TYR A 53 6.58 -0.37 5.91
C TYR A 53 6.47 0.27 4.52
N GLY A 54 5.35 0.02 3.86
CA GLY A 54 5.13 0.57 2.53
C GLY A 54 3.73 0.32 2.01
N PHE A 55 3.55 0.46 0.71
CA PHE A 55 2.24 0.25 0.09
C PHE A 55 2.40 -0.16 -1.37
N VAL A 56 1.52 -1.06 -1.82
CA VAL A 56 1.56 -1.54 -3.20
C VAL A 56 0.28 -1.19 -3.94
N LYS A 57 0.27 -1.41 -5.24
CA LYS A 57 -0.89 -1.12 -6.07
C LYS A 57 -1.24 -2.30 -6.96
N PHE A 58 -2.48 -2.33 -7.45
CA PHE A 58 -2.94 -3.40 -8.32
C PHE A 58 -3.98 -2.89 -9.31
N THR A 59 -4.21 -3.67 -10.37
CA THR A 59 -5.17 -3.30 -11.39
C THR A 59 -6.50 -4.00 -11.18
N ASP A 60 -6.45 -5.18 -10.53
CA ASP A 60 -7.65 -5.95 -10.26
C ASP A 60 -7.94 -5.98 -8.76
N GLU A 61 -9.11 -5.47 -8.38
CA GLU A 61 -9.52 -5.45 -6.98
C GLU A 61 -9.75 -6.86 -6.45
N LEU A 62 -10.20 -7.74 -7.34
CA LEU A 62 -10.48 -9.13 -6.96
C LEU A 62 -9.23 -9.78 -6.37
N GLU A 63 -8.13 -9.73 -7.11
CA GLU A 63 -6.87 -10.31 -6.66
C GLU A 63 -6.35 -9.60 -5.42
N GLN A 64 -6.37 -8.26 -5.46
CA GLN A 64 -5.90 -7.46 -4.34
C GLN A 64 -6.19 -8.15 -3.01
N LYS A 65 -7.41 -8.65 -2.86
CA LYS A 65 -7.81 -9.34 -1.64
C LYS A 65 -7.05 -10.65 -1.48
N ARG A 66 -7.16 -11.51 -2.49
CA ARG A 66 -6.48 -12.80 -2.47
C ARG A 66 -5.10 -12.68 -1.84
N ALA A 67 -4.44 -11.55 -2.07
CA ALA A 67 -3.12 -11.31 -1.51
C ALA A 67 -3.18 -11.04 -0.01
N LEU A 68 -4.13 -10.21 0.39
CA LEU A 68 -4.30 -9.87 1.80
C LEU A 68 -4.28 -11.13 2.67
N THR A 69 -4.89 -12.20 2.17
CA THR A 69 -4.94 -13.47 2.90
C THR A 69 -3.78 -14.37 2.51
N GLU A 70 -3.59 -14.56 1.20
CA GLU A 70 -2.53 -15.41 0.70
C GLU A 70 -1.16 -14.81 1.04
N CYS A 71 -0.93 -13.59 0.59
CA CYS A 71 0.34 -12.90 0.86
C CYS A 71 0.41 -12.42 2.30
N GLN A 72 -0.60 -12.78 3.09
CA GLN A 72 -0.65 -12.38 4.49
C GLN A 72 0.64 -12.77 5.21
N GLY A 73 1.14 -11.86 6.04
CA GLY A 73 2.36 -12.12 6.78
C GLY A 73 3.44 -12.71 5.91
N ALA A 74 3.52 -12.26 4.66
CA ALA A 74 4.52 -12.76 3.73
C ALA A 74 5.93 -12.62 4.31
N VAL A 75 6.59 -13.76 4.52
CA VAL A 75 7.94 -13.75 5.08
C VAL A 75 8.99 -13.82 3.97
N GLY A 76 8.65 -14.52 2.88
CA GLY A 76 9.56 -14.63 1.76
C GLY A 76 10.21 -13.32 1.39
N LEU A 77 9.47 -12.23 1.56
CA LEU A 77 9.98 -10.90 1.25
C LEU A 77 10.75 -10.31 2.42
N GLY A 78 12.05 -10.10 2.23
CA GLY A 78 12.88 -9.55 3.28
C GLY A 78 13.09 -10.52 4.43
N SER A 79 13.91 -10.13 5.39
CA SER A 79 14.20 -10.98 6.54
C SER A 79 13.13 -10.81 7.62
N LYS A 80 11.93 -10.42 7.19
CA LYS A 80 10.82 -10.23 8.12
C LYS A 80 9.49 -10.34 7.40
N PRO A 81 8.42 -10.65 8.15
CA PRO A 81 7.08 -10.80 7.61
C PRO A 81 6.49 -9.46 7.17
N VAL A 82 5.35 -9.52 6.47
CA VAL A 82 4.69 -8.32 6.00
C VAL A 82 3.20 -8.34 6.32
N ARG A 83 2.71 -7.30 6.98
CA ARG A 83 1.31 -7.21 7.35
C ARG A 83 0.50 -6.54 6.25
N LEU A 84 -0.45 -7.28 5.68
CA LEU A 84 -1.29 -6.77 4.61
C LEU A 84 -2.58 -6.19 5.17
N SER A 85 -3.01 -5.06 4.61
CA SER A 85 -4.23 -4.40 5.06
C SER A 85 -4.80 -3.51 3.97
N VAL A 86 -5.99 -2.98 4.20
CA VAL A 86 -6.65 -2.11 3.24
C VAL A 86 -6.35 -0.64 3.51
N ALA A 87 -5.39 -0.09 2.78
CA ALA A 87 -5.00 1.30 2.95
C ALA A 87 -5.95 2.24 2.19
N ILE A 88 -6.47 3.24 2.90
CA ILE A 88 -7.38 4.19 2.29
C ILE A 88 -6.64 5.24 1.47
N PRO A 89 -7.04 5.40 0.20
CA PRO A 89 -6.41 6.36 -0.71
C PRO A 89 -6.72 7.80 -0.33
N LYS A 90 -7.41 7.98 0.80
CA LYS A 90 -7.76 9.31 1.28
C LYS A 90 -7.71 9.37 2.81
N ALA A 91 -7.37 10.55 3.33
CA ALA A 91 -7.28 10.73 4.78
C ALA A 91 -7.22 12.22 5.13
N SER A 92 -7.72 12.55 6.32
CA SER A 92 -7.73 13.94 6.78
C SER A 92 -7.26 14.04 8.22
N ARG A 93 -6.33 14.94 8.48
CA ARG A 93 -5.80 15.14 9.83
C ARG A 93 -5.35 16.58 10.03
N VAL A 94 -5.90 17.23 11.05
CA VAL A 94 -5.56 18.61 11.35
C VAL A 94 -4.80 18.71 12.66
N LYS A 95 -3.48 18.58 12.59
CA LYS A 95 -2.63 18.66 13.78
C LYS A 95 -2.37 20.12 14.17
N PRO A 96 -2.42 20.40 15.47
CA PRO A 96 -2.18 21.75 16.00
C PRO A 96 -0.73 22.18 15.85
N VAL A 97 -0.43 23.41 16.30
CA VAL A 97 0.92 23.94 16.21
C VAL A 97 1.56 24.04 17.59
N GLU A 98 2.78 23.55 17.72
CA GLU A 98 3.50 23.58 18.99
C GLU A 98 4.11 24.96 19.23
N SER A 99 3.87 25.53 20.40
CA SER A 99 4.40 26.84 20.75
C SER A 99 5.09 26.80 22.10
N GLY A 100 6.41 26.88 22.08
CA GLY A 100 7.18 26.85 23.32
C GLY A 100 8.67 26.83 23.08
N PRO A 101 9.43 27.52 23.95
CA PRO A 101 10.89 27.59 23.84
C PRO A 101 11.57 26.26 24.16
N SER A 102 12.89 26.24 24.11
CA SER A 102 13.65 25.03 24.39
C SER A 102 14.97 25.36 25.08
N SER A 103 15.52 24.39 25.80
CA SER A 103 16.78 24.58 26.50
C SER A 103 17.85 25.16 25.58
N GLY A 104 18.84 25.82 26.16
CA GLY A 104 19.90 26.41 25.37
C GLY A 104 19.49 27.72 24.72
N GLY A 1 -29.41 5.98 -16.30
CA GLY A 1 -28.22 6.63 -16.81
C GLY A 1 -27.05 6.53 -15.85
N SER A 2 -25.99 7.29 -16.12
CA SER A 2 -24.80 7.27 -15.28
C SER A 2 -24.15 8.66 -15.22
N SER A 3 -23.65 9.02 -14.06
CA SER A 3 -23.01 10.32 -13.87
C SER A 3 -21.63 10.34 -14.52
N GLY A 4 -20.85 9.28 -14.26
CA GLY A 4 -19.52 9.19 -14.83
C GLY A 4 -18.44 9.58 -13.83
N SER A 5 -17.95 8.61 -13.07
CA SER A 5 -16.92 8.86 -12.07
C SER A 5 -15.79 7.84 -12.19
N SER A 6 -14.56 8.31 -12.05
CA SER A 6 -13.39 7.45 -12.15
C SER A 6 -13.45 6.34 -11.11
N GLY A 7 -12.78 5.22 -11.41
CA GLY A 7 -12.77 4.10 -10.48
C GLY A 7 -11.72 4.24 -9.41
N PRO A 8 -12.00 3.69 -8.23
CA PRO A 8 -11.07 3.75 -7.08
C PRO A 8 -9.83 2.89 -7.31
N GLU A 9 -8.72 3.30 -6.70
CA GLU A 9 -7.47 2.56 -6.82
C GLU A 9 -7.41 1.40 -5.83
N TYR A 10 -6.54 0.44 -6.11
CA TYR A 10 -6.38 -0.72 -5.25
C TYR A 10 -4.96 -0.82 -4.71
N SER A 11 -4.79 -0.48 -3.44
CA SER A 11 -3.47 -0.52 -2.81
C SER A 11 -3.51 -1.34 -1.52
N LEU A 12 -2.36 -1.89 -1.14
CA LEU A 12 -2.28 -2.69 0.07
C LEU A 12 -1.20 -2.14 1.01
N PHE A 13 -1.49 -2.15 2.30
CA PHE A 13 -0.54 -1.65 3.30
C PHE A 13 0.35 -2.78 3.80
N VAL A 14 1.66 -2.57 3.72
CA VAL A 14 2.63 -3.57 4.17
C VAL A 14 3.53 -3.01 5.27
N GLY A 15 3.84 -3.85 6.25
CA GLY A 15 4.69 -3.42 7.34
C GLY A 15 5.83 -4.38 7.60
N ASP A 16 6.61 -4.11 8.64
CA ASP A 16 7.74 -4.96 8.99
C ASP A 16 8.63 -5.21 7.78
N LEU A 17 9.04 -4.13 7.13
CA LEU A 17 9.90 -4.22 5.96
C LEU A 17 11.36 -4.00 6.32
N THR A 18 12.17 -5.04 6.21
CA THR A 18 13.59 -4.95 6.54
C THR A 18 14.28 -3.88 5.68
N PRO A 19 15.34 -3.28 6.23
CA PRO A 19 16.11 -2.24 5.55
C PRO A 19 16.92 -2.79 4.37
N ASP A 20 16.77 -4.09 4.12
CA ASP A 20 17.48 -4.75 3.03
C ASP A 20 16.57 -4.90 1.81
N VAL A 21 15.31 -4.55 1.98
CA VAL A 21 14.34 -4.65 0.89
C VAL A 21 14.06 -3.29 0.26
N ASP A 22 13.88 -3.28 -1.05
CA ASP A 22 13.62 -2.04 -1.78
C ASP A 22 12.36 -2.18 -2.65
N ASP A 23 11.95 -1.08 -3.25
CA ASP A 23 10.77 -1.06 -4.11
C ASP A 23 10.86 -2.13 -5.18
N GLY A 24 12.03 -2.22 -5.82
CA GLY A 24 12.24 -3.20 -6.86
C GLY A 24 11.88 -4.61 -6.42
N MET A 25 11.98 -4.85 -5.11
CA MET A 25 11.68 -6.16 -4.55
C MET A 25 10.19 -6.31 -4.28
N LEU A 26 9.65 -5.41 -3.45
CA LEU A 26 8.24 -5.44 -3.10
C LEU A 26 7.38 -5.69 -4.34
N TYR A 27 7.80 -5.13 -5.47
CA TYR A 27 7.07 -5.30 -6.71
C TYR A 27 7.11 -6.75 -7.18
N GLU A 28 8.29 -7.20 -7.58
CA GLU A 28 8.47 -8.57 -8.05
C GLU A 28 7.84 -9.56 -7.08
N PHE A 29 8.02 -9.32 -5.79
CA PHE A 29 7.47 -10.19 -4.76
C PHE A 29 5.96 -10.37 -4.94
N PHE A 30 5.31 -9.32 -5.41
CA PHE A 30 3.87 -9.35 -5.64
C PHE A 30 3.55 -9.71 -7.08
N VAL A 31 3.94 -8.83 -8.00
CA VAL A 31 3.70 -9.05 -9.42
C VAL A 31 3.84 -10.52 -9.78
N LYS A 32 4.70 -11.22 -9.06
CA LYS A 32 4.93 -12.64 -9.30
C LYS A 32 3.67 -13.46 -8.99
N VAL A 33 3.23 -13.40 -7.75
CA VAL A 33 2.05 -14.13 -7.33
C VAL A 33 0.79 -13.57 -7.99
N TYR A 34 0.78 -12.26 -8.21
CA TYR A 34 -0.36 -11.59 -8.84
C TYR A 34 0.08 -10.78 -10.04
N PRO A 35 -0.27 -11.25 -11.25
CA PRO A 35 0.09 -10.58 -12.49
C PRO A 35 -0.67 -9.27 -12.69
N SER A 36 -1.49 -8.91 -11.70
CA SER A 36 -2.27 -7.69 -11.76
C SER A 36 -1.72 -6.64 -10.78
N CYS A 37 -0.41 -6.64 -10.62
CA CYS A 37 0.25 -5.69 -9.72
C CYS A 37 0.63 -4.41 -10.46
N ARG A 38 0.36 -3.28 -9.83
CA ARG A 38 0.68 -1.98 -10.42
C ARG A 38 2.12 -1.59 -10.14
N GLY A 39 2.59 -1.93 -8.95
CA GLY A 39 3.95 -1.59 -8.57
C GLY A 39 4.13 -1.48 -7.06
N GLY A 40 5.28 -1.92 -6.56
CA GLY A 40 5.54 -1.86 -5.13
C GLY A 40 6.25 -0.58 -4.74
N LYS A 41 5.82 0.00 -3.61
CA LYS A 41 6.42 1.23 -3.11
C LYS A 41 6.78 1.10 -1.64
N VAL A 42 8.01 1.51 -1.30
CA VAL A 42 8.47 1.44 0.08
C VAL A 42 8.79 2.83 0.62
N VAL A 43 8.38 3.08 1.86
CA VAL A 43 8.62 4.37 2.49
C VAL A 43 10.04 4.46 3.05
N LEU A 44 10.58 5.67 3.05
CA LEU A 44 11.94 5.89 3.55
C LEU A 44 11.98 7.09 4.48
N ASP A 45 13.11 7.27 5.18
CA ASP A 45 13.28 8.38 6.09
C ASP A 45 14.17 9.46 5.48
N GLN A 46 14.35 10.56 6.21
CA GLN A 46 15.18 11.65 5.75
C GLN A 46 16.50 11.15 5.19
N THR A 47 17.04 10.10 5.80
CA THR A 47 18.31 9.51 5.37
C THR A 47 18.10 8.64 4.14
N GLY A 48 16.94 7.99 4.06
CA GLY A 48 16.64 7.13 2.92
C GLY A 48 16.62 5.67 3.30
N VAL A 49 16.50 5.39 4.60
CA VAL A 49 16.45 4.02 5.09
C VAL A 49 15.02 3.55 5.30
N SER A 50 14.69 2.41 4.71
CA SER A 50 13.34 1.86 4.84
C SER A 50 12.84 1.95 6.27
N LYS A 51 11.88 2.85 6.49
CA LYS A 51 11.30 3.04 7.82
C LYS A 51 10.85 1.72 8.41
N GLY A 52 10.41 0.81 7.55
CA GLY A 52 9.95 -0.50 8.01
C GLY A 52 8.54 -0.80 7.55
N TYR A 53 8.10 -0.11 6.50
CA TYR A 53 6.76 -0.32 5.95
C TYR A 53 6.64 0.28 4.56
N GLY A 54 5.54 -0.03 3.88
CA GLY A 54 5.33 0.49 2.54
C GLY A 54 3.91 0.24 2.05
N PHE A 55 3.72 0.37 0.74
CA PHE A 55 2.41 0.16 0.14
C PHE A 55 2.53 -0.26 -1.32
N VAL A 56 1.58 -1.06 -1.79
CA VAL A 56 1.59 -1.54 -3.17
C VAL A 56 0.29 -1.19 -3.88
N LYS A 57 0.20 -1.57 -5.14
CA LYS A 57 -1.00 -1.30 -5.94
C LYS A 57 -1.31 -2.46 -6.88
N PHE A 58 -2.55 -2.51 -7.36
CA PHE A 58 -2.97 -3.58 -8.27
C PHE A 58 -4.05 -3.08 -9.22
N THR A 59 -4.14 -3.70 -10.39
CA THR A 59 -5.12 -3.33 -11.40
C THR A 59 -6.40 -4.14 -11.23
N ASP A 60 -6.30 -5.26 -10.53
CA ASP A 60 -7.46 -6.13 -10.30
C ASP A 60 -7.82 -6.16 -8.83
N GLU A 61 -8.96 -5.56 -8.49
CA GLU A 61 -9.43 -5.52 -7.11
C GLU A 61 -9.64 -6.93 -6.57
N LEU A 62 -10.11 -7.82 -7.43
CA LEU A 62 -10.35 -9.20 -7.04
C LEU A 62 -9.09 -9.85 -6.50
N GLU A 63 -7.98 -9.65 -7.20
CA GLU A 63 -6.70 -10.21 -6.78
C GLU A 63 -6.13 -9.46 -5.58
N GLN A 64 -6.21 -8.14 -5.62
CA GLN A 64 -5.71 -7.31 -4.54
C GLN A 64 -6.12 -7.87 -3.18
N LYS A 65 -7.34 -8.38 -3.10
CA LYS A 65 -7.87 -8.95 -1.87
C LYS A 65 -7.28 -10.34 -1.63
N ARG A 66 -7.15 -11.12 -2.69
CA ARG A 66 -6.61 -12.46 -2.59
C ARG A 66 -5.25 -12.45 -1.91
N ALA A 67 -4.51 -11.37 -2.11
CA ALA A 67 -3.19 -11.22 -1.52
C ALA A 67 -3.27 -11.06 -0.01
N LEU A 68 -4.05 -10.09 0.44
CA LEU A 68 -4.23 -9.83 1.86
C LEU A 68 -4.33 -11.14 2.64
N THR A 69 -4.97 -12.14 2.04
CA THR A 69 -5.13 -13.43 2.68
C THR A 69 -4.01 -14.38 2.29
N GLU A 70 -3.64 -14.37 1.01
CA GLU A 70 -2.57 -15.23 0.52
C GLU A 70 -1.21 -14.69 0.94
N CYS A 71 -0.87 -13.49 0.46
CA CYS A 71 0.41 -12.88 0.77
C CYS A 71 0.47 -12.50 2.24
N GLN A 72 -0.62 -12.72 2.96
CA GLN A 72 -0.68 -12.42 4.39
C GLN A 72 0.61 -12.82 5.09
N GLY A 73 1.16 -11.90 5.87
CA GLY A 73 2.39 -12.19 6.59
C GLY A 73 3.45 -12.82 5.71
N ALA A 74 3.57 -12.31 4.48
CA ALA A 74 4.55 -12.83 3.54
C ALA A 74 5.96 -12.68 4.08
N VAL A 75 6.59 -13.80 4.40
CA VAL A 75 7.95 -13.80 4.93
C VAL A 75 8.97 -13.77 3.80
N GLY A 76 8.66 -14.44 2.69
CA GLY A 76 9.57 -14.48 1.56
C GLY A 76 10.25 -13.15 1.32
N LEU A 77 9.53 -12.06 1.57
CA LEU A 77 10.07 -10.72 1.38
C LEU A 77 10.77 -10.23 2.65
N GLY A 78 12.05 -9.90 2.51
CA GLY A 78 12.81 -9.42 3.66
C GLY A 78 12.90 -10.45 4.76
N SER A 79 13.92 -10.31 5.62
CA SER A 79 14.13 -11.24 6.72
C SER A 79 12.93 -11.24 7.66
N LYS A 80 12.05 -10.26 7.49
CA LYS A 80 10.85 -10.14 8.33
C LYS A 80 9.59 -10.25 7.49
N PRO A 81 8.48 -10.63 8.13
CA PRO A 81 7.19 -10.79 7.45
C PRO A 81 6.60 -9.44 7.04
N VAL A 82 5.39 -9.49 6.48
CA VAL A 82 4.71 -8.27 6.03
C VAL A 82 3.23 -8.32 6.38
N ARG A 83 2.77 -7.30 7.09
CA ARG A 83 1.36 -7.22 7.48
C ARG A 83 0.53 -6.54 6.40
N LEU A 84 -0.27 -7.31 5.68
CA LEU A 84 -1.11 -6.78 4.62
C LEU A 84 -2.40 -6.19 5.20
N SER A 85 -2.90 -5.14 4.55
CA SER A 85 -4.11 -4.48 5.00
C SER A 85 -4.69 -3.59 3.89
N VAL A 86 -5.82 -2.95 4.19
CA VAL A 86 -6.47 -2.07 3.23
C VAL A 86 -6.19 -0.60 3.55
N ALA A 87 -5.27 0.00 2.80
CA ALA A 87 -4.91 1.40 3.00
C ALA A 87 -5.97 2.31 2.41
N ILE A 88 -5.90 3.60 2.75
CA ILE A 88 -6.84 4.59 2.26
C ILE A 88 -6.16 5.58 1.33
N PRO A 89 -6.68 5.71 0.10
CA PRO A 89 -6.13 6.63 -0.91
C PRO A 89 -6.39 8.09 -0.55
N LYS A 90 -7.64 8.40 -0.22
CA LYS A 90 -8.02 9.76 0.15
C LYS A 90 -9.13 9.76 1.19
N ALA A 91 -8.87 10.41 2.33
CA ALA A 91 -9.86 10.49 3.39
C ALA A 91 -10.70 11.74 3.29
N SER A 92 -10.03 12.89 3.21
CA SER A 92 -10.73 14.16 3.10
C SER A 92 -9.75 15.31 2.82
N ARG A 93 -10.08 16.15 1.86
CA ARG A 93 -9.22 17.27 1.49
C ARG A 93 -8.73 18.00 2.74
N VAL A 94 -7.41 18.23 2.80
CA VAL A 94 -6.81 18.91 3.93
C VAL A 94 -6.68 20.41 3.66
N LYS A 95 -7.46 21.21 4.40
CA LYS A 95 -7.43 22.65 4.24
C LYS A 95 -6.93 23.33 5.52
N PRO A 96 -5.62 23.59 5.58
CA PRO A 96 -4.99 24.23 6.73
C PRO A 96 -5.38 25.70 6.86
N VAL A 97 -6.31 25.97 7.78
CA VAL A 97 -6.77 27.34 8.00
C VAL A 97 -5.65 28.23 8.51
N GLU A 98 -5.63 29.48 8.05
CA GLU A 98 -4.60 30.42 8.45
C GLU A 98 -4.79 30.84 9.92
N SER A 99 -3.69 31.18 10.58
CA SER A 99 -3.74 31.61 11.98
C SER A 99 -4.23 33.04 12.10
N GLY A 100 -3.66 33.93 11.30
CA GLY A 100 -4.06 35.33 11.33
C GLY A 100 -3.36 36.10 12.43
N PRO A 101 -3.01 37.37 12.14
CA PRO A 101 -2.32 38.24 13.09
C PRO A 101 -3.22 38.64 14.26
N SER A 102 -2.69 39.46 15.16
CA SER A 102 -3.44 39.93 16.32
C SER A 102 -2.87 41.24 16.84
N SER A 103 -3.72 41.99 17.55
CA SER A 103 -3.31 43.28 18.11
C SER A 103 -3.52 43.31 19.62
N GLY A 104 -4.72 42.92 20.05
CA GLY A 104 -5.03 42.92 21.47
C GLY A 104 -5.16 41.51 22.02
#